data_9NIG
#
_entry.id   9NIG
#
_cell.length_a   76.928
_cell.length_b   88.668
_cell.length_c   126.070
_cell.angle_alpha   81.468
_cell.angle_beta   76.755
_cell.angle_gamma   65.448
#
_symmetry.space_group_name_H-M   'P 1'
#
loop_
_entity.id
_entity.type
_entity.pdbx_description
1 polymer 'HLA class II histocompatibility antigen, DR alpha chain'
2 polymer 'HLA class II histocompatibility antigen DR beta chain'
3 polymer 'PB TCR alpha chain'
4 polymer 'PB TCR beta chain'
5 polymer Tenascin
6 branched beta-D-mannopyranose-(1-4)-2-acetamido-2-deoxy-beta-D-glucopyranose-(1-4)-2-acetamido-2-deoxy-beta-D-glucopyranose
7 branched 2-acetamido-2-deoxy-beta-D-glucopyranose-(1-4)-2-acetamido-2-deoxy-beta-D-glucopyranose
8 non-polymer 2-acetamido-2-deoxy-beta-D-glucopyranose
9 non-polymer 1,2-ETHANEDIOL
#
loop_
_entity_poly.entity_id
_entity_poly.type
_entity_poly.pdbx_seq_one_letter_code
_entity_poly.pdbx_strand_id
1 'polypeptide(L)'
;IKEEHVIIQAEFYLNPDQSGEFMFDFDGDEIFHVDMAKKETVWRLEEFGRFASFEAQGALANIAVDKANLEIMTKRSNYT
PITNVPPEVTVLTNSPVELREPNVLICFIDKFTPPVVNVTWLRNGKPVTTGVSETVFLPREDHLFRKFHYLPFLPSTEDV
YDCRVEHWGLDEPLLKHWEFDTSGDDDDK
;
A,C,H
2 'polypeptide(L)'
;DTRPRFLEQVKHECHFFNGTERVRFLDRYFYHQEEYVRFDSDVGEYRAVTELGRPDAEYWNSQKDLLEQKRAAVDTYCRH
NYGVGESFTVQRRVYPEVTVYPAKTQPLQHHNLLVCSVNGFYPGSIEVRWFRNGQEEKTGVVSTGLIQNGDWTFQTLVML
ETVPRSGEVYTCQVEHPSLTSPLTVEWRAT
;
B,D,I
3 'polypeptide(L)'
;MQQLNQSPQSMFIQEGEDVSMNCTSSSIFNTWLWYKQEPGEGPVLLIALYKAGELTSNGRLTAQFGITRKDSFLNISASI
PSDVGIYFCAGQDVGNTNAGKSTFGDGTTLTVKPNIQNPDPAVYQLRDSKSSDKSVCLFTDFDSQTNVSQSKDSDVYITD
KCVLDMRSMDFKSNSAVAWSNKSDFACANAFNNSIIPEDTFFPSPESS
;
M,E,J
4 'polypeptide(L)'
;GITQSPRYKITETGRQVTLMCHQTWSHSYMFWYRQDLGHGLRLIYYSAAADITDKGEVPDGYVVSRSKTENFPLTLESAT
RSQTSVYFCASSGVPPVQFFGPGTRLTVLEDLNKVFPPEVAVFEPSEAEISHTQKATLVCLATGFFPDHVELSWWVNGKE
VHSGVCTDPQPLKEQPALNDSRYALSSRLRVSATFWQNPRNHFRCQVQFYGLSENDEWTQDRAKPVTQIVSAEAWGRAD
;
N,F,K
5 'polypeptide(L)' D(CIR)Y(CIR)LNYSLPTGKK P,G,L
#
loop_
_chem_comp.id
_chem_comp.type
_chem_comp.name
_chem_comp.formula
BMA D-saccharide, beta linking beta-D-mannopyranose 'C6 H12 O6'
EDO non-polymer 1,2-ETHANEDIOL 'C2 H6 O2'
NAG D-saccharide, beta linking 2-acetamido-2-deoxy-beta-D-glucopyranose 'C8 H15 N O6'
#
# COMPACT_ATOMS: atom_id res chain seq x y z
N GLU A 3 -18.30 -14.19 -11.79
CA GLU A 3 -18.86 -15.51 -12.07
C GLU A 3 -17.90 -16.61 -11.61
N GLU A 4 -17.86 -17.70 -12.36
CA GLU A 4 -16.93 -18.79 -12.10
C GLU A 4 -15.63 -18.54 -12.87
N HIS A 5 -14.50 -18.64 -12.17
CA HIS A 5 -13.19 -18.43 -12.77
C HIS A 5 -12.24 -19.47 -12.22
N VAL A 6 -11.24 -19.84 -13.02
CA VAL A 6 -10.23 -20.81 -12.63
C VAL A 6 -8.86 -20.27 -13.01
N ILE A 7 -7.92 -20.32 -12.08
CA ILE A 7 -6.54 -19.89 -12.33
C ILE A 7 -5.64 -21.07 -11.97
N ILE A 8 -5.24 -21.83 -12.99
CA ILE A 8 -4.45 -23.04 -12.79
C ILE A 8 -2.98 -22.74 -13.03
N GLN A 9 -2.13 -23.26 -12.16
CA GLN A 9 -0.67 -23.22 -12.32
C GLN A 9 -0.25 -24.62 -12.78
N ALA A 10 -0.03 -24.77 -14.08
CA ALA A 10 0.27 -26.06 -14.66
C ALA A 10 1.77 -26.26 -14.83
N GLU A 11 2.20 -27.51 -14.66
CA GLU A 11 3.59 -27.91 -14.79
C GLU A 11 3.65 -29.30 -15.41
N PHE A 12 4.77 -29.59 -16.07
CA PHE A 12 5.07 -30.97 -16.41
C PHE A 12 6.57 -31.14 -16.55
N TYR A 13 7.00 -32.41 -16.55
CA TYR A 13 8.36 -32.79 -16.90
C TYR A 13 8.27 -34.07 -17.71
N LEU A 14 9.02 -34.14 -18.81
CA LEU A 14 8.95 -35.26 -19.73
C LEU A 14 10.32 -35.93 -19.83
N ASN A 15 10.35 -37.24 -19.64
CA ASN A 15 11.54 -38.04 -19.88
C ASN A 15 11.29 -38.98 -21.06
N PRO A 16 12.35 -39.36 -21.81
CA PRO A 16 13.76 -39.00 -21.60
C PRO A 16 14.15 -37.64 -22.18
N ASP A 17 13.16 -36.88 -22.65
CA ASP A 17 13.43 -35.59 -23.26
C ASP A 17 14.02 -34.58 -22.28
N GLN A 18 13.83 -34.79 -20.98
CA GLN A 18 14.30 -33.89 -19.93
C GLN A 18 13.81 -32.46 -20.17
N SER A 19 12.59 -32.34 -20.66
CA SER A 19 11.98 -31.04 -20.91
C SER A 19 10.79 -30.83 -19.97
N GLY A 20 10.58 -29.57 -19.60
CA GLY A 20 9.44 -29.21 -18.77
C GLY A 20 9.13 -27.75 -18.90
N GLU A 21 7.91 -27.38 -18.51
CA GLU A 21 7.47 -26.00 -18.61
C GLU A 21 6.63 -25.64 -17.39
N PHE A 22 6.42 -24.34 -17.21
CA PHE A 22 5.72 -23.78 -16.07
C PHE A 22 4.91 -22.59 -16.56
N MET A 23 3.61 -22.61 -16.33
CA MET A 23 2.75 -21.56 -16.88
C MET A 23 1.51 -21.40 -16.02
N PHE A 24 0.92 -20.22 -16.10
CA PHE A 24 -0.34 -19.88 -15.45
C PHE A 24 -1.45 -19.79 -16.51
N ASP A 25 -2.68 -20.05 -16.06
CA ASP A 25 -3.82 -20.15 -16.97
C ASP A 25 -5.05 -19.52 -16.33
N PHE A 26 -5.72 -18.63 -17.06
CA PHE A 26 -6.96 -18.01 -16.61
C PHE A 26 -8.07 -18.31 -17.60
N ASP A 27 -9.01 -19.16 -17.20
CA ASP A 27 -10.18 -19.49 -18.02
C ASP A 27 -9.77 -20.03 -19.40
N GLY A 28 -8.69 -20.82 -19.43
CA GLY A 28 -8.23 -21.46 -20.63
C GLY A 28 -7.12 -20.73 -21.36
N ASP A 29 -6.93 -19.43 -21.09
CA ASP A 29 -5.92 -18.64 -21.77
C ASP A 29 -4.66 -18.55 -20.90
N GLU A 30 -3.50 -18.57 -21.55
CA GLU A 30 -2.22 -18.48 -20.86
C GLU A 30 -1.97 -17.04 -20.41
N ILE A 31 -1.79 -16.85 -19.11
CA ILE A 31 -1.39 -15.53 -18.61
C ILE A 31 0.08 -15.29 -18.88
N PHE A 32 0.92 -16.27 -18.55
CA PHE A 32 2.35 -16.20 -18.83
C PHE A 32 2.93 -17.60 -18.73
N HIS A 33 4.21 -17.71 -19.07
CA HIS A 33 4.95 -18.95 -18.87
C HIS A 33 6.40 -18.61 -18.57
N VAL A 34 7.14 -19.60 -18.10
CA VAL A 34 8.54 -19.44 -17.77
C VAL A 34 9.36 -20.11 -18.86
N ASP A 35 10.25 -19.33 -19.47
CA ASP A 35 11.17 -19.87 -20.48
C ASP A 35 12.29 -20.59 -19.74
N MET A 36 12.35 -21.91 -19.90
CA MET A 36 13.34 -22.70 -19.19
C MET A 36 14.75 -22.46 -19.70
N ALA A 37 14.90 -21.90 -20.90
CA ALA A 37 16.23 -21.67 -21.44
C ALA A 37 16.78 -20.32 -20.97
N LYS A 38 16.02 -19.25 -21.15
CA LYS A 38 16.46 -17.93 -20.71
C LYS A 38 16.15 -17.67 -19.24
N LYS A 39 15.42 -18.56 -18.57
CA LYS A 39 15.09 -18.42 -17.15
C LYS A 39 14.42 -17.06 -16.88
N GLU A 40 13.37 -16.78 -17.62
CA GLU A 40 12.67 -15.50 -17.49
C GLU A 40 11.19 -15.71 -17.74
N THR A 41 10.40 -14.74 -17.30
CA THR A 41 8.96 -14.77 -17.50
C THR A 41 8.60 -14.22 -18.87
N VAL A 42 7.76 -14.95 -19.60
CA VAL A 42 7.32 -14.55 -20.94
C VAL A 42 5.82 -14.33 -20.87
N TRP A 43 5.39 -13.07 -20.77
CA TRP A 43 3.98 -12.77 -20.72
C TRP A 43 3.34 -13.03 -22.08
N ARG A 44 2.20 -13.75 -22.08
CA ARG A 44 1.53 -14.08 -23.33
C ARG A 44 1.10 -12.81 -24.07
N LEU A 45 0.56 -11.83 -23.36
CA LEU A 45 0.26 -10.52 -23.93
C LEU A 45 1.19 -9.49 -23.32
N GLU A 46 1.82 -8.69 -24.17
CA GLU A 46 2.90 -7.80 -23.70
C GLU A 46 2.40 -6.82 -22.64
N GLU A 47 1.12 -6.46 -22.68
CA GLU A 47 0.58 -5.52 -21.70
C GLU A 47 0.56 -6.10 -20.29
N PHE A 48 0.57 -7.43 -20.15
CA PHE A 48 0.57 -8.02 -18.81
C PHE A 48 1.84 -7.70 -18.05
N GLY A 49 2.97 -7.59 -18.76
CA GLY A 49 4.25 -7.29 -18.14
C GLY A 49 4.36 -5.90 -17.56
N ARG A 50 3.39 -5.03 -17.81
CA ARG A 50 3.34 -3.71 -17.22
C ARG A 50 2.32 -3.60 -16.10
N PHE A 51 1.29 -4.44 -16.10
CA PHE A 51 0.26 -4.46 -15.07
C PHE A 51 0.43 -5.62 -14.10
N ALA A 52 1.51 -6.38 -14.21
CA ALA A 52 1.78 -7.49 -13.30
C ALA A 52 3.28 -7.77 -13.30
N SER A 53 3.69 -8.72 -12.47
CA SER A 53 5.10 -9.04 -12.34
C SER A 53 5.24 -10.45 -11.77
N PHE A 54 6.30 -11.13 -12.20
CA PHE A 54 6.57 -12.48 -11.71
C PHE A 54 8.04 -12.79 -11.99
N GLU A 55 8.85 -12.84 -10.93
CA GLU A 55 10.25 -13.22 -11.02
C GLU A 55 10.44 -14.34 -10.01
N ALA A 56 10.31 -15.58 -10.46
CA ALA A 56 10.35 -16.74 -9.57
C ALA A 56 11.50 -17.66 -10.00
N GLN A 57 12.55 -17.68 -9.18
CA GLN A 57 13.56 -18.72 -9.31
C GLN A 57 13.06 -20.06 -8.79
N GLY A 58 12.08 -20.04 -7.88
CA GLY A 58 11.51 -21.26 -7.35
C GLY A 58 10.62 -21.99 -8.33
N ALA A 59 10.13 -21.29 -9.36
CA ALA A 59 9.39 -21.98 -10.42
C ALA A 59 10.28 -23.00 -11.11
N LEU A 60 11.55 -22.65 -11.34
CA LEU A 60 12.50 -23.63 -11.84
C LEU A 60 12.69 -24.75 -10.82
N ALA A 61 12.70 -24.41 -9.53
CA ALA A 61 12.82 -25.42 -8.49
C ALA A 61 11.61 -26.33 -8.46
N ASN A 62 10.43 -25.80 -8.83
CA ASN A 62 9.24 -26.66 -8.93
C ASN A 62 9.44 -27.75 -9.96
N ILE A 63 9.91 -27.37 -11.15
CA ILE A 63 10.13 -28.35 -12.21
C ILE A 63 11.22 -29.34 -11.80
N ALA A 64 12.24 -28.86 -11.07
CA ALA A 64 13.24 -29.77 -10.53
C ALA A 64 12.59 -30.81 -9.62
N VAL A 65 11.65 -30.39 -8.79
CA VAL A 65 10.92 -31.33 -7.95
C VAL A 65 10.09 -32.27 -8.79
N ASP A 66 9.44 -31.75 -9.84
CA ASP A 66 8.65 -32.60 -10.72
C ASP A 66 9.51 -33.67 -11.37
N LYS A 67 10.75 -33.33 -11.72
CA LYS A 67 11.64 -34.33 -12.29
C LYS A 67 11.96 -35.42 -11.28
N ALA A 68 12.24 -35.02 -10.04
CA ALA A 68 12.52 -36.00 -8.99
C ALA A 68 11.31 -36.86 -8.71
N ASN A 69 10.12 -36.25 -8.60
CA ASN A 69 8.91 -37.01 -8.38
C ASN A 69 8.60 -37.92 -9.56
N LEU A 70 8.94 -37.48 -10.77
CA LEU A 70 8.69 -38.32 -11.95
C LEU A 70 9.50 -39.60 -11.91
N GLU A 71 10.75 -39.52 -11.47
CA GLU A 71 11.59 -40.71 -11.41
C GLU A 71 11.05 -41.71 -10.39
N ILE A 72 10.49 -41.22 -9.28
CA ILE A 72 9.93 -42.11 -8.27
C ILE A 72 8.64 -42.74 -8.78
N MET A 73 7.80 -41.95 -9.44
CA MET A 73 6.53 -42.47 -9.95
C MET A 73 6.75 -43.47 -11.07
N THR A 74 7.76 -43.23 -11.91
CA THR A 74 8.08 -44.18 -12.98
C THR A 74 8.42 -45.55 -12.41
N LYS A 75 9.20 -45.58 -11.32
CA LYS A 75 9.48 -46.85 -10.66
C LYS A 75 8.22 -47.44 -10.04
N ARG A 76 7.38 -46.60 -9.42
CA ARG A 76 6.19 -47.11 -8.74
C ARG A 76 5.25 -47.81 -9.70
N SER A 77 5.25 -47.41 -10.97
CA SER A 77 4.33 -47.94 -11.96
C SER A 77 4.93 -49.09 -12.77
N ASN A 78 5.98 -49.74 -12.26
CA ASN A 78 6.67 -50.81 -12.99
C ASN A 78 7.13 -50.37 -14.37
N TYR A 79 7.48 -49.08 -14.48
CA TYR A 79 7.95 -48.47 -15.73
C TYR A 79 6.87 -48.50 -16.81
N THR A 80 5.64 -48.20 -16.42
CA THR A 80 4.55 -48.11 -17.38
C THR A 80 4.70 -46.84 -18.20
N PRO A 81 4.89 -46.92 -19.51
CA PRO A 81 5.05 -45.71 -20.32
C PRO A 81 3.69 -45.07 -20.62
N ILE A 82 3.75 -43.86 -21.15
CA ILE A 82 2.55 -43.12 -21.51
C ILE A 82 2.08 -43.57 -22.88
N THR A 83 0.76 -43.63 -23.06
CA THR A 83 0.17 -43.98 -24.35
C THR A 83 0.03 -42.73 -25.21
N ASN A 84 0.45 -42.84 -26.47
CA ASN A 84 0.40 -41.70 -27.38
C ASN A 84 -1.04 -41.46 -27.82
N VAL A 85 -1.51 -40.23 -27.61
CA VAL A 85 -2.85 -39.81 -28.01
C VAL A 85 -2.69 -38.90 -29.24
N PRO A 86 -3.13 -39.32 -30.42
CA PRO A 86 -2.91 -38.51 -31.61
C PRO A 86 -3.69 -37.21 -31.55
N PRO A 87 -3.17 -36.14 -32.13
CA PRO A 87 -3.86 -34.84 -32.07
C PRO A 87 -5.01 -34.78 -33.06
N GLU A 88 -5.73 -33.66 -33.01
CA GLU A 88 -6.82 -33.36 -33.94
C GLU A 88 -6.58 -31.95 -34.48
N VAL A 89 -6.02 -31.89 -35.69
CA VAL A 89 -5.53 -30.65 -36.27
C VAL A 89 -6.67 -29.92 -36.97
N THR A 90 -6.67 -28.59 -36.86
CA THR A 90 -7.68 -27.73 -37.46
C THR A 90 -7.01 -26.45 -37.94
N VAL A 91 -7.41 -25.96 -39.11
CA VAL A 91 -6.87 -24.74 -39.71
C VAL A 91 -8.02 -23.78 -39.92
N LEU A 92 -7.90 -22.57 -39.35
CA LEU A 92 -8.90 -21.54 -39.51
C LEU A 92 -8.21 -20.19 -39.55
N THR A 93 -8.97 -19.17 -39.91
CA THR A 93 -8.46 -17.82 -40.06
C THR A 93 -8.84 -16.97 -38.86
N ASN A 94 -8.06 -15.91 -38.64
CA ASN A 94 -8.35 -14.98 -37.56
C ASN A 94 -9.68 -14.27 -37.80
N SER A 95 -9.85 -13.69 -38.99
CA SER A 95 -11.06 -13.01 -39.42
C SER A 95 -11.45 -13.56 -40.79
N PRO A 96 -12.64 -13.20 -41.30
CA PRO A 96 -13.02 -13.63 -42.64
C PRO A 96 -12.00 -13.21 -43.70
N VAL A 97 -11.92 -14.02 -44.75
CA VAL A 97 -10.89 -13.84 -45.77
C VAL A 97 -11.30 -12.71 -46.71
N GLU A 98 -10.37 -11.79 -46.96
CA GLU A 98 -10.56 -10.73 -47.93
C GLU A 98 -9.27 -10.58 -48.74
N LEU A 99 -9.37 -10.73 -50.06
CA LEU A 99 -8.19 -10.59 -50.90
C LEU A 99 -7.56 -9.21 -50.73
N ARG A 100 -6.23 -9.19 -50.68
CA ARG A 100 -5.45 -7.97 -50.44
C ARG A 100 -5.74 -7.35 -49.08
N GLU A 101 -6.26 -8.13 -48.13
CA GLU A 101 -6.50 -7.68 -46.76
C GLU A 101 -5.83 -8.68 -45.82
N PRO A 102 -4.80 -8.27 -45.08
CA PRO A 102 -4.03 -9.23 -44.29
C PRO A 102 -4.89 -9.99 -43.29
N ASN A 103 -4.40 -11.15 -42.89
CA ASN A 103 -5.13 -12.04 -41.99
C ASN A 103 -4.12 -12.96 -41.31
N VAL A 104 -4.62 -13.91 -40.52
CA VAL A 104 -3.79 -14.88 -39.82
C VAL A 104 -4.40 -16.27 -40.02
N LEU A 105 -3.55 -17.26 -40.26
CA LEU A 105 -3.96 -18.66 -40.34
C LEU A 105 -3.51 -19.38 -39.07
N ILE A 106 -4.47 -19.95 -38.34
CA ILE A 106 -4.22 -20.60 -37.06
C ILE A 106 -4.30 -22.11 -37.26
N CYS A 107 -3.30 -22.81 -36.73
CA CYS A 107 -3.27 -24.28 -36.75
C CYS A 107 -3.41 -24.75 -35.30
N PHE A 108 -4.61 -25.22 -34.96
CA PHE A 108 -4.94 -25.60 -33.59
C PHE A 108 -4.73 -27.10 -33.42
N ILE A 109 -3.67 -27.47 -32.71
CA ILE A 109 -3.41 -28.86 -32.35
C ILE A 109 -4.06 -29.13 -31.00
N ASP A 110 -4.93 -30.14 -30.93
CA ASP A 110 -5.76 -30.36 -29.76
C ASP A 110 -5.83 -31.84 -29.42
N LYS A 111 -5.90 -32.13 -28.12
CA LYS A 111 -6.11 -33.47 -27.58
C LYS A 111 -4.98 -34.43 -28.00
N PHE A 112 -3.80 -34.16 -27.46
CA PHE A 112 -2.63 -34.97 -27.77
C PHE A 112 -1.72 -35.08 -26.55
N THR A 113 -1.01 -36.20 -26.45
CA THR A 113 -0.02 -36.43 -25.40
C THR A 113 0.92 -37.53 -25.89
N PRO A 114 2.20 -37.47 -25.51
CA PRO A 114 2.91 -36.46 -24.69
C PRO A 114 3.07 -35.13 -25.43
N PRO A 115 3.47 -34.02 -24.68
CA PRO A 115 3.60 -32.69 -25.33
C PRO A 115 4.87 -32.54 -26.15
N VAL A 116 4.93 -33.26 -27.27
CA VAL A 116 6.01 -33.13 -28.24
C VAL A 116 5.42 -33.26 -29.64
N VAL A 117 5.53 -32.20 -30.45
CA VAL A 117 4.99 -32.20 -31.80
C VAL A 117 5.96 -31.50 -32.75
N ASN A 118 5.82 -31.82 -34.04
CA ASN A 118 6.55 -31.15 -35.11
C ASN A 118 5.52 -30.50 -36.03
N VAL A 119 5.45 -29.17 -36.01
CA VAL A 119 4.46 -28.43 -36.78
C VAL A 119 5.17 -27.54 -37.79
N THR A 120 4.68 -27.54 -39.03
CA THR A 120 5.24 -26.73 -40.10
C THR A 120 4.13 -26.20 -41.00
N TRP A 121 4.31 -24.97 -41.50
CA TRP A 121 3.41 -24.39 -42.48
C TRP A 121 3.93 -24.64 -43.88
N LEU A 122 3.03 -24.99 -44.80
CA LEU A 122 3.39 -25.33 -46.16
C LEU A 122 2.52 -24.54 -47.13
N ARG A 123 3.11 -23.54 -47.77
CA ARG A 123 2.46 -22.78 -48.82
C ARG A 123 2.87 -23.38 -50.16
N ASN A 124 1.89 -23.95 -50.89
CA ASN A 124 2.15 -24.64 -52.14
C ASN A 124 3.13 -25.80 -51.97
N GLY A 125 3.08 -26.49 -50.83
CA GLY A 125 4.02 -27.53 -50.51
C GLY A 125 5.39 -27.05 -50.08
N LYS A 126 5.69 -25.75 -50.20
CA LYS A 126 6.99 -25.19 -49.81
C LYS A 126 6.92 -24.64 -48.41
N PRO A 127 7.87 -25.00 -47.54
CA PRO A 127 7.84 -24.51 -46.15
C PRO A 127 7.91 -23.00 -46.07
N VAL A 128 7.23 -22.45 -45.08
CA VAL A 128 7.16 -21.01 -44.85
C VAL A 128 7.52 -20.73 -43.40
N THR A 129 8.26 -19.64 -43.18
CA THR A 129 8.68 -19.29 -41.83
C THR A 129 8.91 -17.77 -41.76
N THR A 130 7.96 -16.99 -42.26
CA THR A 130 8.04 -15.53 -42.25
C THR A 130 7.01 -15.02 -41.26
N GLY A 131 7.48 -14.65 -40.06
CA GLY A 131 6.62 -14.20 -39.00
C GLY A 131 5.78 -15.28 -38.34
N VAL A 132 6.12 -16.55 -38.53
CA VAL A 132 5.38 -17.64 -37.90
C VAL A 132 5.53 -17.56 -36.40
N SER A 133 4.47 -17.90 -35.67
CA SER A 133 4.48 -17.84 -34.22
C SER A 133 3.80 -19.08 -33.67
N GLU A 134 3.87 -19.23 -32.35
CA GLU A 134 3.29 -20.39 -31.67
C GLU A 134 3.18 -20.08 -30.19
N THR A 135 2.24 -20.76 -29.53
CA THR A 135 2.13 -20.75 -28.09
C THR A 135 2.80 -21.99 -27.52
N VAL A 136 2.89 -22.05 -26.19
CA VAL A 136 3.45 -23.22 -25.53
C VAL A 136 2.39 -24.32 -25.51
N PHE A 137 2.72 -25.47 -24.93
CA PHE A 137 1.76 -26.56 -24.80
C PHE A 137 0.73 -26.20 -23.74
N LEU A 138 -0.52 -25.92 -24.17
CA LEU A 138 -1.47 -25.52 -23.14
C LEU A 138 -2.16 -26.74 -22.54
N PRO A 139 -2.42 -26.74 -21.24
CA PRO A 139 -3.08 -27.88 -20.60
C PRO A 139 -4.59 -27.85 -20.84
N ARG A 140 -5.19 -29.03 -20.72
CA ARG A 140 -6.61 -29.23 -20.93
C ARG A 140 -7.26 -29.78 -19.66
N GLU A 141 -8.58 -29.95 -19.72
CA GLU A 141 -9.29 -30.47 -18.56
C GLU A 141 -9.11 -31.97 -18.45
N ASP A 142 -9.01 -32.66 -19.58
CA ASP A 142 -8.76 -34.09 -19.58
C ASP A 142 -7.28 -34.44 -19.49
N HIS A 143 -6.45 -33.46 -19.14
CA HIS A 143 -5.01 -33.63 -18.91
C HIS A 143 -4.25 -34.02 -20.18
N LEU A 144 -4.86 -33.81 -21.34
CA LEU A 144 -4.12 -33.80 -22.60
C LEU A 144 -3.58 -32.40 -22.83
N PHE A 145 -3.04 -32.13 -24.01
CA PHE A 145 -2.44 -30.84 -24.29
C PHE A 145 -3.03 -30.26 -25.58
N ARG A 146 -2.81 -28.96 -25.76
CA ARG A 146 -3.22 -28.26 -26.97
C ARG A 146 -2.18 -27.18 -27.27
N LYS A 147 -2.09 -26.81 -28.54
CA LYS A 147 -1.08 -25.84 -28.97
C LYS A 147 -1.63 -25.04 -30.14
N PHE A 148 -1.16 -23.81 -30.25
CA PHE A 148 -1.53 -22.91 -31.33
C PHE A 148 -0.30 -22.54 -32.15
N HIS A 149 -0.48 -22.43 -33.46
CA HIS A 149 0.54 -21.90 -34.35
C HIS A 149 -0.08 -20.82 -35.22
N TYR A 150 0.68 -19.75 -35.44
CA TYR A 150 0.18 -18.56 -36.10
C TYR A 150 1.01 -18.22 -37.33
N LEU A 151 0.32 -17.84 -38.41
CA LEU A 151 0.98 -17.52 -39.68
C LEU A 151 0.29 -16.31 -40.31
N PRO A 152 0.83 -15.11 -40.12
CA PRO A 152 0.28 -13.95 -40.83
C PRO A 152 0.55 -14.08 -42.33
N PHE A 153 -0.47 -13.79 -43.13
CA PHE A 153 -0.37 -13.99 -44.57
C PHE A 153 -1.26 -13.00 -45.29
N LEU A 154 -1.00 -12.83 -46.59
CA LEU A 154 -1.84 -12.02 -47.45
C LEU A 154 -2.69 -12.95 -48.31
N PRO A 155 -4.03 -12.91 -48.18
CA PRO A 155 -4.87 -13.86 -48.92
C PRO A 155 -4.70 -13.69 -50.43
N SER A 156 -4.64 -14.83 -51.12
CA SER A 156 -4.45 -14.85 -52.56
C SER A 156 -5.01 -16.16 -53.09
N THR A 157 -5.34 -16.15 -54.38
CA THR A 157 -5.86 -17.34 -55.03
C THR A 157 -4.77 -18.27 -55.54
N GLU A 158 -3.55 -17.77 -55.73
CA GLU A 158 -2.46 -18.62 -56.21
C GLU A 158 -1.86 -19.45 -55.09
N ASP A 159 -1.91 -18.96 -53.85
CA ASP A 159 -1.30 -19.65 -52.71
C ASP A 159 -2.30 -20.61 -52.09
N VAL A 160 -1.85 -21.84 -51.83
CA VAL A 160 -2.60 -22.84 -51.09
C VAL A 160 -1.75 -23.28 -49.91
N TYR A 161 -2.34 -23.30 -48.72
CA TYR A 161 -1.61 -23.52 -47.48
C TYR A 161 -1.98 -24.86 -46.87
N ASP A 162 -1.05 -25.40 -46.07
CA ASP A 162 -1.25 -26.65 -45.35
C ASP A 162 -0.50 -26.58 -44.04
N CYS A 163 -0.96 -27.35 -43.05
CA CYS A 163 -0.31 -27.45 -41.76
C CYS A 163 0.06 -28.91 -41.53
N ARG A 164 1.35 -29.19 -41.40
CA ARG A 164 1.86 -30.55 -41.21
C ARG A 164 2.21 -30.74 -39.74
N VAL A 165 1.40 -31.53 -39.03
CA VAL A 165 1.60 -31.81 -37.61
C VAL A 165 1.99 -33.27 -37.46
N GLU A 166 3.24 -33.50 -37.05
CA GLU A 166 3.75 -34.85 -36.80
C GLU A 166 3.64 -35.17 -35.31
N HIS A 167 3.20 -36.39 -35.01
CA HIS A 167 3.04 -36.81 -33.62
C HIS A 167 3.26 -38.32 -33.54
N TRP A 168 3.74 -38.78 -32.38
CA TRP A 168 4.07 -40.18 -32.19
C TRP A 168 2.84 -41.08 -32.23
N GLY A 169 1.66 -40.54 -31.98
CA GLY A 169 0.43 -41.27 -32.18
C GLY A 169 -0.06 -41.30 -33.60
N LEU A 170 0.64 -40.62 -34.49
CA LEU A 170 0.29 -40.55 -35.90
C LEU A 170 1.21 -41.45 -36.72
N ASP A 171 0.62 -42.19 -37.65
CA ASP A 171 1.41 -43.01 -38.56
C ASP A 171 2.19 -42.14 -39.53
N GLU A 172 1.48 -41.41 -40.39
CA GLU A 172 2.08 -40.46 -41.32
C GLU A 172 1.84 -39.04 -40.85
N PRO A 173 2.74 -38.10 -41.18
CA PRO A 173 2.51 -36.69 -40.82
C PRO A 173 1.13 -36.17 -41.25
N LEU A 174 0.32 -35.76 -40.29
CA LEU A 174 -1.03 -35.34 -40.57
C LEU A 174 -1.04 -33.97 -41.23
N LEU A 175 -1.76 -33.85 -42.34
CA LEU A 175 -1.89 -32.61 -43.08
C LEU A 175 -3.35 -32.15 -43.08
N LYS A 176 -3.54 -30.85 -42.96
CA LYS A 176 -4.86 -30.23 -43.06
C LYS A 176 -4.75 -29.00 -43.95
N HIS A 177 -5.53 -28.97 -45.02
CA HIS A 177 -5.41 -27.94 -46.05
C HIS A 177 -6.38 -26.78 -45.78
N TRP A 178 -6.02 -25.62 -46.32
CA TRP A 178 -6.89 -24.45 -46.32
C TRP A 178 -6.74 -23.76 -47.67
N GLU A 179 -7.87 -23.40 -48.28
CA GLU A 179 -7.89 -22.80 -49.60
C GLU A 179 -8.77 -21.55 -49.60
N PHE A 180 -8.71 -20.82 -50.70
CA PHE A 180 -9.53 -19.62 -50.88
C PHE A 180 -10.53 -19.85 -52.00
N ASP B 1 13.21 -40.55 -30.23
CA ASP B 1 13.26 -41.93 -30.71
C ASP B 1 11.96 -42.66 -30.47
N THR B 2 11.96 -43.97 -30.73
CA THR B 2 10.82 -44.81 -30.38
C THR B 2 10.80 -45.16 -28.89
N ARG B 3 11.69 -44.54 -28.11
CA ARG B 3 11.81 -44.84 -26.70
C ARG B 3 10.49 -44.54 -25.98
N PRO B 4 10.20 -45.26 -24.89
CA PRO B 4 9.04 -44.91 -24.07
C PRO B 4 9.19 -43.52 -23.48
N ARG B 5 8.04 -42.91 -23.18
CA ARG B 5 8.00 -41.61 -22.53
C ARG B 5 7.30 -41.73 -21.19
N PHE B 6 7.67 -40.84 -20.27
CA PHE B 6 7.06 -40.78 -18.94
C PHE B 6 6.79 -39.33 -18.58
N LEU B 7 5.54 -39.03 -18.21
CA LEU B 7 5.09 -37.67 -17.99
C LEU B 7 4.64 -37.49 -16.55
N GLU B 8 5.10 -36.42 -15.91
CA GLU B 8 4.65 -36.01 -14.58
C GLU B 8 4.04 -34.63 -14.68
N GLN B 9 2.88 -34.44 -14.05
CA GLN B 9 2.20 -33.16 -14.09
C GLN B 9 1.76 -32.72 -12.70
N VAL B 10 1.78 -31.40 -12.50
CA VAL B 10 1.32 -30.79 -11.26
C VAL B 10 0.45 -29.60 -11.63
N LYS B 11 -0.77 -29.55 -11.08
CA LYS B 11 -1.71 -28.48 -11.35
C LYS B 11 -2.19 -27.89 -10.03
N HIS B 12 -1.92 -26.60 -9.84
CA HIS B 12 -2.37 -25.85 -8.67
C HIS B 12 -3.60 -25.06 -9.07
N GLU B 13 -4.78 -25.67 -8.91
CA GLU B 13 -6.02 -25.08 -9.39
C GLU B 13 -6.65 -24.21 -8.33
N CYS B 14 -6.96 -22.97 -8.70
CA CYS B 14 -7.74 -22.05 -7.88
C CYS B 14 -9.11 -21.85 -8.53
N HIS B 15 -10.16 -22.24 -7.81
CA HIS B 15 -11.52 -22.16 -8.31
C HIS B 15 -12.27 -21.07 -7.56
N PHE B 16 -12.78 -20.08 -8.31
CA PHE B 16 -13.42 -18.91 -7.75
C PHE B 16 -14.90 -18.89 -8.10
N PHE B 17 -15.73 -18.58 -7.11
CA PHE B 17 -17.16 -18.41 -7.31
C PHE B 17 -17.56 -17.09 -6.65
N ASN B 18 -18.34 -16.28 -7.37
CA ASN B 18 -18.78 -14.99 -6.84
C ASN B 18 -17.57 -14.12 -6.49
N GLY B 19 -16.59 -14.10 -7.38
CA GLY B 19 -15.36 -13.36 -7.11
C GLY B 19 -14.47 -14.04 -6.10
N THR B 20 -14.30 -13.43 -4.93
CA THR B 20 -13.49 -13.99 -3.85
C THR B 20 -14.36 -14.50 -2.70
N GLU B 21 -15.66 -14.68 -2.93
CA GLU B 21 -16.54 -15.13 -1.86
C GLU B 21 -16.32 -16.61 -1.55
N ARG B 22 -16.49 -17.47 -2.55
CA ARG B 22 -16.25 -18.90 -2.41
C ARG B 22 -15.02 -19.27 -3.25
N VAL B 23 -13.99 -19.80 -2.60
CA VAL B 23 -12.74 -20.17 -3.25
C VAL B 23 -12.41 -21.60 -2.89
N ARG B 24 -11.77 -22.31 -3.83
CA ARG B 24 -11.40 -23.70 -3.64
C ARG B 24 -10.04 -23.95 -4.28
N PHE B 25 -9.10 -24.48 -3.49
CA PHE B 25 -7.74 -24.73 -3.95
C PHE B 25 -7.55 -26.23 -4.12
N LEU B 26 -7.00 -26.64 -5.26
CA LEU B 26 -6.73 -28.04 -5.55
C LEU B 26 -5.26 -28.20 -5.93
N ASP B 27 -4.52 -28.95 -5.12
CA ASP B 27 -3.12 -29.26 -5.41
C ASP B 27 -3.10 -30.68 -6.00
N ARG B 28 -3.11 -30.77 -7.32
CA ARG B 28 -3.27 -32.02 -8.03
C ARG B 28 -1.94 -32.48 -8.64
N TYR B 29 -1.71 -33.79 -8.60
CA TYR B 29 -0.49 -34.40 -9.13
C TYR B 29 -0.88 -35.54 -10.07
N PHE B 30 -0.21 -35.58 -11.23
CA PHE B 30 -0.58 -36.49 -12.30
C PHE B 30 0.64 -37.29 -12.77
N TYR B 31 0.39 -38.57 -13.09
CA TYR B 31 1.35 -39.43 -13.76
C TYR B 31 0.77 -39.78 -15.12
N HIS B 32 1.45 -39.35 -16.19
CA HIS B 32 0.98 -39.45 -17.57
C HIS B 32 -0.31 -38.65 -17.76
N GLN B 33 -1.44 -39.33 -17.88
CA GLN B 33 -2.74 -38.70 -18.06
C GLN B 33 -3.66 -38.87 -16.87
N GLU B 34 -3.22 -39.56 -15.82
CA GLU B 34 -4.07 -39.90 -14.69
C GLU B 34 -3.58 -39.23 -13.41
N GLU B 35 -4.52 -38.70 -12.63
CA GLU B 35 -4.22 -38.10 -11.35
C GLU B 35 -4.09 -39.18 -10.29
N TYR B 36 -3.11 -39.03 -9.38
CA TYR B 36 -2.86 -40.05 -8.36
C TYR B 36 -2.91 -39.54 -6.92
N VAL B 37 -2.87 -38.23 -6.68
CA VAL B 37 -3.01 -37.69 -5.33
C VAL B 37 -3.48 -36.26 -5.45
N ARG B 38 -4.33 -35.83 -4.50
CA ARG B 38 -4.94 -34.51 -4.57
C ARG B 38 -5.05 -33.91 -3.17
N PHE B 39 -4.81 -32.60 -3.09
CA PHE B 39 -5.12 -31.81 -1.90
C PHE B 39 -6.35 -30.97 -2.22
N ASP B 40 -7.48 -31.33 -1.62
CA ASP B 40 -8.69 -30.56 -1.74
C ASP B 40 -8.76 -29.59 -0.56
N SER B 41 -8.93 -28.29 -0.86
CA SER B 41 -9.10 -27.32 0.21
C SER B 41 -10.34 -27.59 1.05
N ASP B 42 -11.33 -28.28 0.48
CA ASP B 42 -12.54 -28.62 1.23
C ASP B 42 -12.28 -29.71 2.26
N VAL B 43 -11.39 -30.65 1.97
CA VAL B 43 -11.09 -31.76 2.89
C VAL B 43 -10.05 -31.36 3.93
N GLY B 44 -8.92 -30.81 3.50
CA GLY B 44 -7.88 -30.36 4.41
C GLY B 44 -6.59 -31.13 4.36
N GLU B 45 -6.46 -32.18 3.55
CA GLU B 45 -5.23 -32.94 3.47
C GLU B 45 -5.21 -33.69 2.14
N TYR B 46 -4.11 -34.38 1.87
CA TYR B 46 -3.97 -35.09 0.61
C TYR B 46 -4.72 -36.42 0.66
N ARG B 47 -5.43 -36.73 -0.43
CA ARG B 47 -6.15 -37.97 -0.57
C ARG B 47 -5.84 -38.56 -1.93
N ALA B 48 -5.49 -39.84 -1.96
CA ALA B 48 -5.12 -40.48 -3.23
C ALA B 48 -6.32 -40.56 -4.16
N VAL B 49 -6.06 -40.30 -5.45
CA VAL B 49 -7.07 -40.50 -6.49
C VAL B 49 -7.04 -41.93 -7.02
N THR B 50 -5.85 -42.43 -7.31
CA THR B 50 -5.61 -43.84 -7.59
C THR B 50 -4.76 -44.43 -6.48
N GLU B 51 -4.78 -45.76 -6.39
CA GLU B 51 -3.97 -46.40 -5.37
C GLU B 51 -2.47 -46.18 -5.58
N LEU B 52 -2.10 -45.64 -6.75
CA LEU B 52 -0.68 -45.40 -7.03
C LEU B 52 -0.12 -44.25 -6.20
N GLY B 53 -0.97 -43.29 -5.81
CA GLY B 53 -0.56 -42.14 -5.06
C GLY B 53 -0.77 -42.21 -3.56
N ARG B 54 -1.17 -43.37 -3.04
CA ARG B 54 -1.36 -43.50 -1.60
C ARG B 54 -0.09 -43.23 -0.79
N PRO B 55 1.10 -43.69 -1.20
CA PRO B 55 2.31 -43.30 -0.44
C PRO B 55 2.55 -41.80 -0.42
N ASP B 56 2.15 -41.08 -1.47
CA ASP B 56 2.37 -39.64 -1.49
C ASP B 56 1.43 -38.93 -0.53
N ALA B 57 0.18 -39.38 -0.45
CA ALA B 57 -0.77 -38.77 0.48
C ALA B 57 -0.36 -39.02 1.92
N GLU B 58 0.00 -40.26 2.25
CA GLU B 58 0.37 -40.58 3.63
C GLU B 58 1.65 -39.85 4.05
N TYR B 59 2.62 -39.73 3.15
CA TYR B 59 3.87 -39.08 3.48
C TYR B 59 3.68 -37.58 3.70
N TRP B 60 2.87 -36.95 2.86
CA TRP B 60 2.67 -35.51 3.00
C TRP B 60 1.79 -35.20 4.20
N ASN B 61 0.76 -36.00 4.44
CA ASN B 61 -0.16 -35.73 5.54
C ASN B 61 0.52 -35.87 6.90
N SER B 62 1.56 -36.69 6.99
CA SER B 62 2.28 -36.85 8.25
C SER B 62 3.18 -35.65 8.57
N GLN B 63 3.33 -34.72 7.63
CA GLN B 63 4.14 -33.52 7.85
C GLN B 63 3.19 -32.35 8.10
N LYS B 64 3.10 -31.93 9.36
CA LYS B 64 2.11 -30.92 9.73
C LYS B 64 2.41 -29.57 9.09
N ASP B 65 3.69 -29.22 8.96
CA ASP B 65 4.04 -27.93 8.35
C ASP B 65 3.50 -27.82 6.93
N LEU B 66 3.54 -28.92 6.18
CA LEU B 66 3.11 -28.88 4.78
C LEU B 66 1.61 -28.68 4.67
N LEU B 67 0.82 -29.44 5.43
CA LEU B 67 -0.63 -29.31 5.33
C LEU B 67 -1.09 -27.92 5.72
N GLU B 68 -0.54 -27.37 6.81
CA GLU B 68 -0.92 -26.02 7.23
C GLU B 68 -0.52 -24.98 6.18
N GLN B 69 0.56 -25.24 5.45
CA GLN B 69 0.97 -24.34 4.37
C GLN B 69 0.00 -24.37 3.20
N LYS B 70 -0.60 -25.53 2.92
CA LYS B 70 -1.57 -25.67 1.83
C LYS B 70 -2.97 -25.25 2.24
N ARG B 71 -3.33 -25.37 3.52
CA ARG B 71 -4.64 -24.94 3.98
C ARG B 71 -4.81 -23.44 3.85
N ALA B 72 -3.71 -22.68 3.86
CA ALA B 72 -3.78 -21.22 3.71
C ALA B 72 -3.84 -20.78 2.26
N ALA B 73 -3.65 -21.71 1.31
CA ALA B 73 -3.53 -21.34 -0.10
C ALA B 73 -4.75 -20.60 -0.64
N VAL B 74 -5.93 -20.79 -0.03
CA VAL B 74 -7.11 -20.09 -0.52
C VAL B 74 -6.97 -18.58 -0.32
N ASP B 75 -6.41 -18.17 0.82
CA ASP B 75 -6.21 -16.75 1.08
C ASP B 75 -4.85 -16.27 0.56
N THR B 76 -3.79 -17.00 0.85
CA THR B 76 -2.45 -16.50 0.56
C THR B 76 -2.10 -16.63 -0.92
N TYR B 77 -2.65 -17.62 -1.61
CA TYR B 77 -2.27 -17.93 -2.99
C TYR B 77 -3.39 -17.65 -3.98
N CYS B 78 -4.56 -18.25 -3.77
CA CYS B 78 -5.67 -18.07 -4.71
C CYS B 78 -6.16 -16.63 -4.72
N ARG B 79 -6.64 -16.15 -3.57
CA ARG B 79 -7.24 -14.81 -3.54
C ARG B 79 -6.23 -13.73 -3.90
N HIS B 80 -4.94 -13.96 -3.61
CA HIS B 80 -3.93 -12.98 -3.97
C HIS B 80 -3.82 -12.84 -5.48
N ASN B 81 -3.54 -13.95 -6.18
CA ASN B 81 -3.35 -13.90 -7.62
C ASN B 81 -4.62 -13.51 -8.37
N TYR B 82 -5.79 -13.75 -7.77
CA TYR B 82 -7.04 -13.31 -8.39
C TYR B 82 -7.07 -11.80 -8.51
N GLY B 83 -6.71 -11.09 -7.43
CA GLY B 83 -6.68 -9.64 -7.44
C GLY B 83 -5.47 -9.03 -8.13
N VAL B 84 -4.41 -9.81 -8.34
CA VAL B 84 -3.25 -9.29 -9.07
C VAL B 84 -3.60 -9.06 -10.53
N GLY B 85 -4.46 -9.89 -11.10
CA GLY B 85 -4.80 -9.77 -12.49
C GLY B 85 -6.28 -9.53 -12.76
N GLU B 86 -7.04 -9.18 -11.73
CA GLU B 86 -8.49 -8.99 -11.91
C GLU B 86 -8.79 -7.88 -12.90
N SER B 87 -7.94 -6.84 -12.95
CA SER B 87 -8.22 -5.70 -13.81
C SER B 87 -8.07 -6.04 -15.28
N PHE B 88 -7.21 -7.00 -15.62
CA PHE B 88 -6.96 -7.34 -17.02
C PHE B 88 -7.26 -8.80 -17.35
N THR B 89 -8.00 -9.50 -16.49
CA THR B 89 -8.43 -10.85 -16.81
C THR B 89 -9.92 -11.00 -16.58
N VAL B 90 -10.37 -10.75 -15.34
CA VAL B 90 -11.80 -10.82 -15.05
C VAL B 90 -12.53 -9.65 -15.71
N GLN B 91 -11.89 -8.48 -15.75
CA GLN B 91 -12.52 -7.27 -16.26
C GLN B 91 -12.07 -6.92 -17.67
N ARG B 92 -11.37 -7.82 -18.35
CA ARG B 92 -10.95 -7.57 -19.72
C ARG B 92 -12.15 -7.63 -20.65
N ARG B 93 -12.30 -6.61 -21.49
CA ARG B 93 -13.42 -6.50 -22.43
C ARG B 93 -12.89 -6.17 -23.81
N VAL B 94 -13.31 -6.95 -24.80
CA VAL B 94 -12.93 -6.73 -26.20
C VAL B 94 -14.19 -6.74 -27.06
N TYR B 95 -14.32 -5.76 -27.94
CA TYR B 95 -15.48 -5.69 -28.83
C TYR B 95 -15.41 -6.77 -29.90
N PRO B 96 -16.53 -7.44 -30.19
CA PRO B 96 -16.55 -8.36 -31.34
C PRO B 96 -16.57 -7.62 -32.66
N GLU B 97 -16.51 -8.34 -33.77
CA GLU B 97 -16.57 -7.72 -35.11
C GLU B 97 -17.37 -8.67 -35.99
N VAL B 98 -18.64 -8.33 -36.21
CA VAL B 98 -19.56 -9.20 -36.92
C VAL B 98 -19.56 -8.87 -38.40
N THR B 99 -19.33 -9.89 -39.23
CA THR B 99 -19.44 -9.78 -40.67
C THR B 99 -20.34 -10.90 -41.18
N VAL B 100 -21.15 -10.60 -42.19
CA VAL B 100 -22.09 -11.56 -42.77
C VAL B 100 -21.76 -11.75 -44.24
N TYR B 101 -21.74 -13.01 -44.68
CA TYR B 101 -21.47 -13.33 -46.07
C TYR B 101 -22.20 -14.63 -46.41
N PRO B 102 -22.62 -14.79 -47.66
CA PRO B 102 -23.26 -16.05 -48.07
C PRO B 102 -22.22 -17.10 -48.42
N ALA B 103 -22.70 -18.33 -48.58
CA ALA B 103 -21.86 -19.45 -48.97
C ALA B 103 -22.76 -20.53 -49.55
N LYS B 104 -22.15 -21.66 -49.91
CA LYS B 104 -22.89 -22.80 -50.44
C LYS B 104 -22.27 -24.08 -49.92
N THR B 105 -23.14 -25.04 -49.57
CA THR B 105 -22.68 -26.34 -49.10
C THR B 105 -22.06 -27.13 -50.24
N GLN B 106 -22.87 -27.52 -51.21
CA GLN B 106 -22.53 -28.23 -52.42
C GLN B 106 -22.16 -27.24 -53.52
N PRO B 107 -21.26 -27.61 -54.44
CA PRO B 107 -21.07 -26.79 -55.64
C PRO B 107 -22.37 -26.64 -56.42
N LEU B 108 -23.03 -25.49 -56.27
CA LEU B 108 -24.33 -25.23 -56.86
C LEU B 108 -24.32 -23.87 -57.56
N GLN B 109 -25.45 -23.53 -58.17
CA GLN B 109 -25.60 -22.26 -58.88
C GLN B 109 -26.21 -21.17 -58.03
N HIS B 110 -26.54 -21.46 -56.78
CA HIS B 110 -27.11 -20.47 -55.88
C HIS B 110 -26.62 -20.76 -54.47
N HIS B 111 -26.62 -19.71 -53.65
CA HIS B 111 -26.25 -19.87 -52.24
C HIS B 111 -27.35 -20.59 -51.47
N ASN B 112 -26.95 -21.51 -50.60
CA ASN B 112 -27.87 -22.15 -49.67
C ASN B 112 -27.50 -21.94 -48.21
N LEU B 113 -26.36 -21.33 -47.93
CA LEU B 113 -25.91 -21.07 -46.57
C LEU B 113 -25.57 -19.60 -46.41
N LEU B 114 -25.91 -19.03 -45.27
CA LEU B 114 -25.59 -17.66 -44.94
C LEU B 114 -24.86 -17.66 -43.61
N VAL B 115 -23.67 -17.07 -43.58
CA VAL B 115 -22.75 -17.18 -42.46
C VAL B 115 -22.67 -15.85 -41.73
N CYS B 116 -22.74 -15.89 -40.40
CA CYS B 116 -22.48 -14.75 -39.54
C CYS B 116 -21.21 -15.03 -38.74
N SER B 117 -20.20 -14.16 -38.88
CA SER B 117 -18.88 -14.38 -38.31
C SER B 117 -18.62 -13.35 -37.22
N VAL B 118 -18.56 -13.80 -35.97
CA VAL B 118 -18.23 -12.96 -34.82
C VAL B 118 -16.81 -13.31 -34.42
N ASN B 119 -15.93 -12.32 -34.40
CA ASN B 119 -14.50 -12.58 -34.22
C ASN B 119 -13.87 -11.62 -33.21
N GLY B 120 -12.92 -12.14 -32.44
CA GLY B 120 -12.07 -11.34 -31.59
C GLY B 120 -12.74 -10.66 -30.41
N PHE B 121 -13.47 -11.42 -29.59
CA PHE B 121 -14.19 -10.87 -28.46
C PHE B 121 -13.82 -11.60 -27.18
N TYR B 122 -13.72 -10.85 -26.10
CA TYR B 122 -13.45 -11.40 -24.76
C TYR B 122 -14.29 -10.64 -23.74
N PRO B 123 -14.94 -11.37 -22.81
CA PRO B 123 -14.94 -12.83 -22.63
C PRO B 123 -15.72 -13.60 -23.70
N GLY B 124 -15.82 -14.91 -23.51
CA GLY B 124 -16.39 -15.78 -24.51
C GLY B 124 -17.88 -16.03 -24.43
N SER B 125 -18.53 -15.67 -23.33
CA SER B 125 -19.97 -15.86 -23.21
C SER B 125 -20.69 -14.87 -24.11
N ILE B 126 -21.41 -15.39 -25.12
CA ILE B 126 -21.98 -14.56 -26.18
C ILE B 126 -23.26 -15.20 -26.69
N GLU B 127 -24.12 -14.38 -27.29
CA GLU B 127 -25.38 -14.84 -27.85
C GLU B 127 -25.54 -14.28 -29.26
N VAL B 128 -25.88 -15.16 -30.21
CA VAL B 128 -25.99 -14.81 -31.62
C VAL B 128 -27.27 -15.41 -32.18
N ARG B 129 -28.18 -14.55 -32.63
CA ARG B 129 -29.47 -14.97 -33.17
C ARG B 129 -29.64 -14.50 -34.61
N TRP B 130 -30.42 -15.26 -35.37
CA TRP B 130 -30.66 -14.99 -36.79
C TRP B 130 -32.07 -14.50 -37.01
N PHE B 131 -32.23 -13.53 -37.91
CA PHE B 131 -33.52 -12.97 -38.27
C PHE B 131 -33.64 -12.87 -39.77
N ARG B 132 -34.79 -13.30 -40.32
CA ARG B 132 -35.14 -13.06 -41.71
C ARG B 132 -36.43 -12.26 -41.76
N ASN B 133 -36.36 -11.04 -42.27
CA ASN B 133 -37.52 -10.16 -42.43
C ASN B 133 -38.22 -9.92 -41.09
N GLY B 134 -37.42 -9.62 -40.06
CA GLY B 134 -37.95 -9.32 -38.75
C GLY B 134 -38.33 -10.51 -37.90
N GLN B 135 -38.64 -11.65 -38.51
CA GLN B 135 -39.00 -12.84 -37.76
C GLN B 135 -37.76 -13.71 -37.54
N GLU B 136 -37.48 -14.04 -36.29
CA GLU B 136 -36.28 -14.81 -35.97
C GLU B 136 -36.39 -16.23 -36.51
N GLU B 137 -35.30 -16.70 -37.13
CA GLU B 137 -35.24 -18.06 -37.66
C GLU B 137 -34.59 -18.96 -36.61
N LYS B 138 -35.39 -19.84 -36.00
CA LYS B 138 -34.87 -20.80 -35.04
C LYS B 138 -34.52 -22.13 -35.71
N THR B 139 -35.38 -22.61 -36.60
CA THR B 139 -35.11 -23.85 -37.31
C THR B 139 -34.04 -23.63 -38.38
N GLY B 140 -33.25 -24.68 -38.62
CA GLY B 140 -32.23 -24.62 -39.65
C GLY B 140 -31.00 -23.82 -39.33
N VAL B 141 -30.74 -23.54 -38.05
CA VAL B 141 -29.56 -22.79 -37.64
C VAL B 141 -28.54 -23.76 -37.08
N VAL B 142 -27.32 -23.71 -37.61
CA VAL B 142 -26.23 -24.58 -37.19
C VAL B 142 -25.08 -23.69 -36.72
N SER B 143 -24.78 -23.75 -35.42
CA SER B 143 -23.73 -22.93 -34.84
C SER B 143 -22.40 -23.68 -34.85
N THR B 144 -21.32 -22.91 -34.72
CA THR B 144 -19.98 -23.48 -34.65
C THR B 144 -19.55 -23.79 -33.22
N GLY B 145 -20.13 -23.11 -32.24
CA GLY B 145 -19.65 -23.16 -30.88
C GLY B 145 -18.52 -22.16 -30.67
N LEU B 146 -18.14 -22.01 -29.41
CA LEU B 146 -17.07 -21.08 -29.09
C LEU B 146 -15.72 -21.64 -29.52
N ILE B 147 -14.86 -20.77 -30.04
CA ILE B 147 -13.53 -21.15 -30.51
C ILE B 147 -12.50 -20.30 -29.77
N GLN B 148 -11.62 -20.96 -29.04
CA GLN B 148 -10.53 -20.28 -28.36
C GLN B 148 -9.39 -20.05 -29.34
N ASN B 149 -9.03 -18.79 -29.56
CA ASN B 149 -7.93 -18.45 -30.44
C ASN B 149 -6.56 -18.62 -29.79
N GLY B 150 -6.50 -18.74 -28.46
CA GLY B 150 -5.23 -18.82 -27.77
C GLY B 150 -4.51 -17.50 -27.56
N ASP B 151 -5.06 -16.39 -28.06
CA ASP B 151 -4.50 -15.07 -27.88
C ASP B 151 -5.48 -14.14 -27.15
N TRP B 152 -6.26 -14.72 -26.22
CA TRP B 152 -7.22 -13.99 -25.40
C TRP B 152 -8.37 -13.38 -26.21
N THR B 153 -8.74 -14.05 -27.31
CA THR B 153 -9.91 -13.68 -28.09
C THR B 153 -10.70 -14.94 -28.43
N PHE B 154 -11.95 -14.74 -28.82
CA PHE B 154 -12.84 -15.83 -29.19
C PHE B 154 -13.43 -15.58 -30.57
N GLN B 155 -14.14 -16.57 -31.08
CA GLN B 155 -14.86 -16.44 -32.34
C GLN B 155 -15.85 -17.58 -32.47
N THR B 156 -16.89 -17.35 -33.28
CA THR B 156 -17.89 -18.37 -33.56
C THR B 156 -18.60 -17.98 -34.85
N LEU B 157 -18.97 -18.98 -35.64
CA LEU B 157 -19.58 -18.76 -36.95
C LEU B 157 -20.97 -19.39 -36.96
N VAL B 158 -21.94 -18.68 -36.39
CA VAL B 158 -23.33 -19.12 -36.43
C VAL B 158 -23.88 -18.83 -37.82
N MET B 159 -24.38 -19.88 -38.48
CA MET B 159 -24.84 -19.75 -39.86
C MET B 159 -26.27 -20.25 -39.98
N LEU B 160 -27.00 -19.65 -40.92
CA LEU B 160 -28.39 -19.98 -41.20
C LEU B 160 -28.48 -20.71 -42.53
N GLU B 161 -29.07 -21.90 -42.52
CA GLU B 161 -29.29 -22.67 -43.74
C GLU B 161 -30.52 -22.12 -44.45
N THR B 162 -30.30 -21.34 -45.50
CA THR B 162 -31.40 -20.78 -46.25
C THR B 162 -30.91 -20.43 -47.65
N VAL B 163 -31.79 -20.59 -48.64
CA VAL B 163 -31.53 -20.10 -49.98
C VAL B 163 -32.06 -18.67 -50.04
N PRO B 164 -31.21 -17.66 -49.92
CA PRO B 164 -31.70 -16.28 -49.86
C PRO B 164 -32.36 -15.86 -51.17
N ARG B 165 -33.51 -15.21 -51.05
CA ARG B 165 -34.28 -14.74 -52.18
C ARG B 165 -34.14 -13.23 -52.31
N SER B 166 -34.13 -12.75 -53.55
CA SER B 166 -33.99 -11.32 -53.79
C SER B 166 -35.13 -10.56 -53.12
N GLY B 167 -34.77 -9.55 -52.32
CA GLY B 167 -35.72 -8.74 -51.60
C GLY B 167 -35.77 -9.01 -50.10
N GLU B 168 -35.39 -10.22 -49.70
CA GLU B 168 -35.37 -10.56 -48.28
C GLU B 168 -34.23 -9.82 -47.57
N VAL B 169 -34.48 -9.44 -46.32
CA VAL B 169 -33.52 -8.69 -45.52
C VAL B 169 -33.20 -9.51 -44.28
N TYR B 170 -32.00 -10.10 -44.26
CA TYR B 170 -31.52 -10.84 -43.11
C TYR B 170 -30.73 -9.94 -42.18
N THR B 171 -30.80 -10.26 -40.88
CA THR B 171 -30.04 -9.53 -39.87
C THR B 171 -29.47 -10.52 -38.86
N CYS B 172 -28.23 -10.29 -38.45
CA CYS B 172 -27.55 -11.11 -37.45
C CYS B 172 -27.34 -10.26 -36.20
N GLN B 173 -27.98 -10.64 -35.11
CA GLN B 173 -27.94 -9.89 -33.85
C GLN B 173 -27.03 -10.61 -32.85
N VAL B 174 -26.13 -9.86 -32.23
CA VAL B 174 -25.19 -10.39 -31.25
C VAL B 174 -25.24 -9.55 -29.99
N GLU B 175 -25.27 -10.22 -28.83
CA GLU B 175 -25.25 -9.56 -27.53
C GLU B 175 -24.04 -10.08 -26.77
N HIS B 176 -23.13 -9.17 -26.40
CA HIS B 176 -21.90 -9.53 -25.74
C HIS B 176 -21.69 -8.62 -24.53
N PRO B 177 -21.12 -9.14 -23.44
CA PRO B 177 -20.91 -8.32 -22.24
C PRO B 177 -20.16 -7.02 -22.47
N SER B 178 -19.43 -6.92 -23.59
CA SER B 178 -18.74 -5.67 -23.91
C SER B 178 -19.66 -4.66 -24.58
N LEU B 179 -20.75 -5.12 -25.19
CA LEU B 179 -21.68 -4.23 -25.87
C LEU B 179 -22.75 -3.76 -24.89
N THR B 180 -22.99 -2.45 -24.85
CA THR B 180 -24.01 -1.87 -24.00
C THR B 180 -25.43 -2.07 -24.54
N SER B 181 -25.57 -2.47 -25.80
CA SER B 181 -26.86 -2.70 -26.44
C SER B 181 -26.66 -3.73 -27.54
N PRO B 182 -27.72 -4.45 -27.92
CA PRO B 182 -27.58 -5.48 -28.96
C PRO B 182 -26.99 -4.91 -30.24
N LEU B 183 -26.08 -5.67 -30.83
CA LEU B 183 -25.38 -5.28 -32.05
C LEU B 183 -25.97 -6.04 -33.23
N THR B 184 -26.34 -5.31 -34.27
CA THR B 184 -27.02 -5.88 -35.43
C THR B 184 -26.22 -5.64 -36.69
N VAL B 185 -26.24 -6.62 -37.58
CA VAL B 185 -25.62 -6.52 -38.90
C VAL B 185 -26.60 -7.09 -39.93
N GLU B 186 -26.93 -6.29 -40.95
CA GLU B 186 -27.91 -6.66 -41.96
C GLU B 186 -27.24 -7.18 -43.21
N TRP B 187 -27.96 -8.03 -43.94
CA TRP B 187 -27.48 -8.59 -45.20
C TRP B 187 -28.68 -8.73 -46.12
N ARG B 188 -28.82 -7.80 -47.07
CA ARG B 188 -29.85 -7.90 -48.09
C ARG B 188 -29.37 -8.80 -49.21
N ALA B 189 -30.23 -9.72 -49.63
CA ALA B 189 -29.88 -10.81 -50.56
C ALA B 189 -28.99 -10.39 -51.71
N GLN C 2 17.52 -4.09 6.53
CA GLN C 2 16.68 -4.53 7.63
C GLN C 2 15.20 -4.40 7.26
N GLN C 3 14.71 -5.32 6.43
CA GLN C 3 13.29 -5.37 6.11
C GLN C 3 12.45 -5.98 7.21
N LEU C 4 13.08 -6.38 8.33
CA LEU C 4 12.39 -7.02 9.44
C LEU C 4 12.96 -6.44 10.72
N ASN C 5 12.14 -5.73 11.48
CA ASN C 5 12.59 -5.03 12.69
C ASN C 5 12.30 -5.91 13.91
N GLN C 6 13.37 -6.41 14.54
CA GLN C 6 13.26 -7.31 15.68
C GLN C 6 13.62 -6.55 16.95
N SER C 7 12.61 -6.22 17.75
CA SER C 7 12.83 -5.58 19.04
C SER C 7 12.14 -6.39 20.12
N PRO C 8 12.80 -6.54 21.28
CA PRO C 8 14.12 -6.00 21.62
C PRO C 8 15.26 -6.85 21.07
N GLN C 9 16.49 -6.35 21.19
CA GLN C 9 17.66 -7.09 20.78
C GLN C 9 18.46 -7.69 21.93
N SER C 10 18.30 -7.16 23.15
CA SER C 10 18.98 -7.68 24.33
C SER C 10 17.98 -7.79 25.45
N MET C 11 17.98 -8.93 26.15
CA MET C 11 17.06 -9.15 27.24
C MET C 11 17.79 -9.79 28.42
N PHE C 12 17.35 -9.45 29.62
CA PHE C 12 17.88 -10.02 30.86
C PHE C 12 16.69 -10.43 31.72
N ILE C 13 16.50 -11.74 31.87
CA ILE C 13 15.32 -12.30 32.51
C ILE C 13 15.77 -13.25 33.61
N GLN C 14 15.32 -12.99 34.84
CA GLN C 14 15.54 -13.94 35.91
C GLN C 14 14.65 -15.17 35.72
N GLU C 15 15.10 -16.30 36.28
CA GLU C 15 14.39 -17.56 36.12
C GLU C 15 12.93 -17.41 36.52
N GLY C 16 12.07 -18.18 35.84
CA GLY C 16 10.65 -18.17 36.12
C GLY C 16 9.87 -17.04 35.49
N GLU C 17 10.52 -15.93 35.17
CA GLU C 17 9.81 -14.80 34.57
C GLU C 17 9.44 -15.12 33.12
N ASP C 18 8.69 -14.21 32.50
CA ASP C 18 8.19 -14.39 31.15
C ASP C 18 8.94 -13.49 30.19
N VAL C 19 8.99 -13.92 28.92
CA VAL C 19 9.72 -13.22 27.87
C VAL C 19 8.75 -13.01 26.71
N SER C 20 8.86 -11.85 26.05
CA SER C 20 8.03 -11.55 24.89
C SER C 20 8.85 -10.79 23.86
N MET C 21 9.03 -11.36 22.69
CA MET C 21 9.79 -10.74 21.61
C MET C 21 8.85 -10.30 20.49
N ASN C 22 9.19 -9.21 19.84
CA ASN C 22 8.40 -8.65 18.75
C ASN C 22 9.19 -8.67 17.46
N CYS C 23 8.47 -8.48 16.36
CA CYS C 23 9.08 -8.53 15.03
C CYS C 23 8.09 -7.98 14.02
N THR C 24 8.46 -6.90 13.33
CA THR C 24 7.56 -6.20 12.43
C THR C 24 8.12 -6.22 11.01
N SER C 25 7.20 -6.28 10.04
CA SER C 25 7.55 -6.42 8.63
C SER C 25 7.18 -5.14 7.86
N SER C 26 8.00 -4.83 6.86
CA SER C 26 7.75 -3.71 5.96
C SER C 26 6.93 -4.10 4.73
N SER C 27 6.59 -5.37 4.59
CA SER C 27 5.73 -5.84 3.50
C SER C 27 4.79 -6.90 4.03
N ILE C 28 3.65 -7.05 3.36
CA ILE C 28 2.64 -8.01 3.80
C ILE C 28 3.22 -9.41 3.74
N PHE C 29 3.31 -10.06 4.89
CA PHE C 29 3.86 -11.41 5.00
C PHE C 29 2.75 -12.46 4.97
N ASN C 30 3.14 -13.67 4.56
CA ASN C 30 2.25 -14.82 4.55
C ASN C 30 2.66 -15.93 5.50
N THR C 31 3.95 -16.04 5.83
CA THR C 31 4.44 -17.01 6.79
C THR C 31 5.41 -16.32 7.74
N TRP C 32 5.54 -16.89 8.94
CA TRP C 32 6.48 -16.42 9.96
C TRP C 32 7.24 -17.61 10.52
N LEU C 33 8.54 -17.42 10.73
CA LEU C 33 9.40 -18.46 11.27
C LEU C 33 10.15 -17.92 12.48
N TRP C 34 10.30 -18.75 13.51
CA TRP C 34 11.07 -18.42 14.69
C TRP C 34 12.21 -19.42 14.84
N TYR C 35 13.42 -18.93 15.02
CA TYR C 35 14.60 -19.76 15.19
C TYR C 35 15.27 -19.48 16.52
N LYS C 36 16.13 -20.41 16.94
CA LYS C 36 16.95 -20.24 18.13
C LYS C 36 18.35 -20.76 17.82
N GLN C 37 19.36 -19.95 18.11
CA GLN C 37 20.75 -20.30 17.86
C GLN C 37 21.46 -20.51 19.19
N GLU C 38 21.74 -21.77 19.52
CA GLU C 38 22.53 -22.07 20.70
C GLU C 38 23.98 -21.66 20.46
N PRO C 39 24.68 -21.22 21.51
CA PRO C 39 26.08 -20.81 21.35
C PRO C 39 26.93 -21.93 20.76
N GLY C 40 27.55 -21.64 19.61
CA GLY C 40 28.39 -22.60 18.94
C GLY C 40 27.69 -23.49 17.94
N GLU C 41 26.36 -23.45 17.88
CA GLU C 41 25.58 -24.25 16.96
C GLU C 41 24.93 -23.35 15.91
N GLY C 42 24.23 -23.98 14.97
CA GLY C 42 23.48 -23.23 13.98
C GLY C 42 22.04 -23.04 14.41
N PRO C 43 21.37 -22.04 13.82
CA PRO C 43 19.97 -21.79 14.18
C PRO C 43 19.07 -22.92 13.72
N VAL C 44 18.14 -23.31 14.60
CA VAL C 44 17.17 -24.36 14.30
C VAL C 44 15.78 -23.77 14.43
N LEU C 45 14.80 -24.48 13.86
CA LEU C 45 13.43 -23.98 13.81
C LEU C 45 12.71 -24.20 15.14
N LEU C 46 11.99 -23.17 15.59
CA LEU C 46 11.20 -23.25 16.81
C LEU C 46 9.72 -23.48 16.49
N ILE C 47 9.09 -22.48 15.87
CA ILE C 47 7.68 -22.53 15.52
C ILE C 47 7.51 -21.95 14.12
N ALA C 48 6.54 -22.48 13.38
CA ALA C 48 6.15 -21.93 12.08
C ALA C 48 4.67 -21.58 12.10
N LEU C 49 4.33 -20.43 11.53
CA LEU C 49 2.94 -19.98 11.43
C LEU C 49 2.64 -19.64 9.98
N TYR C 50 1.60 -20.25 9.42
CA TYR C 50 1.24 -20.05 8.03
C TYR C 50 -0.15 -19.44 7.83
N LYS C 51 -0.91 -19.25 8.89
CA LYS C 51 -2.23 -18.62 8.80
C LYS C 51 -2.26 -17.38 9.66
N ALA C 52 -2.96 -16.34 9.19
CA ALA C 52 -3.11 -15.12 9.95
C ALA C 52 -3.93 -15.37 11.21
N GLY C 53 -3.64 -14.60 12.26
CA GLY C 53 -4.23 -14.80 13.56
C GLY C 53 -3.95 -16.14 14.22
N GLU C 54 -3.09 -16.99 13.63
CA GLU C 54 -2.77 -18.26 14.25
C GLU C 54 -2.04 -18.07 15.59
N LEU C 55 -2.21 -19.03 16.48
CA LEU C 55 -1.55 -19.04 17.79
C LEU C 55 -1.09 -20.48 18.01
N THR C 56 0.13 -20.78 17.59
CA THR C 56 0.71 -22.11 17.71
C THR C 56 1.65 -22.15 18.90
N SER C 57 1.63 -23.27 19.63
CA SER C 57 2.46 -23.45 20.81
C SER C 57 3.34 -24.70 20.66
N ASN C 58 4.46 -24.69 21.38
CA ASN C 58 5.42 -25.80 21.39
C ASN C 58 6.04 -25.85 22.78
N GLY C 59 5.26 -26.35 23.75
CA GLY C 59 5.71 -26.42 25.12
C GLY C 59 5.53 -25.10 25.84
N ARG C 60 6.63 -24.52 26.31
CA ARG C 60 6.60 -23.19 26.90
C ARG C 60 6.73 -22.10 25.85
N LEU C 61 6.95 -22.46 24.59
CA LEU C 61 6.99 -21.50 23.50
C LEU C 61 5.61 -21.33 22.89
N THR C 62 5.24 -20.09 22.61
CA THR C 62 4.03 -19.79 21.89
C THR C 62 4.28 -18.57 21.00
N ALA C 63 3.82 -18.66 19.75
CA ALA C 63 4.06 -17.62 18.76
C ALA C 63 2.76 -17.23 18.08
N GLN C 64 2.64 -15.95 17.73
CA GLN C 64 1.42 -15.40 17.17
C GLN C 64 1.67 -14.79 15.80
N PHE C 65 0.74 -15.03 14.88
CA PHE C 65 0.75 -14.44 13.55
C PHE C 65 -0.16 -13.22 13.59
N GLY C 66 0.43 -12.03 13.50
CA GLY C 66 -0.36 -10.81 13.60
C GLY C 66 -1.35 -10.69 12.44
N ILE C 67 -2.56 -10.23 12.76
CA ILE C 67 -3.57 -10.05 11.73
C ILE C 67 -3.27 -8.89 10.81
N THR C 68 -2.28 -8.06 11.15
CA THR C 68 -1.81 -7.03 10.23
C THR C 68 -1.01 -7.61 9.08
N ARG C 69 -0.71 -8.91 9.11
CA ARG C 69 0.20 -9.56 8.16
C ARG C 69 1.54 -8.85 8.10
N LYS C 70 1.89 -8.14 9.18
CA LYS C 70 3.16 -7.44 9.29
C LYS C 70 3.80 -7.55 10.67
N ASP C 71 3.20 -8.29 11.61
CA ASP C 71 3.74 -8.40 12.95
C ASP C 71 3.71 -9.86 13.40
N SER C 72 4.56 -10.16 14.39
CA SER C 72 4.65 -11.51 14.92
C SER C 72 5.32 -11.45 16.28
N PHE C 73 4.85 -12.28 17.20
CA PHE C 73 5.34 -12.30 18.56
C PHE C 73 5.74 -13.72 18.95
N LEU C 74 6.63 -13.81 19.93
CA LEU C 74 7.04 -15.07 20.52
C LEU C 74 7.13 -14.89 22.03
N ASN C 75 6.56 -15.85 22.76
CA ASN C 75 6.57 -15.84 24.23
C ASN C 75 7.25 -17.09 24.77
N ILE C 76 8.09 -16.89 25.78
CA ILE C 76 8.75 -17.97 26.50
C ILE C 76 8.30 -17.88 27.95
N SER C 77 7.40 -18.76 28.35
CA SER C 77 6.89 -18.77 29.71
C SER C 77 7.75 -19.65 30.60
N ALA C 78 7.91 -19.24 31.86
CA ALA C 78 8.70 -19.95 32.86
C ALA C 78 10.15 -20.13 32.36
N SER C 79 10.86 -18.99 32.33
CA SER C 79 12.23 -18.98 31.82
C SER C 79 13.14 -19.84 32.68
N ILE C 80 13.92 -20.69 32.02
CA ILE C 80 14.95 -21.49 32.68
C ILE C 80 16.29 -21.04 32.12
N PRO C 81 17.39 -21.24 32.87
CA PRO C 81 18.70 -20.77 32.38
C PRO C 81 19.12 -21.37 31.05
N SER C 82 18.58 -22.52 30.65
CA SER C 82 18.97 -23.12 29.38
C SER C 82 18.42 -22.34 28.18
N ASP C 83 17.51 -21.39 28.40
CA ASP C 83 16.89 -20.66 27.31
C ASP C 83 17.76 -19.54 26.76
N VAL C 84 19.05 -19.49 27.13
CA VAL C 84 19.93 -18.46 26.58
C VAL C 84 20.15 -18.71 25.09
N GLY C 85 20.57 -17.67 24.40
CA GLY C 85 20.88 -17.75 22.99
C GLY C 85 20.24 -16.63 22.21
N ILE C 86 20.38 -16.70 20.89
CA ILE C 86 19.83 -15.71 19.98
C ILE C 86 18.55 -16.29 19.37
N TYR C 87 17.54 -15.44 19.23
CA TYR C 87 16.26 -15.84 18.65
C TYR C 87 16.02 -15.04 17.37
N PHE C 88 15.98 -15.73 16.23
CA PHE C 88 15.78 -15.08 14.94
C PHE C 88 14.31 -15.15 14.53
N CYS C 89 13.91 -14.13 13.78
CA CYS C 89 12.55 -14.01 13.26
C CYS C 89 12.63 -13.95 11.74
N ALA C 90 12.00 -14.92 11.07
CA ALA C 90 12.05 -15.03 9.62
C ALA C 90 10.64 -15.03 9.05
N GLY C 91 10.55 -14.72 7.76
CA GLY C 91 9.26 -14.71 7.10
C GLY C 91 9.44 -14.68 5.59
N GLN C 92 8.30 -14.65 4.91
CA GLN C 92 8.27 -14.60 3.45
C GLN C 92 7.17 -13.65 2.99
N ASP C 93 7.53 -12.72 2.12
CA ASP C 93 6.53 -11.95 1.38
C ASP C 93 6.31 -12.65 0.04
N VAL C 94 5.54 -12.03 -0.85
CA VAL C 94 5.29 -12.65 -2.15
C VAL C 94 6.58 -12.78 -2.94
N GLY C 95 7.42 -11.76 -2.92
CA GLY C 95 8.70 -11.84 -3.61
C GLY C 95 9.57 -12.96 -3.07
N ASN C 96 9.61 -13.11 -1.74
CA ASN C 96 10.37 -14.20 -1.14
C ASN C 96 9.83 -15.56 -1.56
N THR C 97 8.49 -15.71 -1.53
CA THR C 97 7.89 -16.99 -1.90
C THR C 97 8.25 -17.38 -3.32
N ASN C 98 8.28 -16.40 -4.23
CA ASN C 98 8.66 -16.69 -5.61
C ASN C 98 10.12 -17.07 -5.73
N ALA C 99 10.99 -16.49 -4.89
CA ALA C 99 12.41 -16.81 -4.91
C ALA C 99 12.77 -17.96 -3.99
N GLY C 100 11.86 -18.39 -3.12
CA GLY C 100 12.15 -19.44 -2.17
C GLY C 100 13.04 -19.05 -1.02
N LYS C 101 13.23 -17.76 -0.78
CA LYS C 101 14.10 -17.29 0.28
C LYS C 101 13.27 -16.81 1.48
N SER C 102 13.96 -16.59 2.59
CA SER C 102 13.34 -16.07 3.81
C SER C 102 14.17 -14.91 4.32
N THR C 103 13.49 -13.80 4.62
CA THR C 103 14.16 -12.66 5.24
C THR C 103 14.25 -12.86 6.74
N PHE C 104 15.44 -12.64 7.30
CA PHE C 104 15.70 -12.84 8.71
C PHE C 104 15.79 -11.50 9.44
N GLY C 105 15.31 -11.49 10.68
CA GLY C 105 15.54 -10.35 11.55
C GLY C 105 16.93 -10.38 12.15
N ASP C 106 17.30 -9.25 12.77
CA ASP C 106 18.63 -9.16 13.38
C ASP C 106 18.76 -10.11 14.56
N GLY C 107 17.73 -10.20 15.39
CA GLY C 107 17.68 -11.18 16.46
C GLY C 107 17.58 -10.53 17.84
N THR C 108 17.31 -11.40 18.82
CA THR C 108 17.20 -11.01 20.22
C THR C 108 18.12 -11.91 21.04
N THR C 109 19.09 -11.33 21.73
CA THR C 109 20.05 -12.07 22.52
C THR C 109 19.52 -12.23 23.95
N LEU C 110 18.93 -13.38 24.24
CA LEU C 110 18.32 -13.63 25.53
C LEU C 110 19.36 -14.21 26.49
N THR C 111 19.50 -13.59 27.65
CA THR C 111 20.41 -14.07 28.70
C THR C 111 19.61 -14.25 29.99
N VAL C 112 19.21 -15.49 30.25
CA VAL C 112 18.45 -15.80 31.46
C VAL C 112 19.41 -15.95 32.63
N LYS C 113 19.25 -15.09 33.67
CA LYS C 113 20.11 -15.20 34.84
C LYS C 113 19.48 -16.14 35.88
N PRO C 114 20.29 -16.92 36.58
CA PRO C 114 19.76 -17.98 37.43
C PRO C 114 19.42 -17.51 38.84
N ASN C 115 18.69 -18.36 39.56
CA ASN C 115 18.30 -18.10 40.94
C ASN C 115 19.34 -18.76 41.85
N ILE C 116 20.25 -17.95 42.41
CA ILE C 116 21.19 -18.45 43.41
C ILE C 116 20.44 -18.42 44.75
N GLN C 117 19.96 -19.58 45.18
CA GLN C 117 19.11 -19.64 46.37
C GLN C 117 19.85 -19.17 47.61
N ASN C 118 20.97 -19.81 47.93
CA ASN C 118 21.76 -19.48 49.11
C ASN C 118 23.11 -18.93 48.68
N PRO C 119 23.25 -17.61 48.55
CA PRO C 119 24.56 -17.05 48.18
C PRO C 119 25.58 -17.24 49.28
N ASP C 120 26.85 -17.18 48.89
CA ASP C 120 27.98 -17.33 49.79
C ASP C 120 29.22 -16.76 49.14
N PRO C 121 29.29 -15.45 48.93
CA PRO C 121 30.41 -14.88 48.15
C PRO C 121 31.75 -15.18 48.80
N ALA C 122 32.68 -15.69 47.99
CA ALA C 122 33.99 -16.09 48.47
C ALA C 122 35.00 -16.01 47.33
N VAL C 123 36.28 -16.00 47.70
CA VAL C 123 37.39 -15.99 46.76
C VAL C 123 38.44 -16.98 47.26
N TYR C 124 38.87 -17.87 46.38
CA TYR C 124 39.84 -18.91 46.71
C TYR C 124 41.03 -18.83 45.75
N GLN C 125 42.04 -19.65 46.00
CA GLN C 125 43.22 -19.73 45.14
C GLN C 125 43.55 -21.18 44.87
N LEU C 126 43.74 -21.51 43.61
CA LEU C 126 44.08 -22.86 43.17
C LEU C 126 45.54 -22.90 42.72
N ARG C 127 46.11 -24.10 42.70
CA ARG C 127 47.50 -24.30 42.34
C ARG C 127 47.59 -25.23 41.12
N ASP C 128 48.54 -24.93 40.23
CA ASP C 128 48.73 -25.77 39.05
C ASP C 128 49.07 -27.19 39.47
N SER C 129 48.42 -28.16 38.82
CA SER C 129 48.70 -29.58 39.09
C SER C 129 50.13 -29.99 38.74
N LYS C 130 50.86 -29.18 37.96
CA LYS C 130 52.27 -29.44 37.65
C LYS C 130 53.21 -28.60 38.50
N SER C 131 53.16 -27.27 38.33
CA SER C 131 54.00 -26.37 39.11
C SER C 131 53.40 -26.15 40.49
N ASP C 133 54.10 -23.40 41.78
CA ASP C 133 54.17 -21.94 41.88
C ASP C 133 52.99 -21.28 41.16
N LYS C 134 52.75 -21.69 39.91
CA LYS C 134 51.68 -21.11 39.11
C LYS C 134 50.35 -21.26 39.83
N SER C 135 49.57 -20.18 39.88
CA SER C 135 48.37 -20.13 40.69
C SER C 135 47.27 -19.41 39.93
N VAL C 136 46.07 -19.40 40.52
CA VAL C 136 44.91 -18.75 39.92
C VAL C 136 43.88 -18.55 41.01
N CYS C 137 43.07 -17.50 40.87
CA CYS C 137 42.04 -17.18 41.86
C CYS C 137 40.67 -17.55 41.32
N LEU C 138 39.68 -17.60 42.22
CA LEU C 138 38.32 -18.00 41.84
C LEU C 138 37.32 -17.22 42.68
N PHE C 139 36.57 -16.33 42.04
CA PHE C 139 35.46 -15.64 42.69
C PHE C 139 34.18 -16.40 42.36
N THR C 140 33.62 -17.08 43.36
CA THR C 140 32.52 -18.01 43.13
C THR C 140 31.40 -17.79 44.14
N ASP C 141 30.23 -18.37 43.81
CA ASP C 141 29.06 -18.41 44.69
C ASP C 141 28.51 -17.02 45.01
N PHE C 142 28.61 -16.08 44.07
CA PHE C 142 28.06 -14.75 44.29
C PHE C 142 26.66 -14.65 43.68
N ASP C 143 25.97 -13.57 44.04
CA ASP C 143 24.59 -13.37 43.62
C ASP C 143 24.54 -12.99 42.14
N SER C 144 23.42 -13.33 41.50
CA SER C 144 23.25 -13.07 40.07
C SER C 144 23.29 -11.58 39.75
N GLN C 145 23.01 -10.73 40.74
CA GLN C 145 23.03 -9.28 40.54
C GLN C 145 24.43 -8.71 40.49
N THR C 146 25.44 -9.46 40.95
CA THR C 146 26.81 -8.99 40.89
C THR C 146 27.31 -9.02 39.45
N ASN C 147 28.10 -8.01 39.08
CA ASN C 147 28.67 -7.90 37.75
C ASN C 147 30.17 -7.69 37.88
N VAL C 148 30.95 -8.60 37.30
CA VAL C 148 32.40 -8.53 37.35
C VAL C 148 32.90 -7.76 36.13
N SER C 149 33.90 -6.91 36.34
CA SER C 149 34.49 -6.10 35.28
C SER C 149 35.89 -6.57 34.98
N GLN C 150 36.46 -6.03 33.90
CA GLN C 150 37.84 -6.30 33.56
C GLN C 150 38.77 -5.41 34.37
N SER C 151 40.08 -5.65 34.23
CA SER C 151 41.08 -4.93 35.00
C SER C 151 41.87 -4.01 34.08
N LYS C 152 42.02 -2.75 34.49
CA LYS C 152 42.91 -1.84 33.80
C LYS C 152 44.38 -2.14 34.08
N ASP C 153 44.66 -3.11 34.95
CA ASP C 153 46.03 -3.50 35.24
C ASP C 153 46.71 -4.16 34.06
N SER C 154 45.94 -4.63 33.08
CA SER C 154 46.43 -5.31 31.88
C SER C 154 47.20 -6.58 32.22
N ASP C 155 48.20 -6.48 33.09
CA ASP C 155 48.92 -7.67 33.54
C ASP C 155 48.03 -8.60 34.35
N VAL C 156 46.93 -8.10 34.90
CA VAL C 156 45.93 -8.92 35.58
C VAL C 156 44.82 -9.23 34.59
N TYR C 157 44.45 -10.50 34.49
CA TYR C 157 43.40 -10.95 33.58
C TYR C 157 42.22 -11.46 34.41
N ILE C 158 41.08 -10.79 34.28
CA ILE C 158 39.87 -11.14 35.02
C ILE C 158 38.81 -11.57 34.02
N THR C 159 38.31 -12.79 34.17
CA THR C 159 37.32 -13.33 33.25
C THR C 159 35.93 -12.79 33.59
N ASP C 160 34.94 -13.24 32.83
CA ASP C 160 33.56 -12.79 32.99
C ASP C 160 32.79 -13.81 33.83
N LYS C 161 31.52 -13.51 34.07
CA LYS C 161 30.69 -14.38 34.89
C LYS C 161 30.41 -15.69 34.15
N CYS C 162 30.15 -16.74 34.92
CA CYS C 162 29.86 -18.06 34.37
C CYS C 162 28.94 -18.81 35.33
N VAL C 163 27.90 -19.43 34.78
CA VAL C 163 26.89 -20.14 35.57
C VAL C 163 27.01 -21.63 35.26
N LEU C 164 27.40 -22.41 36.27
CA LEU C 164 27.44 -23.86 36.15
C LEU C 164 26.28 -24.47 36.94
N ASP C 165 25.71 -25.54 36.41
CA ASP C 165 24.55 -26.20 37.01
C ASP C 165 24.93 -27.63 37.36
N MET C 166 25.27 -27.85 38.63
CA MET C 166 25.44 -29.21 39.16
C MET C 166 24.06 -29.86 39.21
N ARG C 167 23.74 -30.66 38.20
CA ARG C 167 22.43 -31.29 38.12
C ARG C 167 22.33 -32.42 39.13
N SER C 168 21.08 -32.71 39.54
CA SER C 168 20.75 -33.73 40.53
C SER C 168 21.18 -33.32 41.94
N MET C 169 21.96 -32.24 42.05
CA MET C 169 22.26 -31.65 43.34
C MET C 169 21.45 -30.39 43.60
N ASP C 170 20.70 -29.89 42.62
CA ASP C 170 19.86 -28.71 42.76
C ASP C 170 20.66 -27.51 43.26
N PHE C 171 21.82 -27.29 42.64
CA PHE C 171 22.74 -26.24 43.06
C PHE C 171 23.31 -25.55 41.83
N LYS C 172 22.87 -24.33 41.56
CA LYS C 172 23.49 -23.47 40.57
C LYS C 172 24.41 -22.48 41.27
N SER C 173 25.45 -22.04 40.56
CA SER C 173 26.45 -21.18 41.17
C SER C 173 27.17 -20.36 40.10
N ASN C 174 27.29 -19.06 40.34
CA ASN C 174 28.10 -18.22 39.48
C ASN C 174 29.58 -18.47 39.75
N SER C 175 30.43 -17.95 38.85
CA SER C 175 31.87 -18.12 39.00
C SER C 175 32.58 -17.18 38.03
N ALA C 176 33.76 -16.71 38.45
CA ALA C 176 34.62 -15.86 37.65
C ALA C 176 36.05 -16.08 38.08
N VAL C 177 36.95 -16.18 37.11
CA VAL C 177 38.34 -16.54 37.34
C VAL C 177 39.22 -15.32 37.07
N ALA C 178 40.27 -15.16 37.88
CA ALA C 178 41.28 -14.13 37.65
C ALA C 178 42.66 -14.72 37.90
N TRP C 179 43.64 -14.22 37.16
CA TRP C 179 45.00 -14.70 37.28
C TRP C 179 45.96 -13.60 36.84
N SER C 180 47.18 -13.67 37.34
CA SER C 180 48.23 -12.75 36.96
C SER C 180 49.57 -13.33 37.38
N ASN C 181 50.61 -13.01 36.62
CA ASN C 181 51.96 -13.45 36.94
C ASN C 181 52.80 -12.36 37.59
N LYS C 182 52.25 -11.15 37.75
CA LYS C 182 52.93 -10.14 38.53
C LYS C 182 53.04 -10.58 39.99
N SER C 183 54.24 -10.44 40.56
CA SER C 183 54.50 -10.98 41.90
C SER C 183 53.63 -10.33 42.96
N ASP C 184 53.20 -9.08 42.74
CA ASP C 184 52.36 -8.38 43.69
C ASP C 184 50.88 -8.61 43.37
N PHE C 185 50.48 -9.87 43.47
CA PHE C 185 49.10 -10.27 43.18
C PHE C 185 48.52 -11.01 44.38
N ALA C 186 47.49 -10.42 44.98
CA ALA C 186 46.71 -11.06 46.03
C ALA C 186 45.31 -11.35 45.49
N CYS C 187 44.80 -12.54 45.82
CA CYS C 187 43.52 -12.98 45.24
C CYS C 187 42.38 -12.06 45.63
N ALA C 188 42.25 -11.76 46.93
CA ALA C 188 41.14 -10.92 47.38
C ALA C 188 41.26 -9.50 46.85
N ASN C 189 42.49 -9.01 46.66
CA ASN C 189 42.69 -7.66 46.13
C ASN C 189 42.37 -7.54 44.65
N ALA C 190 41.99 -8.63 43.98
CA ALA C 190 41.77 -8.61 42.54
C ALA C 190 40.33 -8.26 42.18
N PHE C 191 39.38 -9.04 42.69
CA PHE C 191 37.99 -8.86 42.29
C PHE C 191 37.35 -7.63 42.95
N ASN C 192 37.92 -7.12 44.04
CA ASN C 192 37.29 -6.02 44.75
C ASN C 192 37.24 -4.74 43.90
N ASN C 193 38.20 -4.56 42.99
CA ASN C 193 38.15 -3.46 42.04
C ASN C 193 37.20 -3.72 40.89
N SER C 194 36.73 -4.96 40.72
CA SER C 194 35.83 -5.33 39.63
C SER C 194 34.44 -5.72 40.14
N ILE C 195 34.10 -5.35 41.37
CA ILE C 195 32.81 -5.68 41.99
C ILE C 195 32.58 -7.19 41.99
N GLY D 1 21.50 -35.11 6.01
CA GLY D 1 21.67 -33.96 6.86
C GLY D 1 22.71 -32.98 6.35
N ILE D 2 22.43 -31.68 6.50
CA ILE D 2 23.38 -30.66 6.09
C ILE D 2 24.63 -30.78 6.96
N THR D 3 25.79 -30.81 6.32
CA THR D 3 27.06 -30.81 7.02
C THR D 3 28.04 -29.92 6.27
N GLN D 4 28.94 -29.30 7.01
CA GLN D 4 29.92 -28.37 6.45
C GLN D 4 31.32 -28.88 6.65
N SER D 5 32.21 -28.48 5.76
CA SER D 5 33.62 -28.87 5.82
C SER D 5 34.43 -27.91 4.98
N PRO D 6 35.43 -27.26 5.59
CA PRO D 6 35.85 -27.46 6.97
C PRO D 6 34.92 -26.82 8.00
N ARG D 7 35.16 -27.10 9.28
CA ARG D 7 34.46 -26.41 10.36
C ARG D 7 35.25 -25.21 10.87
N TYR D 8 36.57 -25.26 10.78
CA TYR D 8 37.43 -24.13 11.06
C TYR D 8 38.43 -24.01 9.92
N LYS D 9 38.91 -22.78 9.68
CA LYS D 9 39.82 -22.57 8.57
C LYS D 9 40.61 -21.29 8.79
N ILE D 10 41.93 -21.40 8.76
CA ILE D 10 42.82 -20.25 8.72
C ILE D 10 43.44 -20.20 7.34
N THR D 11 43.17 -19.11 6.62
CA THR D 11 43.76 -18.87 5.31
C THR D 11 44.54 -17.57 5.33
N GLU D 12 45.40 -17.41 4.33
CA GLU D 12 46.19 -16.20 4.21
C GLU D 12 45.44 -15.18 3.35
N THR D 13 45.91 -13.93 3.39
CA THR D 13 45.28 -12.87 2.62
C THR D 13 45.56 -13.07 1.13
N GLY D 14 44.53 -12.87 0.31
CA GLY D 14 44.64 -13.00 -1.13
C GLY D 14 44.53 -14.41 -1.66
N ARG D 15 44.46 -15.42 -0.80
CA ARG D 15 44.37 -16.80 -1.25
C ARG D 15 42.93 -17.15 -1.61
N GLN D 16 42.77 -18.27 -2.30
CA GLN D 16 41.47 -18.74 -2.75
C GLN D 16 41.10 -19.99 -1.96
N VAL D 17 40.06 -19.90 -1.14
CA VAL D 17 39.58 -21.03 -0.35
C VAL D 17 38.10 -21.24 -0.64
N THR D 18 37.69 -22.51 -0.62
CA THR D 18 36.32 -22.90 -0.94
C THR D 18 35.76 -23.74 0.20
N LEU D 19 34.70 -23.25 0.83
CA LEU D 19 34.00 -24.00 1.87
C LEU D 19 32.91 -24.84 1.24
N MET D 20 32.76 -26.07 1.73
CA MET D 20 31.85 -27.04 1.16
C MET D 20 30.66 -27.28 2.08
N CYS D 21 29.50 -27.57 1.47
CA CYS D 21 28.28 -27.91 2.20
C CYS D 21 27.62 -29.10 1.52
N HIS D 22 27.46 -30.19 2.25
CA HIS D 22 26.92 -31.44 1.71
C HIS D 22 25.61 -31.77 2.41
N GLN D 23 24.58 -32.07 1.63
CA GLN D 23 23.28 -32.47 2.16
C GLN D 23 22.82 -33.75 1.51
N THR D 24 22.22 -34.64 2.30
CA THR D 24 21.70 -35.91 1.83
C THR D 24 20.19 -35.93 1.74
N TRP D 25 19.52 -34.85 2.13
CA TRP D 25 18.07 -34.77 2.08
C TRP D 25 17.52 -34.57 0.67
N SER D 26 18.39 -34.45 -0.33
CA SER D 26 17.99 -34.18 -1.71
C SER D 26 17.16 -32.90 -1.81
N HIS D 27 17.41 -31.94 -0.92
CA HIS D 27 16.68 -30.67 -0.95
C HIS D 27 17.04 -29.88 -2.20
N SER D 28 16.06 -29.11 -2.68
CA SER D 28 16.29 -28.34 -3.89
C SER D 28 17.00 -27.03 -3.61
N TYR D 29 16.64 -26.35 -2.53
CA TYR D 29 17.19 -25.05 -2.19
C TYR D 29 18.37 -25.21 -1.25
N MET D 30 19.41 -24.39 -1.47
CA MET D 30 20.55 -24.31 -0.58
C MET D 30 20.98 -22.86 -0.45
N PHE D 31 21.55 -22.51 0.70
CA PHE D 31 21.89 -21.13 1.01
C PHE D 31 23.23 -21.07 1.71
N TRP D 32 23.95 -19.97 1.48
CA TRP D 32 25.20 -19.67 2.18
C TRP D 32 25.07 -18.30 2.84
N TYR D 33 25.27 -18.24 4.14
CA TYR D 33 25.19 -17.00 4.92
C TYR D 33 26.54 -16.71 5.58
N ARG D 34 26.65 -15.52 6.16
CA ARG D 34 27.78 -15.15 7.00
C ARG D 34 27.26 -14.32 8.15
N GLN D 35 27.52 -14.78 9.37
CA GLN D 35 26.98 -14.13 10.57
C GLN D 35 28.10 -13.37 11.28
N ASP D 36 27.94 -12.06 11.36
CA ASP D 36 28.85 -11.18 12.08
C ASP D 36 28.10 -10.48 13.21
N LEU D 37 28.82 -9.65 13.95
CA LEU D 37 28.20 -8.91 15.04
C LEU D 37 27.48 -7.69 14.49
N GLY D 38 26.21 -7.54 14.86
CA GLY D 38 25.42 -6.39 14.47
C GLY D 38 24.70 -6.52 13.14
N HIS D 39 25.07 -7.50 12.31
CA HIS D 39 24.41 -7.69 11.03
C HIS D 39 23.53 -8.92 10.97
N GLY D 40 23.63 -9.82 11.95
CA GLY D 40 22.89 -11.06 11.86
C GLY D 40 23.32 -11.87 10.65
N LEU D 41 22.40 -12.73 10.19
CA LEU D 41 22.65 -13.53 9.01
C LEU D 41 22.51 -12.67 7.76
N ARG D 42 23.42 -12.87 6.80
CA ARG D 42 23.37 -12.14 5.54
C ARG D 42 23.62 -13.12 4.41
N LEU D 43 22.70 -13.15 3.44
CA LEU D 43 22.78 -14.10 2.35
C LEU D 43 23.89 -13.71 1.37
N ILE D 44 24.79 -14.64 1.11
CA ILE D 44 25.87 -14.44 0.14
C ILE D 44 25.40 -14.88 -1.24
N TYR D 45 25.08 -16.16 -1.37
CA TYR D 45 24.49 -16.72 -2.58
C TYR D 45 23.47 -17.77 -2.17
N TYR D 46 22.71 -18.25 -3.14
CA TYR D 46 21.77 -19.34 -2.89
C TYR D 46 21.39 -19.98 -4.23
N SER D 47 20.74 -21.13 -4.14
CA SER D 47 20.47 -21.96 -5.31
C SER D 47 19.09 -22.58 -5.20
N ALA D 48 18.19 -22.23 -6.13
CA ALA D 48 16.85 -22.81 -6.12
C ALA D 48 16.87 -24.29 -6.52
N ALA D 49 17.76 -24.66 -7.43
CA ALA D 49 17.89 -26.05 -7.86
C ALA D 49 19.26 -26.21 -8.50
N ALA D 50 19.58 -27.43 -8.94
CA ALA D 50 20.86 -27.69 -9.55
C ALA D 50 21.02 -26.87 -10.83
N ASP D 51 22.26 -26.42 -11.08
CA ASP D 51 22.60 -25.59 -12.23
C ASP D 51 21.85 -24.26 -12.21
N ILE D 52 21.50 -23.78 -11.02
CA ILE D 52 20.82 -22.51 -10.83
C ILE D 52 21.43 -21.81 -9.63
N THR D 53 21.91 -20.58 -9.83
CA THR D 53 22.54 -19.83 -8.76
C THR D 53 22.14 -18.36 -8.86
N ASP D 54 21.94 -17.73 -7.71
CA ASP D 54 21.58 -16.31 -7.65
C ASP D 54 22.29 -15.62 -6.50
N LYS D 55 22.34 -14.30 -6.55
CA LYS D 55 23.11 -13.53 -5.59
C LYS D 55 22.24 -13.13 -4.39
N GLY D 56 22.90 -12.77 -3.30
CA GLY D 56 22.18 -12.29 -2.12
C GLY D 56 22.63 -10.94 -1.63
N GLU D 57 22.55 -10.70 -0.33
CA GLU D 57 22.89 -9.38 0.18
C GLU D 57 24.39 -9.09 0.07
N VAL D 58 25.24 -10.08 0.37
CA VAL D 58 26.68 -9.89 0.34
C VAL D 58 27.31 -10.82 -0.69
N PRO D 59 27.12 -10.61 -1.99
CA PRO D 59 27.69 -11.50 -3.00
C PRO D 59 29.05 -11.07 -3.54
N ASP D 60 29.59 -9.95 -3.08
CA ASP D 60 30.87 -9.44 -3.58
C ASP D 60 32.02 -10.09 -2.81
N GLY D 61 33.04 -10.51 -3.55
CA GLY D 61 34.14 -11.25 -2.97
C GLY D 61 33.92 -12.75 -2.89
N TYR D 62 32.78 -13.24 -3.36
CA TYR D 62 32.45 -14.66 -3.34
C TYR D 62 31.92 -15.08 -4.71
N VAL D 63 32.11 -16.37 -5.00
CA VAL D 63 31.42 -17.05 -6.10
C VAL D 63 30.89 -18.36 -5.54
N VAL D 64 30.06 -19.03 -6.34
CA VAL D 64 29.40 -20.24 -5.90
C VAL D 64 29.09 -21.12 -7.12
N SER D 65 28.82 -22.39 -6.86
CA SER D 65 28.53 -23.37 -7.91
C SER D 65 27.53 -24.37 -7.36
N ARG D 66 26.76 -25.00 -8.25
CA ARG D 66 25.82 -26.04 -7.83
C ARG D 66 25.51 -26.92 -9.04
N SER D 67 26.36 -27.92 -9.26
CA SER D 67 26.16 -28.87 -10.34
C SER D 67 25.40 -30.12 -9.89
N LYS D 68 25.05 -30.22 -8.62
CA LYS D 68 24.30 -31.36 -8.12
C LYS D 68 23.47 -30.92 -6.92
N THR D 69 22.40 -31.65 -6.65
CA THR D 69 21.53 -31.30 -5.52
C THR D 69 22.18 -31.60 -4.18
N GLU D 70 23.43 -32.09 -4.14
CA GLU D 70 24.09 -32.45 -2.89
C GLU D 70 25.05 -31.39 -2.38
N ASN D 71 25.80 -30.75 -3.28
CA ASN D 71 26.91 -29.90 -2.89
C ASN D 71 26.68 -28.47 -3.35
N PHE D 72 26.95 -27.52 -2.46
CA PHE D 72 26.83 -26.09 -2.74
C PHE D 72 28.10 -25.41 -2.26
N PRO D 73 29.19 -25.50 -3.02
CA PRO D 73 30.48 -24.97 -2.57
C PRO D 73 30.55 -23.45 -2.67
N LEU D 74 30.65 -22.79 -1.53
CA LEU D 74 30.99 -21.38 -1.47
C LEU D 74 32.50 -21.21 -1.61
N THR D 75 32.93 -20.30 -2.48
CA THR D 75 34.34 -20.13 -2.80
C THR D 75 34.71 -18.65 -2.70
N LEU D 76 35.65 -18.34 -1.82
CA LEU D 76 36.25 -17.01 -1.80
C LEU D 76 37.22 -16.87 -2.96
N GLU D 77 37.05 -15.82 -3.77
CA GLU D 77 37.96 -15.61 -4.90
C GLU D 77 39.33 -15.17 -4.40
N SER D 78 39.39 -13.98 -3.80
CA SER D 78 40.60 -13.47 -3.18
C SER D 78 40.28 -13.11 -1.74
N ALA D 79 40.96 -13.78 -0.80
CA ALA D 79 40.63 -13.66 0.61
C ALA D 79 40.99 -12.28 1.12
N THR D 80 39.99 -11.54 1.59
CA THR D 80 40.19 -10.28 2.26
C THR D 80 39.96 -10.46 3.75
N ARG D 81 40.63 -9.62 4.56
CA ARG D 81 40.43 -9.70 6.00
C ARG D 81 39.01 -9.38 6.41
N SER D 82 38.26 -8.65 5.58
CA SER D 82 36.85 -8.40 5.86
C SER D 82 36.01 -9.67 5.77
N GLN D 83 36.54 -10.75 5.19
CA GLN D 83 35.81 -12.00 5.04
C GLN D 83 35.95 -12.93 6.24
N THR D 84 36.59 -12.48 7.31
CA THR D 84 36.66 -13.25 8.55
C THR D 84 35.29 -13.25 9.20
N SER D 85 34.58 -14.37 9.10
CA SER D 85 33.21 -14.47 9.63
C SER D 85 32.92 -15.94 9.94
N VAL D 86 31.71 -16.19 10.40
CA VAL D 86 31.20 -17.54 10.59
C VAL D 86 30.21 -17.82 9.47
N TYR D 87 30.51 -18.81 8.64
CA TYR D 87 29.74 -19.09 7.44
C TYR D 87 28.77 -20.24 7.71
N PHE D 88 27.49 -20.00 7.49
CA PHE D 88 26.44 -20.98 7.71
C PHE D 88 25.79 -21.38 6.39
N CYS D 89 25.42 -22.65 6.30
CA CYS D 89 24.80 -23.21 5.11
C CYS D 89 23.46 -23.82 5.49
N ALA D 90 22.45 -23.56 4.67
CA ALA D 90 21.09 -24.05 4.93
C ALA D 90 20.55 -24.74 3.69
N SER D 91 19.42 -25.42 3.86
CA SER D 91 18.74 -26.07 2.74
C SER D 91 17.25 -26.15 3.04
N SER D 92 16.47 -26.33 1.98
CA SER D 92 15.02 -26.39 2.09
C SER D 92 14.47 -27.33 1.03
N GLY D 93 13.61 -28.26 1.45
CA GLY D 93 12.87 -29.07 0.50
C GLY D 93 11.70 -28.28 -0.05
N VAL D 94 10.83 -27.83 0.84
CA VAL D 94 9.77 -26.89 0.51
C VAL D 94 9.82 -25.73 1.49
N PRO D 95 10.40 -24.58 1.09
CA PRO D 95 10.55 -23.36 1.90
C PRO D 95 9.23 -22.90 2.51
N PRO D 96 9.26 -22.01 3.51
CA PRO D 96 10.37 -21.19 4.03
C PRO D 96 11.32 -21.87 5.01
N VAL D 97 10.91 -22.99 5.62
CA VAL D 97 11.72 -23.58 6.69
C VAL D 97 13.06 -24.01 6.14
N GLN D 98 14.12 -23.67 6.87
CA GLN D 98 15.48 -23.99 6.46
C GLN D 98 16.17 -24.80 7.56
N PHE D 99 17.12 -25.63 7.14
CA PHE D 99 17.89 -26.50 8.03
C PHE D 99 19.36 -26.09 7.94
N PHE D 100 19.86 -25.44 8.97
CA PHE D 100 21.21 -24.90 8.96
C PHE D 100 22.23 -25.96 9.38
N GLY D 101 23.49 -25.70 9.03
CA GLY D 101 24.59 -26.58 9.35
C GLY D 101 25.28 -26.19 10.64
N PRO D 102 26.41 -26.85 10.94
CA PRO D 102 27.13 -26.52 12.17
C PRO D 102 27.89 -25.21 12.10
N GLY D 103 28.09 -24.67 10.90
CA GLY D 103 28.85 -23.45 10.75
C GLY D 103 30.32 -23.71 10.46
N THR D 104 30.95 -22.68 9.90
CA THR D 104 32.38 -22.71 9.59
C THR D 104 32.98 -21.39 10.04
N ARG D 105 34.00 -21.46 10.90
CA ARG D 105 34.71 -20.28 11.37
C ARG D 105 35.95 -20.07 10.51
N LEU D 106 35.92 -19.05 9.66
CA LEU D 106 37.04 -18.72 8.79
C LEU D 106 37.76 -17.49 9.32
N THR D 107 39.09 -17.54 9.31
CA THR D 107 39.92 -16.45 9.80
C THR D 107 40.96 -16.11 8.75
N VAL D 108 40.82 -14.94 8.13
CA VAL D 108 41.76 -14.47 7.13
C VAL D 108 42.84 -13.65 7.84
N LEU D 109 44.08 -14.09 7.74
CA LEU D 109 45.22 -13.44 8.38
C LEU D 109 46.21 -12.96 7.33
N GLU D 110 46.99 -11.94 7.71
CA GLU D 110 48.03 -11.42 6.81
C GLU D 110 49.18 -12.41 6.68
N ASP D 111 49.81 -12.74 7.81
CA ASP D 111 50.85 -13.76 7.85
C ASP D 111 50.45 -14.83 8.84
N LEU D 112 50.70 -16.08 8.48
CA LEU D 112 50.36 -17.21 9.34
C LEU D 112 51.29 -17.37 10.52
N ASN D 113 52.31 -16.51 10.66
CA ASN D 113 53.22 -16.59 11.79
C ASN D 113 52.57 -16.12 13.09
N LYS D 114 51.43 -15.44 13.02
CA LYS D 114 50.70 -15.06 14.23
C LYS D 114 49.90 -16.22 14.82
N VAL D 115 49.82 -17.34 14.11
CA VAL D 115 49.06 -18.50 14.59
C VAL D 115 49.89 -19.23 15.63
N PHE D 116 49.40 -19.27 16.88
CA PHE D 116 50.07 -19.96 17.96
C PHE D 116 49.13 -21.00 18.57
N PRO D 117 49.66 -22.15 18.99
CA PRO D 117 48.83 -23.15 19.65
C PRO D 117 48.56 -22.76 21.09
N PRO D 118 47.56 -23.36 21.73
CA PRO D 118 47.25 -23.03 23.13
C PRO D 118 48.10 -23.80 24.13
N GLU D 119 48.26 -23.19 25.30
CA GLU D 119 48.92 -23.81 26.44
C GLU D 119 47.88 -24.06 27.52
N VAL D 120 47.69 -25.33 27.87
CA VAL D 120 46.62 -25.75 28.79
C VAL D 120 47.23 -26.18 30.11
N ALA D 121 46.55 -25.83 31.20
CA ALA D 121 47.00 -26.16 32.54
C ALA D 121 45.78 -26.31 33.43
N VAL D 122 45.81 -27.31 34.32
CA VAL D 122 44.73 -27.59 35.25
C VAL D 122 45.12 -27.09 36.64
N PHE D 123 44.18 -26.46 37.32
CA PHE D 123 44.39 -25.96 38.67
C PHE D 123 43.41 -26.66 39.61
N GLU D 124 43.97 -27.22 40.74
CA GLU D 124 43.33 -28.11 41.70
C GLU D 124 42.55 -27.32 42.76
N PRO D 125 41.44 -27.90 43.23
CA PRO D 125 40.59 -27.19 44.19
C PRO D 125 41.35 -26.84 45.46
N SER D 126 40.93 -25.74 46.09
CA SER D 126 41.54 -25.27 47.32
C SER D 126 40.85 -25.92 48.52
N GLU D 127 41.63 -26.18 49.58
CA GLU D 127 41.07 -26.82 50.75
C GLU D 127 40.02 -25.94 51.42
N ALA D 128 40.16 -24.62 51.30
CA ALA D 128 39.18 -23.72 51.91
C ALA D 128 37.80 -23.92 51.32
N GLU D 129 37.72 -24.22 50.01
CA GLU D 129 36.43 -24.47 49.39
C GLU D 129 35.85 -25.80 49.86
N ILE D 130 36.69 -26.83 50.00
CA ILE D 130 36.19 -28.13 50.42
C ILE D 130 35.68 -28.09 51.86
N SER D 131 36.22 -27.19 52.68
CA SER D 131 35.75 -27.08 54.06
C SER D 131 34.49 -26.22 54.15
N HIS D 132 34.50 -25.05 53.50
CA HIS D 132 33.37 -24.13 53.62
C HIS D 132 32.16 -24.61 52.82
N THR D 133 32.38 -25.05 51.58
CA THR D 133 31.28 -25.41 50.70
C THR D 133 31.08 -26.92 50.55
N GLN D 134 32.02 -27.73 51.01
CA GLN D 134 31.98 -29.18 50.83
C GLN D 134 31.87 -29.56 49.35
N LYS D 135 32.47 -28.76 48.48
CA LYS D 135 32.45 -29.00 47.03
C LYS D 135 33.79 -28.62 46.45
N ALA D 136 34.15 -29.27 45.33
CA ALA D 136 35.44 -29.09 44.69
C ALA D 136 35.26 -28.47 43.31
N THR D 137 36.00 -27.39 43.05
CA THR D 137 35.98 -26.71 41.76
C THR D 137 37.38 -26.76 41.17
N LEU D 138 37.50 -27.31 39.96
CA LEU D 138 38.74 -27.31 39.21
C LEU D 138 38.69 -26.25 38.14
N VAL D 139 39.80 -25.53 37.96
CA VAL D 139 39.90 -24.43 37.00
C VAL D 139 40.90 -24.82 35.92
N CYS D 140 40.47 -24.69 34.66
CA CYS D 140 41.32 -24.96 33.52
C CYS D 140 41.61 -23.66 32.77
N LEU D 141 42.86 -23.48 32.37
CA LEU D 141 43.28 -22.26 31.69
C LEU D 141 43.97 -22.64 30.38
N ALA D 142 43.58 -21.98 29.30
CA ALA D 142 44.16 -22.20 27.97
C ALA D 142 44.61 -20.85 27.44
N THR D 143 45.92 -20.64 27.38
CA THR D 143 46.50 -19.33 27.09
C THR D 143 47.39 -19.38 25.84
N GLY D 144 47.52 -18.21 25.20
CA GLY D 144 48.52 -18.02 24.17
C GLY D 144 48.18 -18.57 22.80
N PHE D 145 46.91 -18.74 22.47
CA PHE D 145 46.54 -19.26 21.16
C PHE D 145 45.98 -18.14 20.29
N PHE D 146 46.05 -18.35 18.98
CA PHE D 146 45.52 -17.41 18.00
C PHE D 146 45.40 -18.10 16.65
N PRO D 147 44.25 -17.95 15.97
CA PRO D 147 43.04 -17.26 16.43
C PRO D 147 42.20 -18.09 17.38
N ASP D 148 40.97 -17.67 17.64
CA ASP D 148 40.10 -18.32 18.62
C ASP D 148 39.36 -19.51 18.00
N HIS D 149 40.14 -20.51 17.60
CA HIS D 149 39.62 -21.77 17.07
C HIS D 149 39.92 -22.85 18.10
N VAL D 150 39.09 -22.91 19.15
CA VAL D 150 39.30 -23.86 20.23
C VAL D 150 37.96 -24.47 20.62
N GLU D 151 38.04 -25.66 21.22
CA GLU D 151 36.86 -26.34 21.78
C GLU D 151 37.31 -27.06 23.05
N LEU D 152 37.00 -26.48 24.21
CA LEU D 152 37.42 -27.03 25.49
C LEU D 152 36.38 -28.02 26.01
N SER D 153 36.87 -29.15 26.51
CA SER D 153 36.01 -30.18 27.08
C SER D 153 36.62 -30.67 28.38
N TRP D 154 35.79 -31.33 29.19
CA TRP D 154 36.19 -31.90 30.46
C TRP D 154 36.00 -33.41 30.41
N TRP D 155 36.95 -34.15 30.98
CA TRP D 155 36.92 -35.61 30.95
C TRP D 155 37.18 -36.16 32.34
N VAL D 156 36.18 -36.85 32.90
CA VAL D 156 36.27 -37.45 34.22
C VAL D 156 36.09 -38.96 34.07
N ASN D 157 37.10 -39.72 34.48
CA ASN D 157 37.08 -41.18 34.39
C ASN D 157 36.80 -41.63 32.96
N GLY D 158 37.49 -40.99 32.01
CA GLY D 158 37.39 -41.35 30.61
C GLY D 158 36.13 -40.91 29.91
N LYS D 159 35.16 -40.34 30.62
CA LYS D 159 33.93 -39.86 30.01
C LYS D 159 33.92 -38.34 29.99
N GLU D 160 33.26 -37.78 28.98
CA GLU D 160 33.12 -36.33 28.87
C GLU D 160 31.93 -35.86 29.71
N VAL D 161 32.18 -34.89 30.57
CA VAL D 161 31.14 -34.38 31.47
C VAL D 161 30.66 -33.03 30.97
N HIS D 162 29.43 -32.69 31.33
CA HIS D 162 28.87 -31.37 31.03
C HIS D 162 28.24 -30.78 32.27
N SER D 163 27.75 -31.64 33.17
CA SER D 163 27.21 -31.17 34.43
C SER D 163 28.32 -30.54 35.26
N GLY D 164 28.00 -29.41 35.89
CA GLY D 164 28.98 -28.69 36.69
C GLY D 164 30.09 -28.04 35.90
N VAL D 165 29.97 -28.00 34.58
CA VAL D 165 30.98 -27.40 33.71
C VAL D 165 30.52 -26.01 33.31
N CYS D 166 31.46 -25.07 33.23
CA CYS D 166 31.18 -23.72 32.76
C CYS D 166 32.41 -23.18 32.06
N THR D 167 32.30 -22.90 30.77
CA THR D 167 33.38 -22.32 29.98
C THR D 167 33.04 -20.88 29.61
N ASP D 168 34.05 -20.02 29.61
CA ASP D 168 33.82 -18.61 29.31
C ASP D 168 33.20 -18.47 27.93
N PRO D 169 32.19 -17.59 27.77
CA PRO D 169 31.58 -17.43 26.45
C PRO D 169 32.50 -16.79 25.42
N GLN D 170 33.44 -15.96 25.86
CA GLN D 170 34.36 -15.27 24.98
C GLN D 170 35.77 -15.36 25.55
N PRO D 171 36.78 -15.42 24.69
CA PRO D 171 38.17 -15.44 25.16
C PRO D 171 38.72 -14.05 25.44
N LEU D 172 39.67 -14.00 26.38
CA LEU D 172 40.32 -12.76 26.78
C LEU D 172 41.54 -12.49 25.90
N LYS D 173 41.70 -11.23 25.50
CA LYS D 173 42.90 -10.80 24.80
C LYS D 173 44.04 -10.66 25.82
N GLU D 174 45.10 -11.45 25.64
CA GLU D 174 46.25 -11.32 26.52
C GLU D 174 46.90 -9.96 26.37
N GLN D 175 46.96 -9.45 25.14
CA GLN D 175 47.41 -8.09 24.88
C GLN D 175 46.19 -7.28 24.45
N PRO D 176 45.39 -6.78 25.39
CA PRO D 176 44.07 -6.22 25.03
C PRO D 176 44.11 -5.13 23.98
N ALA D 177 45.20 -4.40 23.87
CA ALA D 177 45.30 -3.29 22.95
C ALA D 177 45.78 -3.69 21.56
N LEU D 178 45.97 -4.98 21.31
CA LEU D 178 46.44 -5.46 20.01
C LEU D 178 45.29 -6.11 19.25
N ASN D 179 45.18 -5.78 17.97
CA ASN D 179 44.15 -6.42 17.13
C ASN D 179 44.50 -7.86 16.83
N ASP D 180 45.79 -8.19 16.75
CA ASP D 180 46.26 -9.56 16.54
C ASP D 180 46.74 -10.18 17.84
N SER D 181 46.07 -9.87 18.95
CA SER D 181 46.48 -10.38 20.25
C SER D 181 46.17 -11.87 20.37
N ARG D 182 46.98 -12.56 21.17
CA ARG D 182 46.73 -13.94 21.50
C ARG D 182 45.66 -14.02 22.60
N TYR D 183 44.96 -15.14 22.64
CA TYR D 183 43.76 -15.27 23.47
C TYR D 183 44.01 -16.22 24.65
N ALA D 184 43.17 -16.06 25.67
CA ALA D 184 43.16 -16.93 26.84
C ALA D 184 41.72 -17.34 27.14
N LEU D 185 41.55 -18.55 27.66
CA LEU D 185 40.22 -19.07 27.95
C LEU D 185 40.25 -19.84 29.27
N SER D 186 39.21 -19.66 30.08
CA SER D 186 39.08 -20.36 31.35
C SER D 186 37.81 -21.19 31.36
N SER D 187 37.81 -22.25 32.16
CA SER D 187 36.65 -23.11 32.32
C SER D 187 36.70 -23.74 33.69
N ARG D 188 35.53 -24.10 34.21
CA ARG D 188 35.42 -24.63 35.56
C ARG D 188 34.60 -25.92 35.56
N LEU D 189 34.98 -26.82 36.45
CA LEU D 189 34.29 -28.10 36.66
C LEU D 189 34.11 -28.29 38.17
N ARG D 190 32.88 -28.20 38.64
CA ARG D 190 32.59 -28.34 40.06
C ARG D 190 32.05 -29.74 40.34
N VAL D 191 32.78 -30.48 41.16
CA VAL D 191 32.38 -31.82 41.58
C VAL D 191 32.30 -31.83 43.10
N SER D 192 31.57 -32.81 43.63
CA SER D 192 31.42 -32.93 45.07
C SER D 192 32.79 -33.14 45.72
N ALA D 193 32.90 -32.73 46.99
CA ALA D 193 34.18 -32.81 47.69
C ALA D 193 34.69 -34.25 47.73
N THR D 194 33.92 -35.15 48.35
CA THR D 194 34.34 -36.53 48.51
C THR D 194 34.71 -37.21 47.19
N PHE D 195 34.28 -36.67 46.05
CA PHE D 195 34.69 -37.21 44.76
C PHE D 195 36.14 -36.84 44.45
N TRP D 196 36.48 -35.56 44.62
CA TRP D 196 37.87 -35.15 44.47
C TRP D 196 38.74 -35.72 45.59
N GLN D 197 38.15 -35.93 46.77
CA GLN D 197 38.91 -36.52 47.87
C GLN D 197 39.35 -37.95 47.55
N ASN D 198 38.66 -38.63 46.64
CA ASN D 198 39.04 -39.98 46.26
C ASN D 198 40.15 -39.94 45.22
N PRO D 199 41.31 -40.55 45.48
CA PRO D 199 42.41 -40.53 44.50
C PRO D 199 42.27 -41.53 43.37
N ARG D 200 41.15 -42.25 43.28
CA ARG D 200 40.92 -43.19 42.19
C ARG D 200 40.32 -42.53 40.96
N ASN D 201 39.90 -41.27 41.05
CA ASN D 201 39.22 -40.58 39.96
C ASN D 201 40.21 -39.71 39.19
N HIS D 202 39.99 -39.59 37.89
CA HIS D 202 40.87 -38.85 37.00
C HIS D 202 40.12 -37.67 36.40
N PHE D 203 40.78 -36.51 36.38
CA PHE D 203 40.24 -35.30 35.78
C PHE D 203 41.18 -34.83 34.68
N ARG D 204 40.63 -34.55 33.50
CA ARG D 204 41.41 -34.01 32.40
C ARG D 204 40.67 -32.86 31.73
N CYS D 205 41.41 -31.80 31.43
CA CYS D 205 40.93 -30.68 30.61
C CYS D 205 41.56 -30.78 29.23
N GLN D 206 40.72 -30.73 28.20
CA GLN D 206 41.14 -30.96 26.83
C GLN D 206 40.78 -29.77 25.96
N VAL D 207 41.70 -29.37 25.09
CA VAL D 207 41.50 -28.24 24.20
C VAL D 207 41.85 -28.66 22.78
N GLN D 208 40.86 -28.68 21.90
CA GLN D 208 41.07 -29.01 20.49
C GLN D 208 41.31 -27.72 19.72
N PHE D 209 42.55 -27.52 19.30
CA PHE D 209 42.94 -26.32 18.56
C PHE D 209 42.89 -26.60 17.06
N TYR D 210 42.21 -25.75 16.32
CA TYR D 210 42.09 -25.87 14.86
C TYR D 210 43.03 -24.84 14.24
N GLY D 211 44.20 -25.29 13.82
CA GLY D 211 45.21 -24.37 13.33
C GLY D 211 45.48 -24.50 11.84
N LEU D 212 46.76 -24.59 11.48
CA LEU D 212 47.17 -24.69 10.09
C LEU D 212 47.02 -26.13 9.59
N SER D 213 47.07 -26.28 8.27
CA SER D 213 46.96 -27.57 7.63
C SER D 213 48.33 -28.04 7.16
N GLU D 214 48.42 -29.32 6.82
CA GLU D 214 49.67 -29.90 6.34
C GLU D 214 50.07 -29.39 4.95
N ASN D 215 49.23 -28.55 4.34
CA ASN D 215 49.54 -27.93 3.05
C ASN D 215 50.03 -26.50 3.20
N ASP D 216 49.61 -25.79 4.25
CA ASP D 216 50.07 -24.42 4.49
C ASP D 216 51.57 -24.42 4.77
N GLU D 217 52.32 -23.70 3.93
CA GLU D 217 53.76 -23.67 4.07
C GLU D 217 54.16 -23.00 5.39
N TRP D 218 55.30 -23.42 5.94
CA TRP D 218 55.78 -22.91 7.22
C TRP D 218 57.30 -22.70 7.11
N THR D 219 57.71 -21.44 6.97
CA THR D 219 59.11 -21.10 6.79
C THR D 219 59.79 -20.72 8.09
N GLN D 220 59.06 -20.65 9.20
CA GLN D 220 59.65 -20.27 10.48
C GLN D 220 60.31 -21.47 11.15
N ASP D 221 61.03 -21.19 12.24
CA ASP D 221 61.68 -22.23 13.03
C ASP D 221 60.75 -22.86 14.07
N ARG D 222 59.82 -22.09 14.63
CA ARG D 222 58.84 -22.63 15.55
C ARG D 222 58.04 -23.75 14.90
N ALA D 223 57.64 -24.73 15.71
CA ALA D 223 56.82 -25.83 15.21
C ALA D 223 55.54 -25.30 14.58
N LYS D 224 55.14 -25.92 13.47
CA LYS D 224 53.98 -25.48 12.72
C LYS D 224 52.73 -25.62 13.58
N PRO D 225 51.96 -24.55 13.81
CA PRO D 225 50.75 -24.61 14.65
C PRO D 225 49.59 -25.30 13.94
N VAL D 226 49.72 -26.61 13.76
CA VAL D 226 48.71 -27.39 13.06
C VAL D 226 47.57 -27.70 14.01
N THR D 227 46.47 -28.22 13.46
CA THR D 227 45.36 -28.69 14.28
C THR D 227 45.86 -29.78 15.23
N GLN D 228 45.64 -29.56 16.52
CA GLN D 228 46.22 -30.43 17.55
C GLN D 228 45.37 -30.33 18.80
N ILE D 229 45.64 -31.23 19.74
CA ILE D 229 44.95 -31.31 21.02
C ILE D 229 45.99 -31.13 22.12
N VAL D 230 45.80 -30.12 22.97
CA VAL D 230 46.65 -29.87 24.12
C VAL D 230 45.81 -30.12 25.36
N SER D 231 46.30 -30.99 26.25
CA SER D 231 45.55 -31.48 27.40
C SER D 231 46.27 -31.12 28.71
N ALA D 232 45.62 -31.45 29.82
CA ALA D 232 46.18 -31.28 31.15
C ALA D 232 45.32 -32.09 32.09
N GLU D 233 45.96 -32.86 32.97
CA GLU D 233 45.27 -33.83 33.80
C GLU D 233 45.57 -33.56 35.27
N ALA D 234 44.83 -34.28 36.13
CA ALA D 234 44.99 -34.19 37.57
C ALA D 234 44.33 -35.40 38.20
N TRP D 235 44.84 -35.81 39.36
CA TRP D 235 44.31 -36.94 40.09
C TRP D 235 43.81 -36.49 41.46
N GLY D 236 42.81 -37.19 41.98
CA GLY D 236 42.25 -36.85 43.27
C GLY D 236 43.25 -37.02 44.40
N ARG D 237 43.12 -36.18 45.42
CA ARG D 237 44.00 -36.17 46.57
C ARG D 237 43.19 -36.28 47.85
N ALA D 238 43.81 -36.84 48.89
CA ALA D 238 43.17 -36.95 50.19
C ALA D 238 43.82 -35.99 51.19
N ASP E 1 0.16 -6.47 -9.83
CA ASP E 1 1.07 -6.28 -8.71
C ASP E 1 2.24 -7.26 -8.78
C CIR E 2 2.69 -10.94 -8.19
O CIR E 2 1.99 -11.24 -7.03
CA CIR E 2 3.14 -9.49 -8.37
N CIR E 2 1.95 -8.59 -8.31
C3 CIR E 2 4.18 -9.13 -7.30
C4 CIR E 2 5.32 -10.13 -7.23
C5 CIR E 2 6.63 -9.56 -6.70
N6 CIR E 2 7.72 -10.55 -6.76
C7 CIR E 2 8.22 -11.04 -7.91
O7 CIR E 2 9.08 -11.93 -7.90
N8 CIR E 2 7.78 -10.49 -9.04
N TYR E 3 2.26 -12.12 -8.97
CA TYR E 3 1.78 -13.49 -8.89
C TYR E 3 2.65 -14.30 -7.93
C CIR E 4 2.79 -17.38 -7.00
O CIR E 4 1.51 -17.90 -7.29
CA CIR E 4 2.85 -16.15 -6.09
N CIR E 4 2.13 -15.01 -6.74
C3 CIR E 4 2.24 -16.48 -4.72
C4 CIR E 4 2.29 -15.31 -3.75
C5 CIR E 4 1.59 -15.61 -2.43
N6 CIR E 4 2.45 -16.28 -1.46
C7 CIR E 4 2.11 -17.43 -0.84
O7 CIR E 4 1.08 -18.04 -1.15
N8 CIR E 4 2.90 -17.84 0.14
N LEU E 5 3.97 -18.07 -6.50
CA LEU E 5 4.33 -19.47 -6.73
C LEU E 5 3.75 -20.36 -5.64
N ASN E 6 3.07 -21.44 -6.03
CA ASN E 6 2.64 -22.46 -5.10
C ASN E 6 3.65 -23.60 -5.17
N TYR E 7 4.34 -23.85 -4.06
CA TYR E 7 5.43 -24.83 -4.04
C TYR E 7 4.92 -26.23 -4.34
N SER E 8 5.53 -26.88 -5.32
CA SER E 8 5.26 -28.29 -5.58
C SER E 8 6.00 -29.15 -4.57
N LEU E 9 5.30 -30.14 -4.02
CA LEU E 9 5.86 -30.88 -2.90
C LEU E 9 6.76 -32.02 -3.39
N PRO E 10 7.87 -32.27 -2.70
CA PRO E 10 8.70 -33.44 -3.02
C PRO E 10 8.23 -34.69 -2.28
N THR E 11 8.43 -35.84 -2.93
CA THR E 11 8.09 -37.13 -2.36
C THR E 11 9.37 -37.94 -2.12
N GLY E 12 9.30 -38.89 -1.19
CA GLY E 12 10.43 -39.72 -0.82
C GLY E 12 10.56 -40.99 -1.63
N GLU F 3 1.95 -26.84 46.19
CA GLU F 3 0.98 -27.93 46.35
C GLU F 3 -0.44 -27.39 46.39
N GLU F 4 -1.22 -27.85 47.37
CA GLU F 4 -2.62 -27.46 47.49
C GLU F 4 -2.73 -26.11 48.20
N HIS F 5 -3.38 -25.15 47.55
CA HIS F 5 -3.65 -23.84 48.12
C HIS F 5 -4.99 -23.34 47.60
N VAL F 6 -5.65 -22.51 48.40
CA VAL F 6 -6.95 -21.93 48.04
C VAL F 6 -6.95 -20.46 48.40
N ILE F 7 -7.19 -19.60 47.42
CA ILE F 7 -7.33 -18.16 47.64
C ILE F 7 -8.77 -17.76 47.35
N ILE F 8 -9.41 -17.11 48.32
CA ILE F 8 -10.83 -16.80 48.26
C ILE F 8 -11.02 -15.29 48.45
N GLN F 9 -11.83 -14.69 47.59
CA GLN F 9 -12.29 -13.31 47.73
C GLN F 9 -13.70 -13.36 48.29
N ALA F 10 -13.82 -13.18 49.61
CA ALA F 10 -15.07 -13.37 50.32
C ALA F 10 -15.74 -12.04 50.60
N GLU F 11 -17.04 -11.95 50.29
CA GLU F 11 -17.83 -10.75 50.48
C GLU F 11 -19.18 -11.12 51.08
N PHE F 12 -19.82 -10.15 51.72
CA PHE F 12 -21.20 -10.30 52.14
C PHE F 12 -21.84 -8.94 52.28
N TYR F 13 -23.18 -8.94 52.26
CA TYR F 13 -23.98 -7.77 52.62
C TYR F 13 -25.14 -8.22 53.48
N LEU F 14 -25.41 -7.48 54.55
CA LEU F 14 -26.37 -7.89 55.56
C LEU F 14 -27.45 -6.82 55.70
N ASN F 15 -28.69 -7.17 55.39
CA ASN F 15 -29.85 -6.32 55.63
C ASN F 15 -30.65 -6.87 56.81
N PRO F 16 -31.38 -6.00 57.53
CA PRO F 16 -31.50 -4.56 57.35
C PRO F 16 -30.41 -3.75 58.07
N ASP F 17 -29.41 -4.45 58.63
CA ASP F 17 -28.32 -3.76 59.30
C ASP F 17 -27.49 -2.93 58.35
N GLN F 18 -27.59 -3.18 57.04
CA GLN F 18 -26.88 -2.42 56.01
C GLN F 18 -25.37 -2.46 56.24
N SER F 19 -24.84 -3.67 56.33
CA SER F 19 -23.42 -3.88 56.60
C SER F 19 -22.83 -4.85 55.58
N GLY F 20 -21.59 -4.61 55.19
CA GLY F 20 -20.90 -5.47 54.24
C GLY F 20 -19.42 -5.44 54.49
N GLU F 21 -18.74 -6.50 54.04
CA GLU F 21 -17.30 -6.62 54.21
C GLU F 21 -16.68 -7.24 52.97
N PHE F 22 -15.43 -6.86 52.71
CA PHE F 22 -14.67 -7.35 51.56
C PHE F 22 -13.30 -7.78 52.07
N MET F 23 -12.93 -9.03 51.82
CA MET F 23 -11.68 -9.57 52.33
C MET F 23 -11.18 -10.70 51.45
N PHE F 24 -9.86 -10.88 51.46
CA PHE F 24 -9.19 -11.99 50.80
C PHE F 24 -8.71 -13.00 51.85
N ASP F 25 -8.65 -14.26 51.44
CA ASP F 25 -8.35 -15.37 52.35
C ASP F 25 -7.37 -16.32 51.67
N PHE F 26 -6.35 -16.75 52.42
CA PHE F 26 -5.34 -17.68 51.92
C PHE F 26 -5.18 -18.83 52.93
N ASP F 27 -5.75 -19.98 52.59
CA ASP F 27 -5.64 -21.19 53.42
C ASP F 27 -6.15 -20.94 54.83
N GLY F 28 -7.22 -20.15 54.95
CA GLY F 28 -7.87 -19.90 56.21
C GLY F 28 -7.45 -18.61 56.88
N ASP F 29 -6.35 -18.01 56.46
CA ASP F 29 -5.86 -16.76 57.05
C ASP F 29 -6.27 -15.57 56.17
N GLU F 30 -6.61 -14.46 56.82
CA GLU F 30 -6.98 -13.26 56.11
C GLU F 30 -5.73 -12.53 55.63
N ILE F 31 -5.67 -12.24 54.33
CA ILE F 31 -4.59 -11.41 53.81
C ILE F 31 -4.83 -9.94 54.14
N PHE F 32 -5.94 -9.41 53.63
CA PHE F 32 -6.33 -8.02 53.90
C PHE F 32 -7.85 -7.94 53.88
N HIS F 33 -8.36 -6.76 54.25
CA HIS F 33 -9.77 -6.48 54.16
C HIS F 33 -9.93 -4.99 53.87
N VAL F 34 -11.04 -4.64 53.22
CA VAL F 34 -11.35 -3.25 52.91
C VAL F 34 -12.24 -2.68 54.00
N ASP F 35 -11.83 -1.55 54.56
CA ASP F 35 -12.60 -0.86 55.59
C ASP F 35 -13.71 -0.05 54.92
N MET F 36 -14.96 -0.42 55.19
CA MET F 36 -16.08 0.27 54.56
C MET F 36 -16.26 1.69 55.09
N ALA F 37 -15.72 2.00 56.26
CA ALA F 37 -15.85 3.34 56.81
C ALA F 37 -14.81 4.28 56.21
N LYS F 38 -13.53 3.94 56.36
CA LYS F 38 -12.46 4.79 55.84
C LYS F 38 -12.18 4.58 54.36
N LYS F 39 -12.83 3.61 53.72
CA LYS F 39 -12.65 3.32 52.30
C LYS F 39 -11.18 3.11 51.95
N GLU F 40 -10.55 2.17 52.68
CA GLU F 40 -9.13 1.88 52.52
C GLU F 40 -8.90 0.38 52.65
N THR F 41 -7.68 -0.04 52.34
CA THR F 41 -7.26 -1.43 52.43
C THR F 41 -6.46 -1.62 53.72
N VAL F 42 -6.83 -2.64 54.50
CA VAL F 42 -6.21 -2.94 55.78
C VAL F 42 -5.55 -4.31 55.67
N TRP F 43 -4.23 -4.33 55.59
CA TRP F 43 -3.49 -5.59 55.57
C TRP F 43 -3.46 -6.21 56.96
N ARG F 44 -3.65 -7.53 57.02
CA ARG F 44 -3.69 -8.21 58.31
C ARG F 44 -2.36 -8.10 59.04
N LEU F 45 -1.25 -8.24 58.32
CA LEU F 45 0.08 -8.08 58.88
C LEU F 45 0.77 -6.91 58.19
N GLU F 46 1.52 -6.12 58.97
CA GLU F 46 2.12 -4.90 58.44
C GLU F 46 3.19 -5.19 57.39
N GLU F 47 3.76 -6.40 57.37
CA GLU F 47 4.70 -6.73 56.31
C GLU F 47 4.02 -6.85 54.96
N PHE F 48 2.71 -7.13 54.92
CA PHE F 48 2.03 -7.34 53.64
C PHE F 48 1.96 -6.04 52.84
N GLY F 49 1.71 -4.93 53.52
CA GLY F 49 1.57 -3.66 52.82
C GLY F 49 2.82 -3.23 52.09
N ARG F 50 3.99 -3.55 52.64
CA ARG F 50 5.25 -3.22 52.00
C ARG F 50 5.62 -4.20 50.89
N PHE F 51 4.85 -5.27 50.71
CA PHE F 51 5.10 -6.26 49.68
C PHE F 51 4.16 -6.12 48.50
N ALA F 52 2.85 -6.14 48.74
CA ALA F 52 1.85 -6.03 47.70
C ALA F 52 1.10 -4.71 47.82
N SER F 53 0.04 -4.58 47.04
CA SER F 53 -0.78 -3.37 47.08
C SER F 53 -2.17 -3.70 46.59
N PHE F 54 -3.17 -3.06 47.20
CA PHE F 54 -4.55 -3.16 46.74
C PHE F 54 -5.21 -1.81 46.97
N GLU F 55 -5.86 -1.30 45.94
CA GLU F 55 -6.44 0.03 45.93
C GLU F 55 -7.65 -0.04 45.02
N ALA F 56 -8.70 -0.72 45.48
CA ALA F 56 -9.88 -0.99 44.66
C ALA F 56 -11.06 -0.15 45.16
N GLN F 57 -11.47 0.82 44.34
CA GLN F 57 -12.75 1.47 44.55
C GLN F 57 -13.89 0.64 43.99
N GLY F 58 -13.58 -0.33 43.12
CA GLY F 58 -14.53 -1.29 42.58
C GLY F 58 -14.87 -2.44 43.52
N ALA F 59 -14.04 -2.68 44.53
CA ALA F 59 -14.42 -3.61 45.59
C ALA F 59 -15.59 -3.05 46.39
N LEU F 60 -15.59 -1.75 46.66
CA LEU F 60 -16.76 -1.10 47.22
C LEU F 60 -17.95 -1.22 46.27
N ALA F 61 -17.69 -1.17 44.97
CA ALA F 61 -18.75 -1.34 43.98
C ALA F 61 -19.22 -2.79 43.90
N ASN F 62 -18.39 -3.75 44.29
CA ASN F 62 -18.86 -5.13 44.41
C ASN F 62 -19.88 -5.25 45.52
N ILE F 63 -19.64 -4.58 46.65
CA ILE F 63 -20.60 -4.60 47.76
C ILE F 63 -21.90 -3.94 47.35
N ALA F 64 -21.81 -2.88 46.55
CA ALA F 64 -23.02 -2.24 46.02
C ALA F 64 -23.78 -3.17 45.08
N VAL F 65 -23.06 -4.02 44.34
CA VAL F 65 -23.73 -5.03 43.51
C VAL F 65 -24.40 -6.08 44.39
N ASP F 66 -23.71 -6.53 45.43
CA ASP F 66 -24.28 -7.54 46.32
C ASP F 66 -25.51 -7.01 47.05
N LYS F 67 -25.46 -5.75 47.51
CA LYS F 67 -26.63 -5.14 48.13
C LYS F 67 -27.81 -5.12 47.17
N ALA F 68 -27.56 -4.79 45.90
CA ALA F 68 -28.62 -4.84 44.90
C ALA F 68 -29.02 -6.28 44.58
N ASN F 69 -28.05 -7.20 44.55
CA ASN F 69 -28.38 -8.60 44.37
C ASN F 69 -29.13 -9.16 45.56
N LEU F 70 -28.86 -8.65 46.77
CA LEU F 70 -29.53 -9.13 47.96
C LEU F 70 -31.03 -8.84 47.91
N GLU F 71 -31.39 -7.65 47.43
CA GLU F 71 -32.81 -7.27 47.41
C GLU F 71 -33.61 -8.11 46.42
N ILE F 72 -33.01 -8.44 45.27
CA ILE F 72 -33.72 -9.30 44.31
C ILE F 72 -33.84 -10.72 44.86
N MET F 73 -32.86 -11.17 45.65
CA MET F 73 -32.94 -12.51 46.23
C MET F 73 -33.88 -12.54 47.43
N THR F 74 -34.04 -11.42 48.14
CA THR F 74 -34.98 -11.38 49.25
C THR F 74 -36.41 -11.63 48.78
N LYS F 75 -36.81 -11.00 47.68
CA LYS F 75 -38.17 -11.17 47.18
C LYS F 75 -38.36 -12.53 46.51
N ARG F 76 -37.33 -13.02 45.80
CA ARG F 76 -37.46 -14.28 45.09
C ARG F 76 -37.69 -15.45 46.04
N SER F 77 -37.14 -15.36 47.25
CA SER F 77 -37.32 -16.40 48.26
C SER F 77 -38.57 -16.21 49.11
N ASN F 78 -39.49 -15.34 48.68
CA ASN F 78 -40.69 -15.01 49.46
C ASN F 78 -40.31 -14.45 50.84
N TYR F 79 -39.22 -13.70 50.88
CA TYR F 79 -38.69 -13.11 52.11
C TYR F 79 -38.36 -14.18 53.15
N THR F 80 -37.91 -15.35 52.71
CA THR F 80 -37.50 -16.40 53.62
C THR F 80 -36.24 -15.97 54.37
N PRO F 81 -36.29 -15.77 55.68
CA PRO F 81 -35.12 -15.27 56.41
C PRO F 81 -34.12 -16.39 56.69
N ILE F 82 -32.97 -15.98 57.23
CA ILE F 82 -31.92 -16.91 57.61
C ILE F 82 -32.04 -17.20 59.10
N THR F 83 -31.62 -18.39 59.49
CA THR F 83 -31.63 -18.78 60.89
C THR F 83 -30.42 -18.19 61.62
N ASN F 84 -30.56 -18.05 62.94
CA ASN F 84 -29.51 -17.47 63.78
C ASN F 84 -28.73 -18.61 64.44
N VAL F 85 -27.83 -19.21 63.68
CA VAL F 85 -27.01 -20.32 64.17
C VAL F 85 -26.08 -19.79 65.26
N PRO F 86 -26.16 -20.33 66.48
CA PRO F 86 -25.39 -19.77 67.59
C PRO F 86 -23.91 -20.08 67.47
N PRO F 87 -23.05 -19.26 68.06
CA PRO F 87 -21.60 -19.49 67.93
C PRO F 87 -21.10 -20.68 68.74
N GLU F 88 -19.79 -20.95 68.65
CA GLU F 88 -19.12 -22.00 69.41
C GLU F 88 -17.82 -21.40 69.97
N VAL F 89 -17.97 -20.55 70.99
CA VAL F 89 -16.85 -19.76 71.48
C VAL F 89 -15.87 -20.62 72.26
N THR F 90 -14.58 -20.30 72.15
CA THR F 90 -13.53 -20.99 72.87
C THR F 90 -12.43 -19.99 73.22
N VAL F 91 -11.90 -20.09 74.43
CA VAL F 91 -10.87 -19.18 74.92
C VAL F 91 -9.60 -19.98 75.17
N LEU F 92 -8.47 -19.44 74.74
CA LEU F 92 -7.16 -20.02 75.00
C LEU F 92 -6.14 -18.88 75.09
N THR F 93 -4.87 -19.25 75.06
CA THR F 93 -3.78 -18.28 74.98
C THR F 93 -3.01 -18.51 73.69
N ASN F 94 -2.00 -17.67 73.44
CA ASN F 94 -1.10 -17.87 72.32
C ASN F 94 0.27 -18.39 72.75
N SER F 95 0.45 -18.68 74.03
CA SER F 95 1.69 -19.20 74.58
C SER F 95 1.38 -19.71 75.98
N PRO F 96 2.17 -20.65 76.49
CA PRO F 96 1.94 -21.11 77.87
C PRO F 96 2.01 -19.96 78.86
N VAL F 97 1.16 -20.03 79.87
CA VAL F 97 0.96 -18.92 80.80
C VAL F 97 2.01 -19.00 81.90
N GLU F 98 2.88 -17.98 81.96
CA GLU F 98 3.91 -17.87 82.97
C GLU F 98 3.71 -16.58 83.77
N LEU F 99 4.06 -16.63 85.04
CA LEU F 99 3.84 -15.50 85.94
C LEU F 99 4.70 -14.31 85.53
N ARG F 100 4.07 -13.14 85.43
CA ARG F 100 4.73 -11.87 85.10
C ARG F 100 5.41 -11.91 83.74
N GLU F 101 4.97 -12.79 82.84
CA GLU F 101 5.49 -12.87 81.48
C GLU F 101 4.38 -12.54 80.51
N PRO F 102 4.51 -11.47 79.71
CA PRO F 102 3.38 -11.02 78.89
C PRO F 102 2.87 -12.09 77.94
N ASN F 103 1.54 -12.18 77.85
CA ASN F 103 0.86 -13.17 77.03
C ASN F 103 -0.41 -12.53 76.47
N VAL F 104 -1.11 -13.26 75.61
CA VAL F 104 -2.30 -12.74 74.93
C VAL F 104 -3.41 -13.79 75.03
N LEU F 105 -4.64 -13.32 75.23
CA LEU F 105 -5.80 -14.18 75.28
C LEU F 105 -6.56 -14.11 73.95
N ILE F 106 -7.11 -15.23 73.52
CA ILE F 106 -7.77 -15.37 72.24
C ILE F 106 -9.17 -15.90 72.47
N CYS F 107 -10.18 -15.09 72.12
CA CYS F 107 -11.58 -15.52 72.21
C CYS F 107 -12.04 -15.81 70.78
N PHE F 108 -12.16 -17.10 70.46
CA PHE F 108 -12.43 -17.56 69.09
C PHE F 108 -13.92 -17.83 68.96
N ILE F 109 -14.65 -16.85 68.42
CA ILE F 109 -16.05 -17.05 68.04
C ILE F 109 -16.08 -17.79 66.71
N ASP F 110 -16.80 -18.91 66.66
CA ASP F 110 -16.79 -19.76 65.48
C ASP F 110 -18.19 -20.28 65.21
N LYS F 111 -18.48 -20.50 63.93
CA LYS F 111 -19.74 -21.09 63.46
C LYS F 111 -20.94 -20.24 63.90
N PHE F 112 -20.93 -18.99 63.47
CA PHE F 112 -22.00 -18.06 63.81
C PHE F 112 -22.47 -17.32 62.56
N THR F 113 -23.79 -17.16 62.45
CA THR F 113 -24.42 -16.34 61.42
C THR F 113 -25.75 -15.83 61.97
N PRO F 114 -26.09 -14.56 61.70
CA PRO F 114 -25.44 -13.55 60.85
C PRO F 114 -24.13 -13.02 61.41
N PRO F 115 -23.32 -12.35 60.57
CA PRO F 115 -22.06 -11.78 61.05
C PRO F 115 -22.24 -10.58 61.97
N VAL F 116 -22.93 -10.79 63.09
CA VAL F 116 -23.16 -9.74 64.07
C VAL F 116 -23.01 -10.34 65.46
N VAL F 117 -22.10 -9.80 66.26
CA VAL F 117 -21.87 -10.24 67.62
C VAL F 117 -21.48 -9.03 68.46
N ASN F 118 -21.53 -9.22 69.78
CA ASN F 118 -21.13 -8.21 70.76
C ASN F 118 -20.17 -8.87 71.75
N VAL F 119 -18.88 -8.54 71.66
CA VAL F 119 -17.84 -9.19 72.44
C VAL F 119 -17.17 -8.16 73.34
N THR F 120 -17.05 -8.48 74.62
CA THR F 120 -16.35 -7.66 75.60
C THR F 120 -15.54 -8.56 76.52
N TRP F 121 -14.35 -8.11 76.90
CA TRP F 121 -13.49 -8.85 77.80
C TRP F 121 -13.80 -8.48 79.24
N LEU F 122 -14.08 -9.50 80.07
CA LEU F 122 -14.45 -9.31 81.46
C LEU F 122 -13.28 -9.70 82.36
N ARG F 123 -12.73 -8.72 83.06
CA ARG F 123 -11.64 -8.93 84.01
C ARG F 123 -12.24 -8.99 85.41
N ASN F 124 -12.39 -10.20 85.95
CA ASN F 124 -13.07 -10.43 87.22
C ASN F 124 -14.47 -9.83 87.22
N GLY F 125 -15.07 -9.76 86.04
CA GLY F 125 -16.37 -9.12 85.89
C GLY F 125 -16.25 -7.60 85.90
N VAL F 128 -12.56 -5.14 80.93
CA VAL F 128 -11.24 -4.65 80.59
C VAL F 128 -11.17 -4.38 79.08
N THR F 129 -10.54 -3.26 78.70
CA THR F 129 -10.47 -2.87 77.30
C THR F 129 -9.28 -1.96 77.03
N THR F 130 -8.07 -2.43 77.32
CA THR F 130 -6.84 -1.69 77.05
C THR F 130 -6.00 -2.48 76.06
N GLY F 131 -5.76 -1.89 74.88
CA GLY F 131 -5.01 -2.58 73.85
C GLY F 131 -5.73 -3.74 73.22
N VAL F 132 -7.06 -3.77 73.27
CA VAL F 132 -7.82 -4.88 72.72
C VAL F 132 -7.72 -4.86 71.19
N SER F 133 -7.83 -6.04 70.59
CA SER F 133 -7.76 -6.18 69.14
C SER F 133 -8.77 -7.24 68.70
N GLU F 134 -9.25 -7.11 67.46
CA GLU F 134 -10.21 -8.05 66.91
C GLU F 134 -9.99 -8.16 65.41
N THR F 135 -10.65 -9.16 64.82
CA THR F 135 -10.58 -9.40 63.38
C THR F 135 -11.93 -9.17 62.74
N VAL F 136 -11.92 -8.99 61.42
CA VAL F 136 -13.15 -8.84 60.65
C VAL F 136 -13.79 -10.22 60.51
N PHE F 137 -14.99 -10.28 59.94
CA PHE F 137 -15.67 -11.55 59.75
C PHE F 137 -14.88 -12.43 58.81
N LEU F 138 -14.51 -13.65 59.30
CA LEU F 138 -13.72 -14.58 58.50
C LEU F 138 -14.61 -15.71 57.98
N PRO F 139 -14.41 -16.11 56.72
CA PRO F 139 -15.33 -17.08 56.11
C PRO F 139 -15.07 -18.49 56.62
N ARG F 140 -15.95 -19.40 56.18
CA ARG F 140 -15.86 -20.82 56.50
C ARG F 140 -16.45 -21.62 55.35
N GLU F 141 -15.97 -22.85 55.19
CA GLU F 141 -16.41 -23.67 54.07
C GLU F 141 -17.87 -24.08 54.20
N ASP F 142 -18.38 -24.20 55.43
CA ASP F 142 -19.81 -24.42 55.64
C ASP F 142 -20.63 -23.15 55.42
N HIS F 143 -19.96 -22.06 55.04
CA HIS F 143 -20.61 -20.79 54.71
C HIS F 143 -21.17 -20.09 55.95
N LEU F 144 -20.62 -20.40 57.12
CA LEU F 144 -20.82 -19.62 58.32
C LEU F 144 -19.63 -18.68 58.51
N PHE F 145 -19.38 -18.25 59.74
CA PHE F 145 -18.34 -17.26 59.99
C PHE F 145 -17.55 -17.61 61.24
N ARG F 146 -16.56 -16.78 61.54
CA ARG F 146 -15.69 -16.95 62.70
C ARG F 146 -15.03 -15.61 62.98
N LYS F 147 -14.45 -15.48 64.16
CA LYS F 147 -13.82 -14.23 64.55
C LYS F 147 -12.88 -14.46 65.72
N PHE F 148 -11.89 -13.57 65.84
CA PHE F 148 -10.88 -13.63 66.89
C PHE F 148 -10.92 -12.35 67.71
N HIS F 149 -10.51 -12.46 68.98
CA HIS F 149 -10.36 -11.29 69.85
C HIS F 149 -9.09 -11.47 70.66
N TYR F 150 -8.26 -10.42 70.69
CA TYR F 150 -6.93 -10.48 71.29
C TYR F 150 -6.84 -9.53 72.47
N LEU F 151 -6.24 -10.00 73.57
CA LEU F 151 -6.16 -9.24 74.81
C LEU F 151 -4.78 -9.42 75.42
N PRO F 152 -3.87 -8.46 75.24
CA PRO F 152 -2.54 -8.55 75.86
C PRO F 152 -2.62 -8.26 77.36
N PHE F 153 -2.26 -9.24 78.17
CA PHE F 153 -2.37 -9.15 79.61
C PHE F 153 -1.06 -9.55 80.27
N LEU F 154 -1.02 -9.40 81.60
CA LEU F 154 0.09 -9.89 82.41
C LEU F 154 -0.46 -10.96 83.35
N PRO F 155 -0.03 -12.21 83.22
CA PRO F 155 -0.61 -13.28 84.03
C PRO F 155 -0.40 -13.06 85.52
N SER F 156 -1.39 -13.48 86.31
CA SER F 156 -1.36 -13.33 87.75
C SER F 156 -2.35 -14.32 88.36
N THR F 157 -2.28 -14.45 89.68
CA THR F 157 -3.23 -15.25 90.43
C THR F 157 -4.38 -14.44 91.01
N GLU F 158 -4.30 -13.12 90.94
CA GLU F 158 -5.32 -12.23 91.49
C GLU F 158 -6.26 -11.69 90.42
N ASP F 159 -6.35 -12.34 89.27
CA ASP F 159 -7.23 -11.92 88.19
C ASP F 159 -7.82 -13.14 87.49
N VAL F 160 -9.10 -13.05 87.15
CA VAL F 160 -9.80 -14.07 86.39
C VAL F 160 -10.50 -13.41 85.21
N TYR F 161 -10.39 -14.02 84.04
CA TYR F 161 -10.93 -13.44 82.82
C TYR F 161 -12.08 -14.28 82.28
N ASP F 162 -13.01 -13.60 81.60
CA ASP F 162 -14.15 -14.25 80.98
C ASP F 162 -14.51 -13.49 79.72
N CYS F 163 -14.88 -14.23 78.68
CA CYS F 163 -15.26 -13.66 77.39
C CYS F 163 -16.77 -13.81 77.22
N ARG F 164 -17.47 -12.68 77.16
CA ARG F 164 -18.92 -12.66 77.00
C ARG F 164 -19.25 -12.32 75.54
N VAL F 165 -19.95 -13.23 74.88
CA VAL F 165 -20.30 -13.11 73.47
C VAL F 165 -21.81 -13.07 73.37
N GLU F 166 -22.35 -11.92 72.95
CA GLU F 166 -23.79 -11.74 72.78
C GLU F 166 -24.15 -11.96 71.31
N HIS F 167 -24.94 -13.00 71.04
CA HIS F 167 -25.38 -13.32 69.70
C HIS F 167 -26.89 -13.52 69.69
N TRP F 168 -27.49 -13.33 68.51
CA TRP F 168 -28.92 -13.49 68.35
C TRP F 168 -29.38 -14.94 68.43
N GLY F 169 -28.48 -15.89 68.70
CA GLY F 169 -28.85 -17.28 68.86
C GLY F 169 -28.57 -17.80 70.25
N LEU F 170 -28.16 -16.92 71.15
CA LEU F 170 -27.86 -17.26 72.54
C LEU F 170 -28.89 -16.61 73.45
N ASP F 171 -29.43 -17.39 74.38
CA ASP F 171 -30.40 -16.85 75.33
C ASP F 171 -29.79 -15.74 76.16
N GLU F 172 -28.57 -15.95 76.64
CA GLU F 172 -27.82 -14.97 77.42
C GLU F 172 -26.37 -15.00 76.93
N PRO F 173 -25.51 -14.04 77.33
CA PRO F 173 -24.09 -14.12 76.95
C PRO F 173 -23.45 -15.46 77.30
N LEU F 174 -22.90 -16.15 76.30
CA LEU F 174 -22.23 -17.43 76.50
C LEU F 174 -20.82 -17.16 77.02
N LEU F 175 -20.74 -17.01 78.34
CA LEU F 175 -19.48 -16.68 78.99
C LEU F 175 -18.59 -17.91 79.09
N LYS F 176 -17.29 -17.71 78.88
CA LYS F 176 -16.28 -18.76 79.01
C LYS F 176 -15.18 -18.24 79.93
N HIS F 177 -14.93 -18.96 81.02
CA HIS F 177 -14.00 -18.50 82.05
C HIS F 177 -12.61 -19.07 81.81
N TRP F 178 -11.59 -18.23 82.11
CA TRP F 178 -10.20 -18.63 82.01
C TRP F 178 -9.47 -18.17 83.27
N GLU F 179 -8.50 -18.97 83.71
CA GLU F 179 -7.73 -18.64 84.90
C GLU F 179 -6.39 -19.36 84.83
N PHE F 180 -5.41 -18.80 85.56
CA PHE F 180 -4.06 -19.37 85.60
C PHE F 180 -4.06 -20.72 86.31
N ASP G 1 -34.50 -5.72 68.02
CA ASP G 1 -34.26 -5.60 66.58
C ASP G 1 -34.38 -6.96 65.90
N THR G 2 -35.53 -7.61 66.07
CA THR G 2 -35.76 -8.95 65.53
C THR G 2 -36.28 -8.92 64.09
N ARG G 3 -36.19 -7.78 63.41
CA ARG G 3 -36.59 -7.72 62.01
C ARG G 3 -35.77 -8.73 61.21
N PRO G 4 -36.41 -9.61 60.42
CA PRO G 4 -35.68 -10.71 59.77
C PRO G 4 -34.47 -10.27 58.95
N ARG G 5 -33.29 -10.71 59.37
CA ARG G 5 -32.06 -10.37 58.66
C ARG G 5 -31.89 -11.24 57.42
N PHE G 6 -31.26 -10.65 56.40
CA PHE G 6 -30.96 -11.34 55.15
C PHE G 6 -29.47 -11.24 54.87
N LEU G 7 -28.86 -12.35 54.44
CA LEU G 7 -27.42 -12.43 54.23
C LEU G 7 -27.13 -12.91 52.82
N GLU G 8 -26.48 -12.06 52.03
CA GLU G 8 -25.99 -12.41 50.70
C GLU G 8 -24.47 -12.52 50.75
N GLN G 9 -23.92 -13.59 50.16
CA GLN G 9 -22.49 -13.81 50.16
C GLN G 9 -22.00 -14.11 48.74
N VAL G 10 -20.83 -13.57 48.42
CA VAL G 10 -20.15 -13.81 47.15
C VAL G 10 -18.73 -14.26 47.46
N LYS G 11 -18.30 -15.36 46.85
CA LYS G 11 -16.98 -15.93 47.08
C LYS G 11 -16.32 -16.29 45.76
N HIS G 12 -15.17 -15.69 45.50
CA HIS G 12 -14.39 -15.95 44.29
C HIS G 12 -13.20 -16.82 44.68
N GLU G 13 -13.29 -18.11 44.39
CA GLU G 13 -12.35 -19.09 44.88
C GLU G 13 -11.39 -19.51 43.78
N CYS G 14 -10.10 -19.56 44.12
CA CYS G 14 -9.06 -20.08 43.24
C CYS G 14 -8.42 -21.28 43.92
N HIS G 15 -8.52 -22.45 43.29
CA HIS G 15 -7.97 -23.69 43.82
C HIS G 15 -6.72 -24.05 43.04
N PHE G 16 -5.58 -24.08 43.73
CA PHE G 16 -4.28 -24.34 43.12
C PHE G 16 -3.80 -25.74 43.49
N PHE G 17 -3.34 -26.50 42.51
CA PHE G 17 -2.73 -27.81 42.72
C PHE G 17 -1.41 -27.87 41.98
N ASN G 18 -0.36 -28.32 42.67
CA ASN G 18 1.01 -28.28 42.17
C ASN G 18 1.36 -26.87 41.70
N GLY G 19 1.33 -25.93 42.65
CA GLY G 19 1.53 -24.52 42.33
C GLY G 19 0.48 -23.97 41.38
N THR G 20 0.90 -23.59 40.18
CA THR G 20 0.00 -23.06 39.17
C THR G 20 -0.19 -24.00 37.98
N GLU G 21 0.10 -25.30 38.16
CA GLU G 21 -0.06 -26.24 37.06
C GLU G 21 -1.53 -26.56 36.82
N ARG G 22 -2.27 -26.84 37.89
CA ARG G 22 -3.70 -27.13 37.80
C ARG G 22 -4.43 -26.11 38.67
N VAL G 23 -5.12 -25.17 38.05
CA VAL G 23 -5.86 -24.13 38.75
C VAL G 23 -7.35 -24.30 38.43
N ARG G 24 -8.18 -23.91 39.39
CA ARG G 24 -9.63 -24.00 39.24
C ARG G 24 -10.26 -22.75 39.83
N PHE G 25 -11.14 -22.11 39.06
CA PHE G 25 -11.81 -20.90 39.50
C PHE G 25 -13.28 -21.20 39.79
N LEU G 26 -13.76 -20.68 40.91
CA LEU G 26 -15.15 -20.86 41.34
C LEU G 26 -15.73 -19.51 41.72
N ASP G 27 -16.73 -19.05 40.96
CA ASP G 27 -17.49 -17.86 41.28
C ASP G 27 -18.78 -18.32 41.93
N ARG G 28 -18.87 -18.20 43.25
CA ARG G 28 -19.96 -18.73 44.03
C ARG G 28 -20.78 -17.61 44.65
N TYR G 29 -22.09 -17.63 44.42
CA TYR G 29 -23.03 -16.68 44.99
C TYR G 29 -23.96 -17.40 45.95
N PHE G 30 -24.01 -16.94 47.20
CA PHE G 30 -24.80 -17.57 48.24
C PHE G 30 -25.86 -16.61 48.74
N TYR G 31 -27.08 -17.12 48.92
CA TYR G 31 -28.12 -16.41 49.66
C TYR G 31 -28.41 -17.17 50.95
N HIS G 32 -27.94 -16.61 52.07
CA HIS G 32 -28.15 -17.17 53.40
C HIS G 32 -27.74 -18.64 53.44
N GLN G 33 -26.42 -18.84 53.30
CA GLN G 33 -25.76 -20.14 53.40
C GLN G 33 -26.17 -21.09 52.29
N GLU G 34 -26.97 -20.64 51.32
CA GLU G 34 -27.47 -21.48 50.24
C GLU G 34 -26.87 -21.00 48.93
N GLU G 35 -25.99 -21.82 48.34
CA GLU G 35 -25.43 -21.52 47.03
C GLU G 35 -26.53 -21.62 45.99
N TYR G 36 -26.90 -20.49 45.39
CA TYR G 36 -27.94 -20.52 44.37
C TYR G 36 -27.38 -20.57 42.95
N VAL G 37 -26.12 -20.19 42.75
CA VAL G 37 -25.48 -20.29 41.45
C VAL G 37 -23.97 -20.36 41.67
N ARG G 38 -23.29 -21.12 40.81
CA ARG G 38 -21.85 -21.26 40.87
C ARG G 38 -21.29 -21.35 39.47
N PHE G 39 -20.21 -20.61 39.22
CA PHE G 39 -19.43 -20.77 38.00
C PHE G 39 -18.21 -21.63 38.29
N ASP G 40 -17.95 -22.59 37.41
CA ASP G 40 -16.82 -23.50 37.56
C ASP G 40 -16.02 -23.50 36.28
N SER G 41 -14.71 -23.25 36.39
CA SER G 41 -13.86 -23.22 35.20
C SER G 41 -13.81 -24.58 34.52
N ASP G 42 -14.05 -25.66 35.28
CA ASP G 42 -14.15 -26.98 34.67
C ASP G 42 -15.41 -27.11 33.82
N VAL G 43 -16.46 -26.36 34.15
CA VAL G 43 -17.71 -26.44 33.42
C VAL G 43 -17.75 -25.44 32.27
N GLY G 44 -17.49 -24.17 32.56
CA GLY G 44 -17.45 -23.14 31.53
C GLY G 44 -18.63 -22.20 31.53
N GLU G 45 -19.61 -22.38 32.41
CA GLU G 45 -20.75 -21.50 32.49
C GLU G 45 -21.40 -21.65 33.86
N TYR G 46 -22.18 -20.63 34.23
CA TYR G 46 -22.89 -20.66 35.49
C TYR G 46 -23.93 -21.77 35.50
N ARG G 47 -24.10 -22.41 36.66
CA ARG G 47 -25.05 -23.49 36.82
C ARG G 47 -25.81 -23.29 38.12
N ALA G 48 -27.11 -23.60 38.09
CA ALA G 48 -27.95 -23.46 39.27
C ALA G 48 -27.56 -24.52 40.29
N VAL G 49 -27.13 -24.08 41.48
CA VAL G 49 -26.83 -25.01 42.55
C VAL G 49 -28.11 -25.40 43.29
N THR G 50 -28.87 -24.41 43.72
CA THR G 50 -30.27 -24.59 44.11
C THR G 50 -31.16 -24.08 42.98
N GLU G 51 -32.45 -24.44 43.04
CA GLU G 51 -33.39 -23.94 42.06
C GLU G 51 -33.63 -22.44 42.21
N LEU G 52 -33.27 -21.86 43.35
CA LEU G 52 -33.51 -20.44 43.58
C LEU G 52 -32.67 -19.57 42.63
N GLY G 53 -31.48 -20.03 42.27
CA GLY G 53 -30.62 -19.23 41.42
C GLY G 53 -30.55 -19.71 39.99
N ARG G 54 -31.64 -20.33 39.51
CA ARG G 54 -31.74 -20.70 38.10
C ARG G 54 -31.87 -19.48 37.20
N PRO G 55 -32.65 -18.45 37.58
CA PRO G 55 -32.65 -17.21 36.76
C PRO G 55 -31.27 -16.57 36.67
N ASP G 56 -30.50 -16.59 37.77
CA ASP G 56 -29.18 -15.98 37.75
C ASP G 56 -28.23 -16.72 36.81
N ALA G 57 -28.35 -18.05 36.74
CA ALA G 57 -27.47 -18.81 35.85
C ALA G 57 -27.84 -18.58 34.40
N GLU G 58 -29.14 -18.43 34.10
CA GLU G 58 -29.56 -18.20 32.72
C GLU G 58 -29.28 -16.77 32.29
N TYR G 59 -29.49 -15.79 33.18
CA TYR G 59 -29.25 -14.40 32.83
C TYR G 59 -27.76 -14.14 32.58
N TRP G 60 -26.88 -14.82 33.31
CA TRP G 60 -25.45 -14.61 33.17
C TRP G 60 -24.83 -15.45 32.05
N ASN G 61 -25.45 -16.57 31.68
CA ASN G 61 -24.99 -17.34 30.54
C ASN G 61 -25.45 -16.75 29.22
N SER G 62 -26.47 -15.89 29.24
CA SER G 62 -26.99 -15.28 28.02
C SER G 62 -26.08 -14.18 27.48
N GLN G 63 -25.24 -13.60 28.33
CA GLN G 63 -24.30 -12.56 27.93
C GLN G 63 -22.91 -13.18 27.81
N LYS G 64 -22.44 -13.36 26.58
CA LYS G 64 -21.16 -14.03 26.35
C LYS G 64 -19.98 -13.20 26.85
N ASP G 65 -20.11 -11.87 26.89
CA ASP G 65 -19.02 -11.04 27.39
C ASP G 65 -18.70 -11.35 28.84
N LEU G 66 -19.71 -11.72 29.63
CA LEU G 66 -19.46 -12.08 31.02
C LEU G 66 -18.88 -13.49 31.11
N LEU G 67 -19.32 -14.41 30.26
CA LEU G 67 -18.75 -15.76 30.25
C LEU G 67 -17.31 -15.75 29.76
N GLU G 68 -17.02 -14.95 28.73
CA GLU G 68 -15.64 -14.83 28.26
C GLU G 68 -14.75 -14.24 29.34
N GLN G 69 -15.31 -13.46 30.26
CA GLN G 69 -14.52 -12.82 31.30
C GLN G 69 -14.19 -13.78 32.43
N LYS G 70 -15.13 -14.63 32.82
CA LYS G 70 -14.90 -15.58 33.91
C LYS G 70 -14.12 -16.80 33.46
N ARG G 71 -14.23 -17.17 32.18
CA ARG G 71 -13.42 -18.27 31.67
C ARG G 71 -11.93 -17.97 31.74
N ALA G 72 -11.56 -16.70 31.64
CA ALA G 72 -10.16 -16.28 31.67
C ALA G 72 -9.66 -16.02 33.08
N ALA G 73 -10.52 -16.15 34.10
CA ALA G 73 -10.10 -15.84 35.47
C ALA G 73 -8.99 -16.75 35.97
N VAL G 74 -8.83 -17.94 35.39
CA VAL G 74 -7.78 -18.85 35.85
C VAL G 74 -6.40 -18.28 35.53
N ASP G 75 -6.26 -17.61 34.38
CA ASP G 75 -4.99 -17.03 33.98
C ASP G 75 -4.85 -15.58 34.40
N THR G 76 -5.95 -14.81 34.36
CA THR G 76 -5.85 -13.38 34.64
C THR G 76 -6.03 -13.05 36.12
N TYR G 77 -6.73 -13.89 36.87
CA TYR G 77 -7.10 -13.58 38.24
C TYR G 77 -6.48 -14.55 39.24
N CYS G 78 -6.55 -15.85 38.96
CA CYS G 78 -6.00 -16.84 39.89
C CYS G 78 -4.48 -16.86 39.84
N ARG G 79 -3.92 -17.18 38.68
CA ARG G 79 -2.46 -17.26 38.57
C ARG G 79 -1.80 -15.91 38.84
N HIS G 80 -2.51 -14.81 38.61
CA HIS G 80 -1.96 -13.50 38.93
C HIS G 80 -1.80 -13.33 40.43
N ASN G 81 -2.91 -13.39 41.17
CA ASN G 81 -2.87 -13.19 42.61
C ASN G 81 -2.02 -14.25 43.32
N TYR G 82 -1.83 -15.41 42.72
CA TYR G 82 -0.99 -16.44 43.33
C TYR G 82 0.46 -15.98 43.39
N GLY G 83 0.97 -15.39 42.31
CA GLY G 83 2.35 -14.93 42.30
C GLY G 83 2.57 -13.60 43.01
N VAL G 84 1.50 -12.84 43.25
CA VAL G 84 1.66 -11.55 43.93
C VAL G 84 2.08 -11.75 45.37
N GLY G 85 1.59 -12.80 46.03
CA GLY G 85 1.88 -13.01 47.44
C GLY G 85 2.63 -14.30 47.75
N GLU G 86 3.17 -14.95 46.71
CA GLU G 86 3.82 -16.24 46.91
C GLU G 86 5.00 -16.14 47.87
N SER G 87 5.65 -14.99 47.94
CA SER G 87 6.83 -14.86 48.80
C SER G 87 6.44 -14.87 50.26
N PHE G 88 5.41 -14.11 50.64
CA PHE G 88 5.02 -13.97 52.03
C PHE G 88 3.82 -14.83 52.42
N THR G 89 3.42 -15.76 51.56
CA THR G 89 2.32 -16.67 51.90
C THR G 89 2.76 -18.12 51.72
N VAL G 90 2.90 -18.56 50.46
CA VAL G 90 3.27 -19.95 50.20
C VAL G 90 4.66 -20.25 50.76
N GLN G 91 5.57 -19.28 50.67
CA GLN G 91 6.94 -19.46 51.14
C GLN G 91 7.16 -18.90 52.54
N ARG G 92 6.07 -18.65 53.29
CA ARG G 92 6.17 -18.14 54.64
C ARG G 92 6.57 -19.28 55.57
N ARG G 93 7.73 -19.14 56.23
CA ARG G 93 8.24 -20.15 57.14
C ARG G 93 8.55 -19.50 58.48
N VAL G 94 7.89 -19.99 59.54
CA VAL G 94 8.11 -19.48 60.89
C VAL G 94 8.44 -20.66 61.80
N TYR G 95 9.54 -20.54 62.54
CA TYR G 95 9.95 -21.61 63.44
C TYR G 95 8.88 -21.82 64.52
N PRO G 96 8.59 -23.06 64.88
CA PRO G 96 7.77 -23.30 66.07
C PRO G 96 8.58 -23.11 67.34
N GLU G 97 7.86 -22.88 68.43
CA GLU G 97 8.47 -22.74 69.76
C GLU G 97 7.84 -23.79 70.67
N VAL G 98 8.67 -24.63 71.27
CA VAL G 98 8.20 -25.80 72.02
C VAL G 98 8.53 -25.59 73.49
N THR G 99 7.55 -25.81 74.34
CA THR G 99 7.73 -25.83 75.80
C THR G 99 6.93 -27.01 76.36
N VAL G 100 7.51 -27.69 77.35
CA VAL G 100 6.89 -28.85 77.97
C VAL G 100 6.72 -28.56 79.46
N TYR G 101 5.55 -28.88 80.00
CA TYR G 101 5.26 -28.68 81.41
C TYR G 101 4.29 -29.77 81.87
N PRO G 102 4.36 -30.17 83.13
CA PRO G 102 3.41 -31.15 83.66
C PRO G 102 2.13 -30.49 84.19
N ALA G 103 1.09 -31.30 84.26
CA ALA G 103 -0.21 -30.84 84.71
C ALA G 103 -0.98 -32.02 85.27
N LYS G 104 -2.26 -31.80 85.59
CA LYS G 104 -3.07 -32.86 86.16
C LYS G 104 -4.52 -32.69 85.71
N THR G 105 -5.18 -33.82 85.45
CA THR G 105 -6.58 -33.81 85.06
C THR G 105 -7.48 -33.52 86.25
N GLN G 106 -7.28 -34.25 87.34
CA GLN G 106 -8.08 -34.16 88.55
C GLN G 106 -7.24 -33.65 89.71
N PRO G 107 -7.84 -32.88 90.65
CA PRO G 107 -7.12 -32.53 91.89
C PRO G 107 -6.40 -33.72 92.50
N LEU G 108 -5.07 -33.67 92.49
CA LEU G 108 -4.26 -34.83 92.84
C LEU G 108 -2.96 -34.35 93.48
N GLN G 109 -2.24 -35.28 94.09
CA GLN G 109 -0.95 -34.98 94.71
C GLN G 109 0.22 -35.16 93.76
N HIS G 110 -0.01 -35.72 92.58
CA HIS G 110 1.02 -35.88 91.57
C HIS G 110 0.44 -35.48 90.22
N HIS G 111 1.27 -35.53 89.18
CA HIS G 111 0.86 -35.20 87.81
C HIS G 111 0.49 -36.47 87.06
N ASN G 112 -0.61 -36.41 86.31
CA ASN G 112 -0.99 -37.52 85.43
C ASN G 112 -1.01 -37.11 83.96
N LEU G 113 -0.70 -35.86 83.63
CA LEU G 113 -0.63 -35.39 82.26
C LEU G 113 0.64 -34.56 82.08
N LEU G 114 1.23 -34.67 80.89
CA LEU G 114 2.47 -33.96 80.55
C LEU G 114 2.27 -33.32 79.19
N VAL G 115 2.16 -31.99 79.16
CA VAL G 115 1.73 -31.27 77.97
C VAL G 115 2.95 -30.72 77.22
N CYS G 116 2.93 -30.86 75.90
CA CYS G 116 3.91 -30.25 75.02
C CYS G 116 3.20 -29.20 74.19
N SER G 117 3.63 -27.94 74.33
CA SER G 117 2.95 -26.79 73.74
C SER G 117 3.81 -26.23 72.61
N VAL G 118 3.37 -26.45 71.37
CA VAL G 118 4.01 -25.89 70.18
C VAL G 118 3.25 -24.64 69.77
N ASN G 119 3.97 -23.52 69.64
CA ASN G 119 3.32 -22.22 69.50
C ASN G 119 3.97 -21.39 68.40
N GLY G 120 3.13 -20.78 67.56
CA GLY G 120 3.55 -19.71 66.66
C GLY G 120 4.36 -20.14 65.45
N PHE G 121 3.84 -21.10 64.68
CA PHE G 121 4.54 -21.64 63.53
C PHE G 121 3.67 -21.55 62.29
N TYR G 122 4.32 -21.37 61.15
CA TYR G 122 3.66 -21.37 59.84
C TYR G 122 4.61 -22.01 58.83
N PRO G 123 4.09 -22.90 57.95
CA PRO G 123 2.70 -23.35 57.81
C PRO G 123 2.23 -24.33 58.87
N GLY G 124 0.94 -24.69 58.81
CA GLY G 124 0.33 -25.51 59.84
C GLY G 124 0.74 -26.97 59.81
N SER G 125 1.28 -27.45 58.70
CA SER G 125 1.70 -28.84 58.61
C SER G 125 2.83 -29.11 59.62
N ILE G 126 2.59 -30.06 60.53
CA ILE G 126 3.52 -30.30 61.63
C ILE G 126 3.27 -31.69 62.18
N GLU G 127 4.30 -32.28 62.80
CA GLU G 127 4.21 -33.56 63.48
C GLU G 127 4.92 -33.46 64.82
N VAL G 128 4.30 -33.99 65.86
CA VAL G 128 4.82 -33.90 67.22
C VAL G 128 4.87 -35.31 67.81
N ARG G 129 6.05 -35.69 68.31
CA ARG G 129 6.29 -37.03 68.84
C ARG G 129 6.58 -36.96 70.34
N TRP G 130 6.26 -38.05 71.04
CA TRP G 130 6.51 -38.18 72.46
C TRP G 130 7.40 -39.39 72.72
N PHE G 131 8.50 -39.18 73.43
CA PHE G 131 9.43 -40.26 73.76
C PHE G 131 9.61 -40.31 75.27
N ARG G 132 9.48 -41.49 75.85
CA ARG G 132 9.80 -41.74 77.25
C ARG G 132 11.04 -42.63 77.30
N ASN G 133 12.14 -42.08 77.82
CA ASN G 133 13.39 -42.81 78.01
C ASN G 133 13.94 -43.36 76.70
N GLY G 134 13.69 -42.67 75.60
CA GLY G 134 14.19 -43.06 74.30
C GLY G 134 13.20 -43.78 73.42
N GLN G 135 12.18 -44.41 74.01
CA GLN G 135 11.17 -45.16 73.25
C GLN G 135 9.94 -44.28 73.06
N GLU G 136 9.46 -44.21 71.82
CA GLU G 136 8.30 -43.39 71.53
C GLU G 136 7.05 -43.98 72.15
N GLU G 137 6.23 -43.12 72.75
CA GLU G 137 4.97 -43.54 73.35
C GLU G 137 3.88 -43.42 72.30
N LYS G 138 3.49 -44.55 71.72
CA LYS G 138 2.43 -44.55 70.73
C LYS G 138 1.05 -44.51 71.38
N THR G 139 0.90 -45.16 72.53
CA THR G 139 -0.40 -45.25 73.20
C THR G 139 -0.52 -44.16 74.28
N GLY G 140 -1.76 -43.72 74.49
CA GLY G 140 -2.03 -42.73 75.51
C GLY G 140 -1.64 -41.30 75.16
N VAL G 141 -1.75 -40.92 73.90
CA VAL G 141 -1.40 -39.57 73.45
C VAL G 141 -2.65 -38.91 72.90
N VAL G 142 -3.01 -37.75 73.46
CA VAL G 142 -4.16 -36.97 73.03
C VAL G 142 -3.66 -35.61 72.56
N SER G 143 -4.14 -35.18 71.39
CA SER G 143 -3.74 -33.91 70.80
C SER G 143 -4.93 -32.97 70.72
N THR G 144 -4.64 -31.68 70.63
CA THR G 144 -5.67 -30.66 70.47
C THR G 144 -6.03 -30.38 69.02
N GLY G 145 -5.28 -30.94 68.07
CA GLY G 145 -5.48 -30.60 66.68
C GLY G 145 -4.84 -29.27 66.35
N LEU G 146 -4.90 -28.93 65.07
CA LEU G 146 -4.34 -27.66 64.61
C LEU G 146 -5.22 -26.51 65.11
N ILE G 147 -4.60 -25.48 65.68
CA ILE G 147 -5.31 -24.35 66.27
C ILE G 147 -4.87 -23.10 65.52
N GLN G 148 -5.74 -22.58 64.65
CA GLN G 148 -5.47 -21.32 63.97
C GLN G 148 -5.61 -20.16 64.96
N ASN G 149 -4.63 -19.26 64.97
CA ASN G 149 -4.66 -18.10 65.85
C ASN G 149 -5.20 -16.85 65.16
N GLY G 150 -5.32 -16.86 63.83
CA GLY G 150 -5.81 -15.70 63.12
C GLY G 150 -4.75 -14.67 62.77
N ASP G 151 -3.55 -14.77 63.35
CA ASP G 151 -2.45 -13.85 63.04
C ASP G 151 -1.37 -14.54 62.22
N TRP G 152 -1.77 -15.46 61.34
CA TRP G 152 -0.87 -16.20 60.46
C TRP G 152 0.09 -17.09 61.23
N THR G 153 -0.31 -17.53 62.42
CA THR G 153 0.44 -18.52 63.18
C THR G 153 -0.49 -19.63 63.62
N PHE G 154 0.09 -20.79 63.93
CA PHE G 154 -0.64 -21.95 64.42
C PHE G 154 -0.09 -22.35 65.79
N GLN G 155 -0.87 -23.18 66.48
CA GLN G 155 -0.40 -23.82 67.70
C GLN G 155 -1.15 -25.13 67.89
N THR G 156 -0.58 -25.99 68.73
CA THR G 156 -1.21 -27.27 69.06
C THR G 156 -0.54 -27.81 70.31
N LEU G 157 -1.35 -28.40 71.19
CA LEU G 157 -0.87 -28.90 72.48
C LEU G 157 -1.03 -30.42 72.47
N VAL G 158 0.06 -31.12 72.12
CA VAL G 158 0.11 -32.56 72.22
C VAL G 158 0.53 -32.92 73.64
N MET G 159 -0.21 -33.83 74.27
CA MET G 159 0.04 -34.19 75.66
C MET G 159 -0.07 -35.69 75.84
N LEU G 160 0.64 -36.20 76.84
CA LEU G 160 0.77 -37.63 77.10
C LEU G 160 0.17 -37.95 78.46
N GLU G 161 -0.68 -38.99 78.48
CA GLU G 161 -1.27 -39.48 79.73
C GLU G 161 -0.22 -40.34 80.43
N THR G 162 0.44 -39.78 81.43
CA THR G 162 1.47 -40.52 82.16
C THR G 162 1.64 -39.87 83.54
N VAL G 163 1.97 -40.70 84.53
CA VAL G 163 2.31 -40.22 85.86
C VAL G 163 3.83 -40.21 85.98
N PRO G 164 4.48 -39.07 85.74
CA PRO G 164 5.94 -39.06 85.62
C PRO G 164 6.63 -39.49 86.91
N ARG G 165 7.48 -40.51 86.78
CA ARG G 165 8.31 -40.97 87.89
C ARG G 165 9.58 -40.12 87.96
N SER G 166 10.24 -40.20 89.12
CA SER G 166 11.51 -39.51 89.30
C SER G 166 12.62 -40.27 88.57
N GLY G 167 13.50 -39.52 87.91
CA GLY G 167 14.56 -40.09 87.11
C GLY G 167 14.17 -40.37 85.67
N GLU G 168 12.88 -40.58 85.40
CA GLU G 168 12.43 -40.73 84.03
C GLU G 168 12.71 -39.46 83.24
N VAL G 169 13.03 -39.66 81.96
CA VAL G 169 13.27 -38.55 81.04
C VAL G 169 12.23 -38.60 79.93
N TYR G 170 11.67 -37.45 79.59
CA TYR G 170 10.69 -37.30 78.54
C TYR G 170 11.17 -36.28 77.52
N THR G 171 10.98 -36.57 76.24
CA THR G 171 11.40 -35.69 75.17
C THR G 171 10.25 -35.52 74.17
N CYS G 172 9.97 -34.27 73.81
CA CYS G 172 8.92 -33.94 72.87
C CYS G 172 9.59 -33.53 71.56
N GLN G 173 9.52 -34.39 70.56
CA GLN G 173 10.12 -34.14 69.26
C GLN G 173 9.07 -33.57 68.32
N VAL G 174 9.43 -32.53 67.57
CA VAL G 174 8.54 -31.88 66.63
C VAL G 174 9.28 -31.73 65.31
N GLU G 175 8.58 -32.04 64.21
CA GLU G 175 9.14 -31.93 62.87
C GLU G 175 8.28 -30.96 62.07
N HIS G 176 8.91 -29.94 61.52
CA HIS G 176 8.20 -28.85 60.83
C HIS G 176 8.99 -28.44 59.60
N PRO G 177 8.31 -28.05 58.52
CA PRO G 177 9.04 -27.63 57.30
C PRO G 177 10.05 -26.52 57.53
N SER G 178 9.78 -25.60 58.45
CA SER G 178 10.71 -24.50 58.70
C SER G 178 12.04 -25.01 59.24
N LEU G 179 12.03 -26.16 59.91
CA LEU G 179 13.24 -26.73 60.48
C LEU G 179 14.04 -27.48 59.42
N THR G 180 15.35 -27.55 59.63
CA THR G 180 16.23 -28.38 58.82
C THR G 180 16.53 -29.71 59.49
N SER G 181 15.98 -29.95 60.67
CA SER G 181 16.14 -31.18 61.44
C SER G 181 15.16 -31.16 62.60
N PRO G 182 14.76 -32.32 63.11
CA PRO G 182 13.77 -32.34 64.20
C PRO G 182 14.22 -31.51 65.40
N LEU G 183 13.23 -31.01 66.12
CA LEU G 183 13.43 -30.10 67.25
C LEU G 183 12.94 -30.79 68.51
N THR G 184 13.84 -31.02 69.45
CA THR G 184 13.55 -31.78 70.66
C THR G 184 13.65 -30.89 71.89
N VAL G 185 12.83 -31.22 72.89
CA VAL G 185 12.85 -30.55 74.18
C VAL G 185 12.71 -31.61 75.27
N GLU G 186 13.72 -31.72 76.13
CA GLU G 186 13.74 -32.75 77.16
C GLU G 186 13.19 -32.21 78.47
N TRP G 187 12.45 -33.05 79.19
CA TRP G 187 11.87 -32.70 80.48
C TRP G 187 12.12 -33.85 81.45
N ARG G 188 12.89 -33.58 82.49
CA ARG G 188 13.19 -34.56 83.53
C ARG G 188 12.41 -34.20 84.79
N ALA G 189 11.64 -35.17 85.28
CA ALA G 189 10.86 -34.97 86.51
C ALA G 189 11.83 -34.84 87.68
N THR G 190 12.09 -33.61 88.11
CA THR G 190 13.03 -33.34 89.19
C THR G 190 12.63 -32.08 89.97
N GLN H 2 0.41 8.80 24.84
CA GLN H 2 0.32 8.57 26.28
C GLN H 2 0.75 7.15 26.64
N GLN H 3 0.24 6.63 27.77
CA GLN H 3 0.53 5.26 28.16
C GLN H 3 0.02 4.26 27.12
N LEU H 4 -1.10 4.58 26.48
CA LEU H 4 -1.68 3.77 25.42
C LEU H 4 -1.55 4.53 24.10
N ASN H 5 -0.68 4.05 23.22
CA ASN H 5 -0.38 4.73 21.96
C ASN H 5 -1.16 4.07 20.83
N GLN H 6 -2.12 4.79 20.28
CA GLN H 6 -2.93 4.29 19.18
C GLN H 6 -2.45 4.90 17.87
N SER H 7 -2.16 4.05 16.90
CA SER H 7 -1.71 4.51 15.59
C SER H 7 -2.42 3.73 14.49
N PRO H 8 -2.67 4.38 13.34
CA PRO H 8 -2.38 5.78 13.03
C PRO H 8 -3.31 6.75 13.74
N GLN H 9 -3.04 8.04 13.63
CA GLN H 9 -3.97 9.03 14.16
C GLN H 9 -4.96 9.50 13.11
N SER H 10 -4.58 9.44 11.84
CA SER H 10 -5.47 9.77 10.72
C SER H 10 -5.26 8.74 9.62
N MET H 11 -6.33 8.44 8.90
CA MET H 11 -6.26 7.49 7.80
C MET H 11 -7.15 7.95 6.66
N PHE H 12 -6.66 7.79 5.44
CA PHE H 12 -7.40 8.08 4.22
C PHE H 12 -7.42 6.81 3.37
N ILE H 13 -8.53 6.10 3.42
CA ILE H 13 -8.71 4.84 2.70
C ILE H 13 -9.76 5.07 1.61
N GLN H 14 -9.77 4.18 0.62
CA GLN H 14 -10.75 4.23 -0.46
C GLN H 14 -11.59 2.96 -0.45
N GLU H 15 -12.79 3.06 -1.03
CA GLU H 15 -13.71 1.93 -1.09
C GLU H 15 -13.02 0.72 -1.70
N GLY H 16 -12.95 -0.36 -0.92
CA GLY H 16 -12.31 -1.59 -1.32
C GLY H 16 -11.04 -1.92 -0.57
N GLU H 17 -10.28 -0.91 -0.17
CA GLU H 17 -9.04 -1.14 0.56
C GLU H 17 -9.33 -1.49 2.02
N ASP H 18 -8.41 -2.24 2.62
CA ASP H 18 -8.56 -2.70 3.99
C ASP H 18 -7.88 -1.73 4.96
N VAL H 19 -8.38 -1.73 6.20
CA VAL H 19 -7.93 -0.81 7.23
C VAL H 19 -7.31 -1.62 8.38
N SER H 20 -6.25 -1.08 8.97
CA SER H 20 -5.57 -1.74 10.09
C SER H 20 -5.08 -0.68 11.07
N MET H 21 -5.38 -0.89 12.34
CA MET H 21 -5.03 0.02 13.42
C MET H 21 -4.24 -0.70 14.48
N ASN H 22 -3.46 0.06 15.24
CA ASN H 22 -2.57 -0.46 16.25
C ASN H 22 -2.91 0.15 17.59
N CYS H 23 -2.33 -0.41 18.65
CA CYS H 23 -2.57 0.05 20.01
C CYS H 23 -1.58 -0.64 20.96
N THR H 24 -0.55 0.09 21.38
CA THR H 24 0.49 -0.46 22.23
C THR H 24 0.35 0.10 23.65
N SER H 25 0.61 -0.74 24.64
CA SER H 25 0.47 -0.38 26.03
C SER H 25 1.83 -0.40 26.73
N SER H 26 1.89 0.32 27.84
CA SER H 26 3.10 0.32 28.67
C SER H 26 3.05 -0.72 29.78
N SER H 27 1.85 -1.11 30.21
CA SER H 27 1.67 -2.12 31.24
C SER H 27 0.85 -3.28 30.69
N ILE H 28 0.96 -4.43 31.36
CA ILE H 28 0.30 -5.65 30.89
C ILE H 28 -1.20 -5.52 31.10
N PHE H 29 -1.97 -5.70 30.03
CA PHE H 29 -3.41 -5.55 30.05
C PHE H 29 -4.09 -6.91 30.21
N ASN H 30 -5.27 -6.88 30.83
CA ASN H 30 -6.09 -8.07 31.00
C ASN H 30 -7.24 -8.14 30.00
N THR H 31 -7.76 -6.99 29.57
CA THR H 31 -8.84 -6.92 28.59
C THR H 31 -8.54 -5.80 27.60
N TRP H 32 -9.05 -5.96 26.38
CA TRP H 32 -8.92 -4.94 25.34
C TRP H 32 -10.31 -4.64 24.78
N LEU H 33 -10.53 -3.38 24.43
CA LEU H 33 -11.81 -2.94 23.88
C LEU H 33 -11.57 -2.06 22.67
N TRP H 34 -12.52 -2.09 21.73
CA TRP H 34 -12.49 -1.24 20.55
C TRP H 34 -13.83 -0.56 20.39
N TYR H 35 -13.82 0.76 20.26
CA TYR H 35 -15.04 1.56 20.12
C TYR H 35 -15.04 2.28 18.78
N LYS H 36 -16.21 2.78 18.39
CA LYS H 36 -16.38 3.61 17.21
C LYS H 36 -17.29 4.78 17.56
N GLN H 37 -16.83 5.99 17.26
CA GLN H 37 -17.61 7.20 17.50
C GLN H 37 -18.07 7.75 16.16
N GLU H 38 -19.39 7.71 15.93
CA GLU H 38 -19.98 8.28 14.73
C GLU H 38 -20.03 9.81 14.83
N PRO H 39 -20.00 10.50 13.70
CA PRO H 39 -20.08 11.97 13.73
C PRO H 39 -21.35 12.45 14.41
N GLY H 40 -21.17 13.22 15.49
CA GLY H 40 -22.28 13.75 16.25
C GLY H 40 -22.89 12.82 17.26
N GLU H 41 -22.28 11.67 17.51
CA GLU H 41 -22.77 10.70 18.46
C GLU H 41 -21.69 10.39 19.49
N GLY H 42 -21.95 9.39 20.32
CA GLY H 42 -20.97 8.92 21.28
C GLY H 42 -20.32 7.63 20.86
N PRO H 43 -19.19 7.29 21.48
CA PRO H 43 -18.50 6.04 21.13
C PRO H 43 -19.29 4.84 21.66
N VAL H 44 -19.46 3.83 20.80
CA VAL H 44 -20.10 2.59 21.19
C VAL H 44 -19.12 1.45 20.93
N LEU H 45 -19.36 0.33 21.61
CA LEU H 45 -18.41 -0.77 21.61
C LEU H 45 -18.50 -1.55 20.30
N LEU H 46 -17.33 -1.84 19.72
CA LEU H 46 -17.26 -2.71 18.52
C LEU H 46 -17.01 -4.15 18.93
N ILE H 47 -15.83 -4.43 19.49
CA ILE H 47 -15.42 -5.78 19.85
C ILE H 47 -14.76 -5.74 21.22
N ALA H 48 -14.97 -6.81 21.99
CA ALA H 48 -14.33 -6.99 23.28
C ALA H 48 -13.40 -8.19 23.23
N LEU H 49 -12.30 -8.09 23.99
CA LEU H 49 -11.28 -9.14 24.03
C LEU H 49 -10.89 -9.36 25.48
N TYR H 50 -11.03 -10.59 25.97
CA TYR H 50 -10.74 -10.92 27.35
C TYR H 50 -9.67 -11.99 27.53
N LYS H 51 -9.36 -12.78 26.50
CA LYS H 51 -8.39 -13.85 26.61
C LYS H 51 -7.17 -13.53 25.75
N ALA H 52 -5.99 -13.79 26.29
CA ALA H 52 -4.75 -13.50 25.58
C ALA H 52 -4.64 -14.39 24.35
N GLY H 53 -4.27 -13.79 23.22
CA GLY H 53 -4.21 -14.51 21.96
C GLY H 53 -5.53 -14.71 21.27
N GLU H 54 -6.59 -14.04 21.74
CA GLU H 54 -7.92 -14.23 21.18
C GLU H 54 -7.98 -13.68 19.75
N LEU H 55 -8.98 -14.15 19.00
CA LEU H 55 -9.25 -13.64 17.65
C LEU H 55 -10.77 -13.60 17.48
N THR H 56 -11.37 -12.46 17.80
CA THR H 56 -12.80 -12.26 17.69
C THR H 56 -13.08 -11.37 16.48
N SER H 57 -14.04 -11.77 15.66
CA SER H 57 -14.39 -11.03 14.45
C SER H 57 -15.90 -10.83 14.40
N ASN H 58 -16.32 -9.59 14.15
CA ASN H 58 -17.73 -9.25 14.00
C ASN H 58 -17.89 -8.65 12.61
N GLY H 59 -18.43 -9.43 11.68
CA GLY H 59 -18.58 -8.93 10.32
C GLY H 59 -17.23 -8.76 9.66
N ARG H 60 -17.01 -7.59 9.06
CA ARG H 60 -15.72 -7.30 8.46
C ARG H 60 -14.69 -6.86 9.49
N LEU H 61 -15.12 -6.46 10.68
CA LEU H 61 -14.20 -6.09 11.73
C LEU H 61 -13.51 -7.32 12.29
N THR H 62 -12.22 -7.18 12.60
CA THR H 62 -11.44 -8.27 13.18
C THR H 62 -10.46 -7.68 14.18
N ALA H 63 -10.54 -8.16 15.42
CA ALA H 63 -9.66 -7.70 16.48
C ALA H 63 -8.87 -8.87 17.06
N GLN H 64 -7.65 -8.57 17.52
CA GLN H 64 -6.77 -9.59 18.08
C GLN H 64 -6.18 -9.12 19.40
N PHE H 65 -6.04 -10.07 20.33
CA PHE H 65 -5.42 -9.81 21.63
C PHE H 65 -3.97 -10.28 21.54
N GLY H 66 -3.03 -9.35 21.63
CA GLY H 66 -1.63 -9.70 21.47
C GLY H 66 -1.13 -10.54 22.63
N ILE H 67 -0.42 -11.62 22.32
CA ILE H 67 0.10 -12.50 23.36
C ILE H 67 1.15 -11.83 24.23
N THR H 68 1.66 -10.67 23.81
CA THR H 68 2.52 -9.87 24.67
C THR H 68 1.76 -9.25 25.83
N ARG H 69 0.43 -9.35 25.81
CA ARG H 69 -0.42 -8.64 26.77
C ARG H 69 -0.13 -7.15 26.77
N LYS H 70 0.29 -6.63 25.61
CA LYS H 70 0.58 -5.20 25.43
C LYS H 70 0.17 -4.66 24.07
N ASP H 71 -0.31 -5.49 23.14
CA ASP H 71 -0.62 -5.05 21.79
C ASP H 71 -2.00 -5.55 21.40
N SER H 72 -2.65 -4.81 20.50
CA SER H 72 -3.94 -5.22 19.94
C SER H 72 -4.09 -4.57 18.57
N PHE H 73 -4.76 -5.28 17.67
CA PHE H 73 -4.92 -4.82 16.30
C PHE H 73 -6.37 -4.90 15.87
N LEU H 74 -6.80 -3.92 15.08
CA LEU H 74 -8.14 -3.89 14.49
C LEU H 74 -8.01 -3.91 12.97
N ASN H 75 -8.95 -4.58 12.30
CA ASN H 75 -8.92 -4.69 10.84
C ASN H 75 -10.33 -4.59 10.29
N ILE H 76 -10.52 -3.68 9.34
CA ILE H 76 -11.76 -3.56 8.57
C ILE H 76 -11.52 -4.19 7.21
N SER H 77 -12.28 -5.23 6.87
CA SER H 77 -11.96 -6.08 5.73
C SER H 77 -12.30 -5.45 4.39
N ALA H 78 -13.23 -4.48 4.34
CA ALA H 78 -13.58 -3.83 3.08
C ALA H 78 -14.19 -2.47 3.43
N SER H 79 -13.39 -1.42 3.28
CA SER H 79 -13.82 -0.09 3.69
C SER H 79 -14.96 0.40 2.81
N ILE H 80 -16.10 0.67 3.43
CA ILE H 80 -17.25 1.26 2.76
C ILE H 80 -17.34 2.71 3.22
N PRO H 81 -18.07 3.58 2.52
CA PRO H 81 -18.10 4.99 2.96
C PRO H 81 -18.71 5.19 4.33
N SER H 82 -19.58 4.28 4.79
CA SER H 82 -20.20 4.44 6.10
C SER H 82 -19.24 4.18 7.25
N ASP H 83 -18.04 3.67 6.98
CA ASP H 83 -17.08 3.34 8.01
C ASP H 83 -16.38 4.56 8.60
N VAL H 84 -16.70 5.77 8.13
CA VAL H 84 -16.04 6.96 8.65
C VAL H 84 -16.31 7.10 10.14
N GLY H 85 -15.38 7.73 10.84
CA GLY H 85 -15.52 7.94 12.27
C GLY H 85 -14.23 7.76 13.02
N ILE H 86 -14.27 7.90 14.34
CA ILE H 86 -13.10 7.74 15.19
C ILE H 86 -13.15 6.33 15.80
N TYR H 87 -11.98 5.72 15.96
CA TYR H 87 -11.86 4.38 16.53
C TYR H 87 -10.97 4.45 17.76
N PHE H 88 -11.53 4.18 18.93
CA PHE H 88 -10.82 4.24 20.19
C PHE H 88 -10.47 2.83 20.65
N CYS H 89 -9.22 2.64 21.08
CA CYS H 89 -8.81 1.39 21.72
C CYS H 89 -8.71 1.63 23.23
N ALA H 90 -9.34 0.76 23.99
CA ALA H 90 -9.33 0.85 25.44
C ALA H 90 -8.90 -0.48 26.03
N GLY H 91 -8.41 -0.42 27.26
CA GLY H 91 -7.98 -1.64 27.93
C GLY H 91 -7.87 -1.42 29.43
N GLN H 92 -7.64 -2.53 30.13
CA GLN H 92 -7.51 -2.53 31.58
C GLN H 92 -6.23 -3.23 31.98
N ASP H 93 -5.38 -2.52 32.74
CA ASP H 93 -4.30 -3.18 33.46
C ASP H 93 -4.84 -3.58 34.83
N VAL H 94 -3.97 -4.05 35.72
CA VAL H 94 -4.44 -4.50 37.02
C VAL H 94 -4.93 -3.32 37.85
N GLY H 95 -4.32 -2.15 37.68
CA GLY H 95 -4.82 -0.97 38.37
C GLY H 95 -6.15 -0.50 37.83
N ASN H 96 -6.33 -0.56 36.51
CA ASN H 96 -7.61 -0.18 35.92
C ASN H 96 -8.72 -1.14 36.34
N THR H 97 -8.38 -2.44 36.49
CA THR H 97 -9.40 -3.40 36.90
C THR H 97 -9.86 -3.12 38.33
N ASN H 98 -8.91 -2.81 39.23
CA ASN H 98 -9.26 -2.52 40.62
C ASN H 98 -10.11 -1.27 40.74
N ALA H 99 -9.82 -0.25 39.93
CA ALA H 99 -10.59 0.98 39.97
C ALA H 99 -11.88 0.91 39.17
N GLY H 100 -12.04 -0.10 38.31
CA GLY H 100 -13.21 -0.15 37.46
C GLY H 100 -13.12 0.72 36.23
N LYS H 101 -12.00 1.40 36.03
CA LYS H 101 -11.82 2.29 34.90
C LYS H 101 -11.31 1.51 33.68
N SER H 102 -10.95 2.23 32.62
CA SER H 102 -10.27 1.68 31.46
C SER H 102 -9.57 2.77 30.65
N THR H 103 -8.26 2.68 30.52
CA THR H 103 -7.52 3.71 29.79
C THR H 103 -7.86 3.65 28.31
N PHE H 104 -8.04 4.83 27.72
CA PHE H 104 -8.41 4.96 26.31
C PHE H 104 -7.22 5.41 25.48
N GLY H 105 -7.19 4.96 24.23
CA GLY H 105 -6.26 5.53 23.27
C GLY H 105 -6.71 6.91 22.81
N ASP H 106 -5.81 7.61 22.15
CA ASP H 106 -6.13 8.96 21.70
C ASP H 106 -7.02 8.99 20.47
N GLY H 107 -7.06 7.89 19.71
CA GLY H 107 -8.03 7.76 18.63
C GLY H 107 -7.44 7.66 17.23
N THR H 108 -8.22 7.08 16.31
CA THR H 108 -7.86 6.98 14.90
C THR H 108 -9.06 7.45 14.08
N THR H 109 -8.94 8.61 13.45
CA THR H 109 -10.02 9.15 12.63
C THR H 109 -9.90 8.59 11.22
N LEU H 110 -10.90 7.84 10.80
CA LEU H 110 -10.91 7.18 9.50
C LEU H 110 -11.83 7.94 8.55
N THR H 111 -11.36 8.10 7.30
CA THR H 111 -12.14 8.72 6.23
C THR H 111 -12.00 7.87 4.98
N VAL H 112 -13.12 7.48 4.38
CA VAL H 112 -13.15 6.62 3.20
C VAL H 112 -13.63 7.44 2.02
N LYS H 113 -12.75 7.60 1.01
CA LYS H 113 -13.14 8.29 -0.20
C LYS H 113 -13.92 7.36 -1.12
N PRO H 114 -15.06 7.79 -1.66
CA PRO H 114 -15.92 6.86 -2.40
C PRO H 114 -15.48 6.70 -3.86
N ASN H 115 -15.91 5.58 -4.43
CA ASN H 115 -15.66 5.29 -5.84
C ASN H 115 -16.75 5.96 -6.68
N ILE H 116 -16.38 7.06 -7.33
CA ILE H 116 -17.30 7.69 -8.28
C ILE H 116 -17.34 6.81 -9.53
N GLN H 117 -18.49 6.21 -9.80
CA GLN H 117 -18.60 5.28 -10.93
C GLN H 117 -18.47 6.00 -12.26
N ASN H 118 -19.04 7.20 -12.38
CA ASN H 118 -18.93 8.01 -13.59
C ASN H 118 -18.71 9.46 -13.21
N PRO H 119 -17.45 9.91 -13.16
CA PRO H 119 -17.17 11.32 -12.87
C PRO H 119 -17.80 12.22 -13.92
N ASP H 120 -18.25 13.39 -13.49
CA ASP H 120 -18.91 14.35 -14.38
C ASP H 120 -18.74 15.74 -13.80
N PRO H 121 -17.52 16.26 -13.77
CA PRO H 121 -17.25 17.56 -13.13
C PRO H 121 -18.00 18.68 -13.84
N ALA H 122 -18.61 19.55 -13.03
CA ALA H 122 -19.42 20.66 -13.53
C ALA H 122 -19.62 21.66 -12.41
N VAL H 123 -19.86 22.91 -12.81
CA VAL H 123 -20.11 24.01 -11.88
C VAL H 123 -21.43 24.67 -12.28
N TYR H 124 -22.44 24.55 -11.43
CA TYR H 124 -23.75 25.12 -11.69
C TYR H 124 -24.00 26.30 -10.76
N GLN H 125 -24.82 27.24 -11.23
CA GLN H 125 -25.22 28.39 -10.43
C GLN H 125 -26.67 28.20 -10.01
N LEU H 126 -26.95 28.48 -8.73
CA LEU H 126 -28.27 28.31 -8.15
C LEU H 126 -28.78 29.64 -7.65
N ARG H 127 -30.01 29.99 -8.00
CA ARG H 127 -30.64 31.22 -7.54
C ARG H 127 -31.47 30.97 -6.28
N ASP H 128 -31.67 32.04 -5.51
CA ASP H 128 -32.41 31.95 -4.26
C ASP H 128 -33.87 31.57 -4.52
N SER H 129 -34.51 31.03 -3.48
CA SER H 129 -35.90 30.63 -3.61
C SER H 129 -36.83 31.84 -3.61
N LYS H 130 -36.73 32.68 -2.59
CA LYS H 130 -37.54 33.88 -2.52
C LYS H 130 -36.90 35.03 -3.29
N SER H 131 -35.63 35.30 -3.02
CA SER H 131 -34.90 36.35 -3.71
C SER H 131 -34.45 35.86 -5.10
N SER H 132 -33.84 36.75 -5.86
CA SER H 132 -33.32 36.41 -7.17
C SER H 132 -31.87 36.85 -7.30
N ASP H 133 -31.48 37.85 -6.51
CA ASP H 133 -30.11 38.35 -6.57
C ASP H 133 -29.14 37.38 -5.91
N LYS H 134 -29.50 36.84 -4.75
CA LYS H 134 -28.62 35.91 -4.04
C LYS H 134 -28.42 34.64 -4.86
N SER H 135 -27.15 34.23 -5.00
CA SER H 135 -26.82 33.09 -5.83
C SER H 135 -25.55 32.42 -5.32
N VAL H 136 -25.49 31.09 -5.49
CA VAL H 136 -24.35 30.28 -5.07
C VAL H 136 -23.90 29.42 -6.25
N CYS H 137 -22.67 28.92 -6.15
CA CYS H 137 -22.08 28.08 -7.17
C CYS H 137 -21.86 26.67 -6.62
N LEU H 138 -22.13 25.67 -7.46
CA LEU H 138 -22.13 24.27 -7.03
C LEU H 138 -21.16 23.48 -7.89
N PHE H 139 -19.98 23.20 -7.35
CA PHE H 139 -19.04 22.27 -7.97
C PHE H 139 -19.40 20.87 -7.50
N THR H 140 -19.80 20.01 -8.44
CA THR H 140 -20.35 18.70 -8.07
C THR H 140 -19.94 17.64 -9.08
N ASP H 141 -20.18 16.39 -8.71
CA ASP H 141 -19.98 15.20 -9.55
C ASP H 141 -18.54 15.02 -10.00
N PHE H 142 -17.59 15.70 -9.35
CA PHE H 142 -16.19 15.48 -9.67
C PHE H 142 -15.69 14.21 -9.00
N ASP H 143 -14.59 13.68 -9.53
CA ASP H 143 -14.03 12.44 -9.00
C ASP H 143 -13.45 12.65 -7.61
N SER H 144 -13.38 11.54 -6.86
CA SER H 144 -12.88 11.60 -5.48
C SER H 144 -11.42 12.02 -5.39
N GLN H 145 -10.71 12.10 -6.51
CA GLN H 145 -9.30 12.48 -6.52
C GLN H 145 -9.10 13.98 -6.73
N THR H 146 -10.18 14.75 -6.86
CA THR H 146 -10.11 16.19 -7.06
C THR H 146 -10.31 16.88 -5.71
N ASN H 147 -9.34 17.71 -5.32
CA ASN H 147 -9.38 18.40 -4.03
C ASN H 147 -9.81 19.85 -4.23
N VAL H 148 -10.64 20.34 -3.30
CA VAL H 148 -11.16 21.70 -3.35
C VAL H 148 -10.51 22.50 -2.23
N SER H 149 -9.76 23.53 -2.61
CA SER H 149 -9.10 24.40 -1.66
C SER H 149 -9.92 25.66 -1.40
N GLN H 150 -9.55 26.39 -0.36
CA GLN H 150 -10.27 27.60 0.00
C GLN H 150 -9.93 28.73 -0.98
N SER H 151 -10.71 29.81 -0.90
CA SER H 151 -10.52 30.94 -1.78
C SER H 151 -9.36 31.81 -1.30
N LYS H 152 -8.68 32.43 -2.26
CA LYS H 152 -7.69 33.45 -1.95
C LYS H 152 -8.31 34.83 -1.75
N ASP H 153 -9.65 34.90 -1.69
CA ASP H 153 -10.38 36.14 -1.42
C ASP H 153 -11.18 35.93 -0.15
N SER H 154 -10.88 36.74 0.88
CA SER H 154 -11.49 36.55 2.18
C SER H 154 -13.00 36.78 2.18
N ASP H 155 -13.53 37.41 1.13
CA ASP H 155 -14.97 37.62 1.01
C ASP H 155 -15.64 36.54 0.16
N VAL H 156 -14.91 35.53 -0.28
CA VAL H 156 -15.47 34.38 -0.99
C VAL H 156 -15.36 33.17 -0.08
N TYR H 157 -16.47 32.46 0.10
CA TYR H 157 -16.54 31.33 1.01
C TYR H 157 -16.74 30.05 0.21
N ILE H 158 -15.87 29.06 0.45
CA ILE H 158 -15.90 27.78 -0.25
C ILE H 158 -15.90 26.66 0.77
N THR H 159 -16.87 25.76 0.68
CA THR H 159 -16.91 24.62 1.57
C THR H 159 -16.05 23.49 1.01
N ASP H 160 -15.67 22.57 1.90
CA ASP H 160 -14.85 21.44 1.49
C ASP H 160 -15.72 20.40 0.76
N LYS H 161 -15.10 19.29 0.38
CA LYS H 161 -15.81 18.26 -0.35
C LYS H 161 -16.92 17.66 0.51
N CYS H 162 -17.94 17.11 -0.16
CA CYS H 162 -19.06 16.49 0.52
C CYS H 162 -19.59 15.36 -0.34
N VAL H 163 -19.72 14.18 0.25
CA VAL H 163 -20.17 12.99 -0.48
C VAL H 163 -21.62 12.72 -0.07
N LEU H 164 -22.54 12.87 -1.00
CA LEU H 164 -23.95 12.52 -0.79
C LEU H 164 -24.25 11.24 -1.55
N ASP H 165 -25.08 10.38 -0.95
CA ASP H 165 -25.38 9.07 -1.52
C ASP H 165 -26.89 8.96 -1.73
N MET H 166 -27.31 9.02 -2.99
CA MET H 166 -28.66 8.63 -3.38
C MET H 166 -28.66 7.11 -3.38
N ARG H 167 -29.12 6.51 -2.27
CA ARG H 167 -28.84 5.11 -1.99
C ARG H 167 -29.60 4.18 -2.92
N SER H 168 -30.88 4.46 -3.17
CA SER H 168 -31.68 3.57 -4.02
C SER H 168 -31.33 3.69 -5.49
N MET H 169 -30.64 4.75 -5.90
CA MET H 169 -30.14 4.89 -7.26
C MET H 169 -28.65 4.58 -7.39
N ASP H 170 -27.99 4.25 -6.28
CA ASP H 170 -26.57 3.90 -6.25
C ASP H 170 -25.72 4.96 -6.94
N PHE H 171 -26.02 6.22 -6.62
CA PHE H 171 -25.31 7.37 -7.21
C PHE H 171 -24.71 8.19 -6.08
N LYS H 172 -23.40 8.01 -5.85
CA LYS H 172 -22.66 8.88 -4.97
C LYS H 172 -22.03 10.00 -5.80
N SER H 173 -22.00 11.21 -5.23
CA SER H 173 -21.46 12.36 -5.94
C SER H 173 -20.79 13.31 -4.97
N ASN H 174 -19.55 13.67 -5.26
CA ASN H 174 -18.88 14.71 -4.50
C ASN H 174 -19.48 16.08 -4.84
N SER H 175 -19.36 17.02 -3.91
CA SER H 175 -19.96 18.33 -4.10
C SER H 175 -19.34 19.32 -3.14
N ALA H 176 -19.07 20.53 -3.64
CA ALA H 176 -18.59 21.63 -2.82
C ALA H 176 -19.29 22.90 -3.26
N VAL H 177 -19.62 23.75 -2.29
CA VAL H 177 -20.40 24.96 -2.53
C VAL H 177 -19.52 26.18 -2.28
N ALA H 178 -19.65 27.18 -3.15
CA ALA H 178 -18.95 28.45 -3.01
C ALA H 178 -19.93 29.59 -3.22
N TRP H 179 -19.75 30.67 -2.46
CA TRP H 179 -20.62 31.83 -2.57
C TRP H 179 -19.83 33.07 -2.20
N SER H 180 -20.40 34.24 -2.48
CA SER H 180 -19.78 35.50 -2.14
C SER H 180 -20.82 36.60 -2.30
N ASN H 181 -20.51 37.78 -1.75
CA ASN H 181 -21.40 38.94 -1.82
C ASN H 181 -20.77 40.09 -2.60
N LYS H 182 -19.82 39.79 -3.48
CA LYS H 182 -19.24 40.79 -4.37
C LYS H 182 -19.83 40.65 -5.77
N SER H 183 -19.50 41.63 -6.61
CA SER H 183 -19.90 41.58 -8.01
C SER H 183 -18.86 40.89 -8.87
N ASP H 184 -17.59 40.95 -8.47
CA ASP H 184 -16.54 40.24 -9.18
C ASP H 184 -16.66 38.72 -9.07
N PHE H 185 -17.55 38.23 -8.22
CA PHE H 185 -17.71 36.79 -8.01
C PHE H 185 -18.59 36.19 -9.10
N ALA H 186 -18.06 35.21 -9.82
CA ALA H 186 -18.81 34.46 -10.81
C ALA H 186 -18.48 32.98 -10.65
N CYS H 187 -19.40 32.12 -11.11
CA CYS H 187 -19.16 30.69 -11.00
C CYS H 187 -17.99 30.23 -11.84
N ALA H 188 -17.58 31.03 -12.82
CA ALA H 188 -16.43 30.68 -13.65
C ALA H 188 -15.10 30.92 -12.96
N ASN H 189 -15.07 31.67 -11.86
CA ASN H 189 -13.84 31.94 -11.16
C ASN H 189 -13.90 31.62 -9.67
N ALA H 190 -14.96 30.93 -9.23
CA ALA H 190 -15.07 30.59 -7.80
C ALA H 190 -14.04 29.54 -7.41
N PHE H 191 -13.99 28.43 -8.14
CA PHE H 191 -13.05 27.35 -7.85
C PHE H 191 -11.80 27.47 -8.74
N ASN H 192 -11.14 28.61 -8.61
CA ASN H 192 -9.94 28.89 -9.39
C ASN H 192 -8.67 28.46 -8.67
N ASN H 193 -8.59 28.70 -7.36
CA ASN H 193 -7.47 28.22 -6.56
C ASN H 193 -7.47 26.70 -6.41
N SER H 194 -8.54 26.03 -6.82
CA SER H 194 -8.60 24.58 -6.79
C SER H 194 -8.18 23.98 -8.13
N ILE H 195 -7.66 22.76 -8.08
CA ILE H 195 -7.20 22.06 -9.30
C ILE H 195 -8.40 21.28 -9.81
N ILE H 196 -9.28 21.98 -10.51
CA ILE H 196 -10.52 21.39 -11.01
C ILE H 196 -10.22 20.53 -12.24
N PRO H 197 -10.99 19.48 -12.51
CA PRO H 197 -10.78 18.70 -13.73
C PRO H 197 -10.94 19.56 -14.98
N GLU H 198 -10.16 19.22 -16.00
CA GLU H 198 -10.21 19.98 -17.25
C GLU H 198 -11.54 19.80 -17.97
N ASP H 199 -12.26 18.71 -17.73
CA ASP H 199 -13.54 18.45 -18.35
C ASP H 199 -14.71 19.09 -17.60
N THR H 200 -14.42 19.96 -16.63
CA THR H 200 -15.48 20.58 -15.83
C THR H 200 -16.41 21.39 -16.72
N PHE H 201 -17.67 20.99 -16.75
CA PHE H 201 -18.68 21.67 -17.55
C PHE H 201 -19.08 22.98 -16.88
N PHE H 202 -18.83 24.10 -17.56
CA PHE H 202 -19.26 25.41 -17.11
C PHE H 202 -20.40 25.88 -18.01
N PRO H 203 -21.66 25.65 -17.62
CA PRO H 203 -22.78 26.03 -18.49
C PRO H 203 -22.84 27.54 -18.73
N SER H 204 -23.50 27.90 -19.82
CA SER H 204 -23.63 29.30 -20.20
C SER H 204 -24.88 29.52 -21.03
N GLY I 1 -31.14 3.60 29.97
CA GLY I 1 -30.35 4.23 28.93
C GLY I 1 -29.71 5.53 29.38
N ILE I 2 -28.40 5.65 29.16
CA ILE I 2 -27.71 6.88 29.54
C ILE I 2 -28.23 8.04 28.71
N THR I 3 -28.44 9.18 29.36
CA THR I 3 -28.88 10.37 28.68
C THR I 3 -28.31 11.59 29.41
N GLN I 4 -28.04 12.65 28.65
CA GLN I 4 -27.46 13.86 29.18
C GLN I 4 -28.36 15.05 28.90
N SER I 5 -28.44 15.98 29.84
CA SER I 5 -29.20 17.20 29.67
C SER I 5 -28.51 18.35 30.40
N PRO I 6 -28.30 19.48 29.72
CA PRO I 6 -28.69 19.68 28.32
C PRO I 6 -27.71 19.04 27.36
N ARG I 7 -28.02 19.02 26.07
CA ARG I 7 -27.07 18.58 25.07
C ARG I 7 -26.32 19.73 24.43
N TYR I 8 -26.81 20.96 24.59
CA TYR I 8 -26.08 22.16 24.23
C TYR I 8 -26.22 23.15 25.37
N LYS I 9 -25.16 23.94 25.59
CA LYS I 9 -25.17 24.86 26.72
C LYS I 9 -24.18 25.98 26.45
N ILE I 10 -24.66 27.22 26.45
CA ILE I 10 -23.82 28.40 26.45
C ILE I 10 -23.83 28.95 27.87
N THR I 11 -22.67 29.36 28.37
CA THR I 11 -22.58 29.92 29.70
C THR I 11 -21.54 31.04 29.73
N GLU I 12 -21.82 32.06 30.55
CA GLU I 12 -20.90 33.18 30.70
C GLU I 12 -19.70 32.75 31.55
N THR I 13 -18.57 33.38 31.29
CA THR I 13 -17.33 33.04 32.00
C THR I 13 -17.46 33.37 33.48
N GLY I 14 -17.07 32.42 34.33
CA GLY I 14 -17.13 32.60 35.77
C GLY I 14 -18.36 32.02 36.44
N ARG I 15 -19.38 31.62 35.67
CA ARG I 15 -20.62 31.15 36.25
C ARG I 15 -20.50 29.68 36.66
N GLN I 16 -21.54 29.18 37.32
CA GLN I 16 -21.58 27.81 37.85
C GLN I 16 -22.68 27.05 37.13
N VAL I 17 -22.28 26.17 36.21
CA VAL I 17 -23.22 25.34 35.48
C VAL I 17 -23.00 23.88 35.86
N THR I 18 -23.97 23.04 35.53
CA THR I 18 -23.93 21.64 35.92
C THR I 18 -24.70 20.82 34.89
N LEU I 19 -24.01 19.83 34.32
CA LEU I 19 -24.60 18.90 33.37
C LEU I 19 -25.07 17.64 34.10
N MET I 20 -26.26 17.18 33.75
CA MET I 20 -26.90 16.07 34.44
C MET I 20 -26.89 14.83 33.55
N CYS I 21 -26.45 13.71 34.12
CA CYS I 21 -26.43 12.43 33.44
C CYS I 21 -27.30 11.44 34.20
N HIS I 22 -28.20 10.76 33.49
CA HIS I 22 -29.15 9.84 34.10
C HIS I 22 -29.07 8.48 33.40
N GLN I 23 -29.14 7.42 34.21
CA GLN I 23 -29.11 6.05 33.72
C GLN I 23 -30.20 5.25 34.38
N THR I 24 -30.91 4.45 33.59
CA THR I 24 -31.95 3.57 34.10
C THR I 24 -31.49 2.12 34.21
N TRP I 25 -30.26 1.83 33.78
CA TRP I 25 -29.73 0.47 33.83
C TRP I 25 -29.34 0.04 35.24
N SER I 26 -29.40 0.94 36.21
CA SER I 26 -29.03 0.64 37.59
C SER I 26 -27.57 0.18 37.70
N HIS I 27 -26.72 0.68 36.80
CA HIS I 27 -25.30 0.36 36.85
C HIS I 27 -24.64 1.01 38.06
N SER I 28 -23.49 0.48 38.44
CA SER I 28 -22.76 1.02 39.58
C SER I 28 -21.73 2.07 39.17
N TYR I 29 -21.08 1.88 38.01
CA TYR I 29 -20.00 2.75 37.56
C TYR I 29 -20.56 3.80 36.60
N MET I 30 -20.18 5.06 36.83
CA MET I 30 -20.52 6.16 35.94
C MET I 30 -19.30 7.07 35.79
N PHE I 31 -19.15 7.65 34.60
CA PHE I 31 -17.95 8.38 34.25
C PHE I 31 -18.33 9.67 33.52
N TRP I 32 -17.49 10.69 33.69
CA TRP I 32 -17.61 11.94 32.95
C TRP I 32 -16.30 12.22 32.22
N TYR I 33 -16.39 12.44 30.91
CA TYR I 33 -15.24 12.71 30.07
C TYR I 33 -15.39 14.07 29.40
N ARG I 34 -14.31 14.52 28.76
CA ARG I 34 -14.34 15.67 27.87
C ARG I 34 -13.44 15.36 26.67
N GLN I 35 -13.94 15.64 25.47
CA GLN I 35 -13.26 15.28 24.23
C GLN I 35 -12.78 16.54 23.53
N ASP I 36 -11.46 16.67 23.40
CA ASP I 36 -10.82 17.79 22.70
C ASP I 36 -10.00 17.25 21.53
N LEU I 37 -9.41 18.18 20.77
CA LEU I 37 -8.58 17.83 19.62
C LEU I 37 -7.17 17.55 20.10
N GLY I 38 -6.68 16.34 19.82
CA GLY I 38 -5.35 15.92 20.16
C GLY I 38 -5.25 15.13 21.45
N HIS I 39 -6.12 15.42 22.42
CA HIS I 39 -6.12 14.72 23.69
C HIS I 39 -7.07 13.54 23.74
N GLY I 40 -8.07 13.50 22.84
CA GLY I 40 -9.02 12.42 22.87
C GLY I 40 -9.88 12.47 24.11
N LEU I 41 -10.35 11.30 24.54
CA LEU I 41 -11.12 11.22 25.77
C LEU I 41 -10.21 11.43 26.98
N ARG I 42 -10.72 12.17 27.97
CA ARG I 42 -10.01 12.43 29.22
C ARG I 42 -11.01 12.38 30.35
N LEU I 43 -10.79 11.49 31.30
CA LEU I 43 -11.73 11.34 32.42
C LEU I 43 -11.60 12.52 33.37
N ILE I 44 -12.74 13.08 33.76
CA ILE I 44 -12.79 14.19 34.70
C ILE I 44 -12.95 13.64 36.11
N TYR I 45 -14.11 13.04 36.38
CA TYR I 45 -14.38 12.34 37.62
C TYR I 45 -15.09 11.04 37.26
N TYR I 46 -15.23 10.17 38.26
CA TYR I 46 -16.00 8.95 38.08
C TYR I 46 -16.46 8.46 39.43
N SER I 47 -17.51 7.64 39.41
CA SER I 47 -18.13 7.14 40.63
C SER I 47 -18.33 5.64 40.50
N ALA I 48 -17.65 4.86 41.36
CA ALA I 48 -17.77 3.41 41.30
C ALA I 48 -19.12 2.93 41.83
N ALA I 49 -19.73 3.68 42.74
CA ALA I 49 -21.03 3.34 43.31
C ALA I 49 -21.56 4.59 44.01
N ALA I 50 -22.77 4.46 44.57
CA ALA I 50 -23.40 5.58 45.25
C ALA I 50 -22.53 6.05 46.41
N ASP I 51 -22.46 7.37 46.58
CA ASP I 51 -21.71 8.01 47.66
C ASP I 51 -20.21 7.75 47.57
N ILE I 52 -19.70 7.42 46.37
CA ILE I 52 -18.29 7.14 46.15
C ILE I 52 -17.88 7.89 44.90
N THR I 53 -17.04 8.92 45.05
CA THR I 53 -16.57 9.71 43.92
C THR I 53 -15.06 9.82 43.98
N ASP I 54 -14.41 9.65 42.82
CA ASP I 54 -12.97 9.74 42.71
C ASP I 54 -12.59 10.65 41.55
N LYS I 55 -11.40 11.24 41.64
CA LYS I 55 -10.90 12.14 40.63
C LYS I 55 -10.42 11.35 39.41
N GLY I 56 -10.15 12.08 38.33
CA GLY I 56 -9.69 11.50 37.09
C GLY I 56 -8.43 12.20 36.60
N GLU I 57 -8.27 12.21 35.28
CA GLU I 57 -7.08 12.83 34.68
C GLU I 57 -7.18 14.35 34.71
N VAL I 58 -8.35 14.90 34.45
CA VAL I 58 -8.56 16.35 34.45
C VAL I 58 -9.65 16.71 35.45
N PRO I 59 -9.37 16.71 36.75
CA PRO I 59 -10.40 16.99 37.76
C PRO I 59 -10.39 18.40 38.32
N ASP I 60 -9.51 19.28 37.85
CA ASP I 60 -9.41 20.63 38.36
C ASP I 60 -10.42 21.53 37.64
N GLY I 61 -11.10 22.38 38.41
CA GLY I 61 -12.20 23.17 37.90
C GLY I 61 -13.53 22.46 37.89
N TYR I 62 -13.56 21.17 38.24
CA TYR I 62 -14.78 20.39 38.29
C TYR I 62 -14.97 19.83 39.69
N VAL I 63 -16.24 19.64 40.06
CA VAL I 63 -16.63 18.85 41.21
C VAL I 63 -17.76 17.94 40.76
N VAL I 64 -18.04 16.92 41.55
CA VAL I 64 -19.04 15.92 41.18
C VAL I 64 -19.63 15.32 42.44
N SER I 65 -20.77 14.66 42.29
CA SER I 65 -21.45 14.02 43.41
C SER I 65 -22.27 12.86 42.90
N ARG I 66 -22.64 11.97 43.81
CA ARG I 66 -23.52 10.85 43.47
C ARG I 66 -24.15 10.33 44.76
N SER I 67 -25.34 10.85 45.07
CA SER I 67 -26.13 10.34 46.19
C SER I 67 -27.16 9.32 45.75
N LYS I 68 -27.50 9.27 44.47
CA LYS I 68 -28.39 8.26 43.93
C LYS I 68 -27.69 7.55 42.78
N THR I 69 -27.99 6.26 42.64
CA THR I 69 -27.34 5.46 41.60
C THR I 69 -27.61 6.03 40.21
N GLU I 70 -28.85 6.39 39.92
CA GLU I 70 -29.25 6.85 38.59
C GLU I 70 -28.66 8.22 38.24
N ASN I 71 -27.99 8.88 39.17
CA ASN I 71 -27.58 10.26 38.98
C ASN I 71 -26.05 10.38 39.01
N PHE I 72 -25.54 11.36 38.27
CA PHE I 72 -24.13 11.72 38.32
C PHE I 72 -23.94 13.12 37.75
N PRO I 73 -24.22 14.16 38.52
CA PRO I 73 -24.14 15.54 38.00
C PRO I 73 -22.72 16.09 38.04
N LEU I 74 -22.18 16.38 36.87
CA LEU I 74 -20.91 17.10 36.75
C LEU I 74 -21.16 18.60 36.81
N THR I 75 -20.35 19.31 37.58
CA THR I 75 -20.55 20.73 37.83
C THR I 75 -19.26 21.49 37.57
N LEU I 76 -19.37 22.62 36.87
CA LEU I 76 -18.26 23.54 36.71
C LEU I 76 -18.37 24.62 37.78
N GLU I 77 -17.37 24.69 38.66
CA GLU I 77 -17.43 25.63 39.77
C GLU I 77 -17.39 27.07 39.28
N SER I 78 -16.32 27.44 38.58
CA SER I 78 -16.16 28.76 37.98
C SER I 78 -15.77 28.54 36.54
N ALA I 79 -16.74 28.66 35.63
CA ALA I 79 -16.51 28.31 34.23
C ALA I 79 -15.43 29.19 33.62
N THR I 80 -14.50 28.56 32.91
CA THR I 80 -13.42 29.24 32.22
C THR I 80 -13.50 28.95 30.73
N ARG I 81 -12.93 29.85 29.93
CA ARG I 81 -12.87 29.61 28.49
C ARG I 81 -12.07 28.35 28.18
N SER I 82 -11.20 27.91 29.09
CA SER I 82 -10.47 26.66 28.93
C SER I 82 -11.34 25.43 29.09
N GLN I 83 -12.60 25.58 29.51
CA GLN I 83 -13.50 24.46 29.69
C GLN I 83 -14.52 24.35 28.57
N THR I 84 -14.24 24.96 27.42
CA THR I 84 -15.07 24.82 26.23
C THR I 84 -14.74 23.50 25.55
N SER I 85 -15.63 22.52 25.66
CA SER I 85 -15.43 21.23 24.99
C SER I 85 -16.75 20.48 24.96
N VAL I 86 -16.69 19.25 24.48
CA VAL I 86 -17.84 18.34 24.46
C VAL I 86 -17.68 17.34 25.60
N TYR I 87 -18.74 17.14 26.37
CA TYR I 87 -18.71 16.30 27.54
C TYR I 87 -19.54 15.05 27.31
N PHE I 88 -18.95 13.89 27.58
CA PHE I 88 -19.62 12.61 27.39
C PHE I 88 -19.74 11.90 28.73
N CYS I 89 -20.85 11.17 28.88
CA CYS I 89 -21.15 10.42 30.09
C CYS I 89 -21.28 8.95 29.73
N ALA I 90 -20.63 8.08 30.50
CA ALA I 90 -20.67 6.65 30.28
C ALA I 90 -21.05 5.93 31.56
N SER I 91 -21.50 4.69 31.42
CA SER I 91 -21.89 3.88 32.56
C SER I 91 -21.45 2.44 32.34
N SER I 92 -21.26 1.71 33.45
CA SER I 92 -20.86 0.32 33.40
C SER I 92 -21.42 -0.41 34.61
N GLY I 93 -21.92 -1.62 34.40
CA GLY I 93 -22.36 -2.48 35.49
C GLY I 93 -21.25 -3.40 35.93
N VAL I 94 -20.65 -4.08 34.95
CA VAL I 94 -19.45 -4.88 35.17
C VAL I 94 -18.40 -4.47 34.15
N PRO I 95 -17.39 -3.67 34.53
CA PRO I 95 -16.29 -3.25 33.66
C PRO I 95 -15.67 -4.45 32.97
N PRO I 96 -14.97 -4.25 31.84
CA PRO I 96 -14.46 -3.02 31.23
C PRO I 96 -15.42 -2.23 30.32
N VAL I 97 -16.52 -2.84 29.85
CA VAL I 97 -17.33 -2.19 28.83
C VAL I 97 -18.06 -0.99 29.42
N GLN I 98 -18.18 0.07 28.62
CA GLN I 98 -18.85 1.29 29.02
C GLN I 98 -19.87 1.68 27.95
N PHE I 99 -21.02 2.18 28.39
CA PHE I 99 -22.10 2.63 27.51
C PHE I 99 -22.17 4.16 27.59
N PHE I 100 -21.86 4.82 26.49
CA PHE I 100 -21.75 6.27 26.49
C PHE I 100 -23.09 6.92 26.13
N GLY I 101 -23.19 8.21 26.42
CA GLY I 101 -24.37 8.97 26.12
C GLY I 101 -24.21 9.77 24.85
N PRO I 102 -25.19 10.64 24.56
CA PRO I 102 -25.11 11.43 23.33
C PRO I 102 -24.09 12.55 23.37
N GLY I 103 -23.72 13.02 24.55
CA GLY I 103 -22.75 14.10 24.65
C GLY I 103 -23.42 15.44 24.88
N THR I 104 -22.62 16.39 25.36
CA THR I 104 -23.10 17.74 25.63
C THR I 104 -22.03 18.74 25.22
N ARG I 105 -22.35 19.58 24.24
CA ARG I 105 -21.46 20.64 23.81
C ARG I 105 -21.67 21.86 24.70
N LEU I 106 -20.60 22.31 25.34
CA LEU I 106 -20.65 23.43 26.27
C LEU I 106 -19.63 24.47 25.82
N THR I 107 -20.11 25.69 25.58
CA THR I 107 -19.26 26.79 25.11
C THR I 107 -19.24 27.86 26.19
N VAL I 108 -18.03 28.24 26.62
CA VAL I 108 -17.84 29.27 27.64
C VAL I 108 -17.49 30.58 26.95
N LEU I 109 -18.33 31.59 27.11
CA LEU I 109 -18.14 32.88 26.48
C LEU I 109 -17.93 33.95 27.53
N GLU I 110 -17.24 35.03 27.14
CA GLU I 110 -17.04 36.17 28.01
C GLU I 110 -18.19 37.19 27.90
N ASP I 111 -18.65 37.44 26.67
CA ASP I 111 -19.76 38.35 26.42
C ASP I 111 -20.86 37.56 25.72
N LEU I 112 -22.00 37.37 26.41
CA LEU I 112 -23.10 36.67 25.77
C LEU I 112 -23.67 37.43 24.59
N ASN I 113 -23.31 38.69 24.40
CA ASN I 113 -23.75 39.46 23.24
C ASN I 113 -23.14 38.97 21.94
N LYS I 114 -22.19 38.02 22.00
CA LYS I 114 -21.63 37.43 20.79
C LYS I 114 -22.52 36.34 20.21
N VAL I 115 -23.61 35.97 20.88
CA VAL I 115 -24.50 34.91 20.41
C VAL I 115 -25.47 35.49 19.40
N PHE I 116 -25.65 34.79 18.28
CA PHE I 116 -26.57 35.21 17.21
C PHE I 116 -27.20 33.98 16.59
N PRO I 117 -28.52 33.98 16.38
CA PRO I 117 -29.16 32.84 15.70
C PRO I 117 -28.78 32.81 14.23
N PRO I 118 -29.10 31.72 13.51
CA PRO I 118 -28.69 31.61 12.11
C PRO I 118 -29.69 32.22 11.13
N GLU I 119 -29.17 32.49 9.93
CA GLU I 119 -29.95 32.95 8.78
C GLU I 119 -30.00 31.83 7.75
N VAL I 120 -31.21 31.44 7.35
CA VAL I 120 -31.39 30.28 6.48
C VAL I 120 -32.04 30.73 5.18
N ALA I 121 -31.47 30.29 4.06
CA ALA I 121 -32.00 30.54 2.73
C ALA I 121 -31.79 29.30 1.87
N VAL I 122 -32.77 29.00 1.03
CA VAL I 122 -32.74 27.83 0.15
C VAL I 122 -32.49 28.28 -1.27
N PHE I 123 -31.59 27.58 -1.96
CA PHE I 123 -31.26 27.86 -3.35
C PHE I 123 -31.75 26.70 -4.22
N GLU I 124 -32.43 27.04 -5.32
CA GLU I 124 -33.13 26.09 -6.17
C GLU I 124 -32.19 25.50 -7.23
N PRO I 125 -32.46 24.27 -7.66
CA PRO I 125 -31.57 23.62 -8.64
C PRO I 125 -31.53 24.36 -9.96
N SER I 126 -30.39 24.30 -10.62
CA SER I 126 -30.21 24.96 -11.90
C SER I 126 -30.74 24.10 -13.04
N GLU I 127 -31.41 24.75 -14.00
CA GLU I 127 -31.93 24.01 -15.15
C GLU I 127 -30.80 23.35 -15.93
N ALA I 128 -29.59 23.92 -15.88
CA ALA I 128 -28.45 23.32 -16.55
C ALA I 128 -28.10 21.96 -15.95
N GLU I 129 -28.27 21.81 -14.64
CA GLU I 129 -28.05 20.51 -14.01
C GLU I 129 -29.13 19.51 -14.40
N ILE I 130 -30.38 19.98 -14.54
CA ILE I 130 -31.49 19.10 -14.88
C ILE I 130 -31.36 18.60 -16.32
N SER I 131 -30.74 19.40 -17.20
CA SER I 131 -30.59 19.00 -18.59
C SER I 131 -29.41 18.05 -18.79
N HIS I 132 -28.29 18.32 -18.13
CA HIS I 132 -27.07 17.53 -18.33
C HIS I 132 -27.04 16.26 -17.49
N THR I 133 -27.58 16.30 -16.26
CA THR I 133 -27.49 15.17 -15.35
C THR I 133 -28.82 14.47 -15.09
N GLN I 134 -29.94 15.07 -15.48
CA GLN I 134 -31.29 14.55 -15.19
C GLN I 134 -31.50 14.40 -13.68
N LYS I 135 -30.86 15.26 -12.89
CA LYS I 135 -31.04 15.30 -11.45
C LYS I 135 -31.17 16.74 -11.00
N ALA I 136 -31.49 16.93 -9.73
CA ALA I 136 -31.71 18.26 -9.18
C ALA I 136 -31.09 18.33 -7.78
N THR I 137 -30.18 19.26 -7.59
CA THR I 137 -29.49 19.46 -6.31
C THR I 137 -29.95 20.77 -5.69
N LEU I 138 -30.55 20.69 -4.51
CA LEU I 138 -30.91 21.88 -3.74
C LEU I 138 -29.79 22.17 -2.74
N VAL I 139 -29.56 23.45 -2.50
CA VAL I 139 -28.50 23.89 -1.59
C VAL I 139 -29.11 24.80 -0.52
N CYS I 140 -28.84 24.47 0.74
CA CYS I 140 -29.26 25.29 1.86
C CYS I 140 -28.05 26.01 2.46
N LEU I 141 -28.30 27.18 3.03
CA LEU I 141 -27.24 28.03 3.55
C LEU I 141 -27.66 28.56 4.90
N ALA I 142 -26.88 28.27 5.93
CA ALA I 142 -27.12 28.76 7.29
C ALA I 142 -25.92 29.59 7.72
N THR I 143 -26.09 30.91 7.76
CA THR I 143 -24.99 31.84 7.96
C THR I 143 -25.26 32.76 9.15
N GLY I 144 -24.18 33.31 9.68
CA GLY I 144 -24.26 34.36 10.70
C GLY I 144 -24.73 33.91 12.07
N PHE I 145 -24.31 32.74 12.53
CA PHE I 145 -24.70 32.25 13.84
C PHE I 145 -23.46 32.04 14.71
N PHE I 146 -23.69 32.02 16.02
CA PHE I 146 -22.65 31.79 17.02
C PHE I 146 -23.28 31.47 18.38
N PRO I 147 -22.75 30.46 19.09
CA PRO I 147 -21.71 29.55 18.64
C PRO I 147 -22.26 28.47 17.71
N ASP I 148 -21.45 27.48 17.34
CA ASP I 148 -21.88 26.44 16.40
C ASP I 148 -22.72 25.37 17.10
N HIS I 149 -23.87 25.82 17.61
CA HIS I 149 -24.85 24.93 18.21
C HIS I 149 -26.06 24.83 17.29
N VAL I 150 -25.85 24.17 16.15
CA VAL I 150 -26.87 24.09 15.11
C VAL I 150 -27.08 22.62 14.73
N GLU I 151 -28.28 22.33 14.23
CA GLU I 151 -28.66 20.99 13.76
C GLU I 151 -29.50 21.18 12.49
N LEU I 152 -28.84 21.16 11.35
CA LEU I 152 -29.54 21.30 10.08
C LEU I 152 -30.20 19.98 9.69
N SER I 153 -31.34 20.08 9.03
CA SER I 153 -32.06 18.91 8.54
C SER I 153 -32.81 19.30 7.28
N TRP I 154 -33.38 18.30 6.62
CA TRP I 154 -34.19 18.50 5.44
C TRP I 154 -35.56 17.86 5.63
N TRP I 155 -36.56 18.44 4.99
CA TRP I 155 -37.96 17.99 5.13
C TRP I 155 -38.64 18.07 3.77
N VAL I 156 -38.87 16.91 3.16
CA VAL I 156 -39.56 16.81 1.88
C VAL I 156 -40.99 16.33 2.14
N ASN I 157 -41.96 17.20 1.84
CA ASN I 157 -43.39 16.89 2.01
C ASN I 157 -43.70 16.51 3.46
N GLY I 158 -43.21 17.32 4.39
CA GLY I 158 -43.47 17.13 5.80
C GLY I 158 -42.65 16.06 6.48
N LYS I 159 -42.01 15.18 5.72
CA LYS I 159 -41.20 14.10 6.28
C LYS I 159 -39.72 14.43 6.12
N GLU I 160 -38.92 13.98 7.09
CA GLU I 160 -37.49 14.23 7.08
C GLU I 160 -36.78 13.23 6.17
N VAL I 161 -35.74 13.70 5.47
CA VAL I 161 -34.98 12.87 4.55
C VAL I 161 -33.55 12.75 5.06
N HIS I 162 -32.87 11.68 4.62
CA HIS I 162 -31.46 11.51 4.90
C HIS I 162 -30.73 11.06 3.64
N SER I 163 -31.45 10.37 2.75
CA SER I 163 -30.85 9.93 1.51
C SER I 163 -30.71 11.11 0.55
N GLY I 164 -29.56 11.19 -0.12
CA GLY I 164 -29.28 12.31 -1.00
C GLY I 164 -28.97 13.60 -0.28
N VAL I 165 -28.53 13.53 0.97
CA VAL I 165 -28.26 14.70 1.79
C VAL I 165 -26.78 14.71 2.16
N CYS I 166 -26.17 15.89 2.13
CA CYS I 166 -24.80 16.05 2.59
C CYS I 166 -24.69 17.40 3.28
N THR I 167 -24.34 17.38 4.56
CA THR I 167 -24.09 18.59 5.33
C THR I 167 -22.60 18.68 5.61
N ASP I 168 -22.08 19.91 5.60
CA ASP I 168 -20.67 20.13 5.89
C ASP I 168 -20.33 19.58 7.27
N PRO I 169 -19.25 18.82 7.41
CA PRO I 169 -18.88 18.30 8.73
C PRO I 169 -18.40 19.37 9.69
N GLN I 170 -17.96 20.53 9.18
CA GLN I 170 -17.48 21.64 9.99
C GLN I 170 -17.93 22.96 9.36
N PRO I 171 -18.37 23.92 10.17
CA PRO I 171 -18.76 25.22 9.63
C PRO I 171 -17.55 26.09 9.30
N LEU I 172 -17.79 27.09 8.47
CA LEU I 172 -16.76 28.06 8.10
C LEU I 172 -16.82 29.24 9.08
N LYS I 173 -15.90 30.19 8.90
CA LYS I 173 -15.85 31.39 9.73
C LYS I 173 -16.02 32.62 8.86
N GLU I 174 -17.06 33.41 9.15
CA GLU I 174 -17.35 34.60 8.37
C GLU I 174 -16.30 35.68 8.54
N GLN I 175 -15.51 35.61 9.62
CA GLN I 175 -14.41 36.53 9.85
C GLN I 175 -13.29 35.76 10.54
N PRO I 176 -12.55 34.94 9.79
CA PRO I 176 -11.57 34.04 10.44
C PRO I 176 -10.53 34.76 11.28
N ALA I 177 -10.37 36.07 11.12
CA ALA I 177 -9.48 36.81 12.00
C ALA I 177 -9.96 36.79 13.44
N LEU I 178 -11.29 36.83 13.64
CA LEU I 178 -11.85 36.81 14.97
C LEU I 178 -11.97 35.38 15.49
N ASN I 179 -11.67 35.19 16.77
CA ASN I 179 -12.03 33.95 17.45
C ASN I 179 -13.50 33.93 17.85
N ASP I 180 -14.12 35.11 17.96
CA ASP I 180 -15.55 35.25 18.17
C ASP I 180 -16.33 35.28 16.85
N SER I 181 -15.73 34.78 15.77
CA SER I 181 -16.34 34.88 14.45
C SER I 181 -17.61 34.05 14.37
N ARG I 182 -18.60 34.59 13.66
CA ARG I 182 -19.85 33.88 13.43
C ARG I 182 -19.67 32.87 12.30
N TYR I 183 -20.41 31.77 12.38
CA TYR I 183 -20.18 30.61 11.53
C TYR I 183 -21.15 30.57 10.34
N ALA I 184 -20.81 29.71 9.39
CA ALA I 184 -21.63 29.47 8.21
C ALA I 184 -21.64 27.98 7.90
N LEU I 185 -22.80 27.45 7.55
CA LEU I 185 -22.96 26.04 7.27
C LEU I 185 -23.79 25.85 6.00
N SER I 186 -23.38 24.90 5.16
CA SER I 186 -24.09 24.57 3.94
C SER I 186 -24.47 23.11 3.94
N SER I 187 -25.54 22.78 3.20
CA SER I 187 -25.97 21.39 3.06
C SER I 187 -26.72 21.25 1.74
N ARG I 188 -26.72 20.02 1.21
CA ARG I 188 -27.26 19.75 -0.11
C ARG I 188 -28.31 18.64 -0.04
N LEU I 189 -29.29 18.74 -0.94
CA LEU I 189 -30.32 17.73 -1.12
C LEU I 189 -30.48 17.47 -2.61
N ARG I 190 -30.17 16.25 -3.04
CA ARG I 190 -30.21 15.89 -4.45
C ARG I 190 -31.31 14.86 -4.66
N VAL I 191 -32.41 15.29 -5.27
CA VAL I 191 -33.48 14.40 -5.69
C VAL I 191 -33.47 14.30 -7.21
N SER I 192 -34.28 13.39 -7.73
CA SER I 192 -34.38 13.24 -9.17
C SER I 192 -34.94 14.52 -9.81
N ALA I 193 -34.67 14.69 -11.10
CA ALA I 193 -35.09 15.89 -11.79
C ALA I 193 -36.62 15.98 -11.85
N THR I 194 -37.27 14.88 -12.22
CA THR I 194 -38.73 14.89 -12.36
C THR I 194 -39.40 15.15 -11.02
N PHE I 195 -38.82 14.67 -9.92
CA PHE I 195 -39.38 14.93 -8.60
C PHE I 195 -39.43 16.43 -8.33
N TRP I 196 -38.34 17.13 -8.62
CA TRP I 196 -38.34 18.58 -8.47
C TRP I 196 -39.29 19.25 -9.47
N GLN I 197 -39.44 18.66 -10.66
CA GLN I 197 -40.31 19.25 -11.66
C GLN I 197 -41.79 19.09 -11.32
N ASN I 198 -42.12 18.29 -10.32
CA ASN I 198 -43.51 18.19 -9.86
C ASN I 198 -43.79 19.34 -8.89
N PRO I 199 -44.71 20.25 -9.21
CA PRO I 199 -44.98 21.38 -8.32
C PRO I 199 -45.75 21.03 -7.06
N ARG I 200 -46.15 19.78 -6.89
CA ARG I 200 -46.87 19.35 -5.69
C ARG I 200 -45.94 18.90 -4.57
N ASN I 201 -44.63 18.89 -4.79
CA ASN I 201 -43.67 18.51 -3.76
C ASN I 201 -43.17 19.76 -3.03
N HIS I 202 -42.96 19.61 -1.71
CA HIS I 202 -42.55 20.71 -0.86
C HIS I 202 -41.19 20.39 -0.23
N PHE I 203 -40.21 21.25 -0.47
CA PHE I 203 -38.89 21.14 0.12
C PHE I 203 -38.71 22.22 1.18
N ARG I 204 -38.15 21.84 2.34
CA ARG I 204 -37.86 22.80 3.39
C ARG I 204 -36.54 22.45 4.05
N CYS I 205 -35.73 23.48 4.29
CA CYS I 205 -34.48 23.35 5.04
C CYS I 205 -34.70 23.92 6.43
N GLN I 206 -34.43 23.10 7.44
CA GLN I 206 -34.66 23.47 8.84
C GLN I 206 -33.35 23.50 9.60
N VAL I 207 -33.16 24.53 10.42
CA VAL I 207 -31.97 24.67 11.25
C VAL I 207 -32.44 24.89 12.69
N GLN I 208 -32.15 23.92 13.56
CA GLN I 208 -32.45 24.03 14.98
C GLN I 208 -31.26 24.62 15.70
N PHE I 209 -31.44 25.81 16.28
CA PHE I 209 -30.38 26.54 16.94
C PHE I 209 -30.57 26.46 18.45
N TYR I 210 -29.51 26.12 19.16
CA TYR I 210 -29.52 26.03 20.62
C TYR I 210 -28.77 27.24 21.15
N GLY I 211 -29.52 28.21 21.68
CA GLY I 211 -28.93 29.46 22.13
C GLY I 211 -29.02 29.66 23.62
N LEU I 212 -29.22 30.92 24.04
CA LEU I 212 -29.32 31.23 25.47
C LEU I 212 -30.68 30.82 26.01
N SER I 213 -30.66 30.27 27.23
CA SER I 213 -31.90 29.91 27.90
C SER I 213 -32.66 31.15 28.35
N GLU I 214 -33.95 30.96 28.65
CA GLU I 214 -34.76 32.05 29.17
C GLU I 214 -34.32 32.51 30.55
N ASN I 215 -33.35 31.83 31.17
CA ASN I 215 -32.84 32.19 32.49
C ASN I 215 -31.42 32.74 32.42
N ASP I 216 -30.96 33.14 31.24
CA ASP I 216 -29.62 33.71 31.11
C ASP I 216 -29.70 35.23 31.19
N GLU I 217 -28.58 35.84 31.57
CA GLU I 217 -28.52 37.29 31.74
C GLU I 217 -28.55 38.00 30.39
N TRP I 218 -29.22 39.16 30.36
CA TRP I 218 -29.38 39.90 29.10
C TRP I 218 -29.64 41.37 29.45
N THR I 219 -28.58 42.17 29.43
CA THR I 219 -28.69 43.62 29.60
C THR I 219 -28.56 44.35 28.28
N GLN I 220 -29.06 43.77 27.20
CA GLN I 220 -28.86 44.27 25.85
C GLN I 220 -30.15 44.82 25.28
N ASP I 221 -30.02 45.79 24.38
CA ASP I 221 -31.17 46.30 23.64
C ASP I 221 -31.69 45.29 22.62
N ARG I 222 -30.84 44.38 22.16
CA ARG I 222 -31.23 43.36 21.22
C ARG I 222 -32.17 42.35 21.87
N ALA I 223 -32.86 41.59 21.03
CA ALA I 223 -33.61 40.45 21.54
C ALA I 223 -32.65 39.37 22.03
N LYS I 224 -33.09 38.58 22.99
CA LYS I 224 -32.20 37.55 23.52
C LYS I 224 -32.10 36.38 22.54
N PRO I 225 -30.88 36.00 22.13
CA PRO I 225 -30.74 34.86 21.21
C PRO I 225 -31.15 33.55 21.88
N VAL I 226 -32.37 33.11 21.63
CA VAL I 226 -32.91 31.95 22.32
C VAL I 226 -32.90 30.76 21.38
N THR I 227 -33.06 29.57 21.96
CA THR I 227 -33.16 28.35 21.18
C THR I 227 -34.37 28.42 20.27
N GLN I 228 -34.14 28.27 18.97
CA GLN I 228 -35.19 28.48 17.98
C GLN I 228 -34.91 27.65 16.74
N ILE I 229 -35.87 27.66 15.83
CA ILE I 229 -35.80 26.92 14.57
C ILE I 229 -36.00 27.92 13.43
N VAL I 230 -34.99 28.06 12.57
CA VAL I 230 -35.05 28.92 11.40
C VAL I 230 -35.16 28.03 10.18
N SER I 231 -36.19 28.27 9.37
CA SER I 231 -36.48 27.42 8.23
C SER I 231 -36.38 28.22 6.93
N ALA I 232 -36.41 27.49 5.83
CA ALA I 232 -36.49 28.08 4.49
C ALA I 232 -37.01 27.00 3.56
N GLU I 233 -37.95 27.36 2.69
CA GLU I 233 -38.67 26.37 1.89
C GLU I 233 -38.60 26.74 0.41
N ALA I 234 -39.11 25.81 -0.41
CA ALA I 234 -39.18 25.97 -1.85
C ALA I 234 -40.08 24.88 -2.42
N TRP I 235 -40.96 25.25 -3.35
CA TRP I 235 -41.84 24.32 -4.03
C TRP I 235 -41.24 23.91 -5.37
N GLY I 236 -41.69 22.76 -5.87
CA GLY I 236 -41.25 22.30 -7.17
C GLY I 236 -41.68 23.24 -8.28
N ARG I 237 -40.95 23.19 -9.39
CA ARG I 237 -41.17 24.10 -10.51
C ARG I 237 -41.21 23.31 -11.81
N ALA I 238 -42.07 23.76 -12.72
CA ALA I 238 -42.16 23.17 -14.05
C ALA I 238 -41.90 24.22 -15.12
N ASP J 1 3.52 -6.29 44.14
CA ASP J 1 2.73 -5.82 43.01
C ASP J 1 1.25 -5.69 43.36
C CIR J 2 -2.36 -6.68 42.68
O CIR J 2 -2.14 -7.68 41.79
CA CIR J 2 -1.22 -5.69 42.91
N CIR J 2 0.03 -6.46 43.20
C3 CIR J 2 -0.99 -4.76 41.70
C4 CIR J 2 -2.23 -4.02 41.22
C5 CIR J 2 -1.94 -2.66 40.60
N6 CIR J 2 -1.64 -1.64 41.62
C7 CIR J 2 -2.57 -1.18 42.48
O7 CIR J 2 -3.74 -1.56 42.42
N8 CIR J 2 -2.15 -0.31 43.39
N TYR J 3 -2.94 -7.22 43.94
CA TYR J 3 -4.11 -8.09 43.96
C TYR J 3 -5.24 -7.49 43.14
C CIR J 4 -8.24 -8.25 41.47
O CIR J 4 -8.60 -9.57 41.74
CA CIR J 4 -6.74 -7.96 41.31
N CIR J 4 -6.03 -8.46 42.51
C3 CIR J 4 -6.15 -8.64 40.07
C4 CIR J 4 -6.94 -8.46 38.78
C5 CIR J 4 -6.23 -9.17 37.63
N6 CIR J 4 -7.16 -9.70 36.65
C7 CIR J 4 -7.86 -8.93 35.81
O7 CIR J 4 -7.71 -7.71 35.79
N8 CIR J 4 -8.71 -9.55 34.99
N LEU J 5 -9.31 -7.21 41.36
CA LEU J 5 -10.47 -7.89 41.92
C LEU J 5 -11.19 -8.69 40.84
N ASN J 6 -12.17 -9.49 41.24
CA ASN J 6 -13.08 -10.17 40.32
C ASN J 6 -14.47 -9.58 40.53
N TYR J 7 -15.03 -9.01 39.46
CA TYR J 7 -16.28 -8.26 39.58
C TYR J 7 -17.43 -9.18 39.96
N SER J 8 -18.15 -8.81 41.02
CA SER J 8 -19.38 -9.51 41.37
C SER J 8 -20.45 -9.23 40.31
N LEU J 9 -21.07 -10.30 39.80
CA LEU J 9 -21.98 -10.12 38.68
C LEU J 9 -23.33 -9.60 39.17
N PRO J 10 -23.92 -8.62 38.47
CA PRO J 10 -25.17 -8.02 38.94
C PRO J 10 -26.38 -8.87 38.58
N THR J 11 -27.26 -9.09 39.56
CA THR J 11 -28.47 -9.86 39.35
C THR J 11 -29.47 -9.07 38.49
N GLU K 3 -18.79 43.20 -61.41
CA GLU K 3 -17.50 43.69 -60.95
C GLU K 3 -17.02 42.88 -59.75
N GLU K 4 -17.02 41.55 -59.89
CA GLU K 4 -16.71 40.64 -58.82
C GLU K 4 -15.60 39.68 -59.24
N HIS K 5 -15.08 38.93 -58.27
CA HIS K 5 -14.00 37.99 -58.51
C HIS K 5 -14.14 36.82 -57.54
N VAL K 6 -13.52 35.69 -57.89
CA VAL K 6 -13.54 34.49 -57.07
C VAL K 6 -12.16 33.85 -57.09
N ILE K 7 -11.67 33.45 -55.93
CA ILE K 7 -10.43 32.67 -55.80
C ILE K 7 -10.77 31.35 -55.15
N ILE K 8 -10.37 30.25 -55.79
CA ILE K 8 -10.72 28.91 -55.33
C ILE K 8 -9.46 28.09 -55.15
N GLN K 9 -9.33 27.44 -54.00
CA GLN K 9 -8.25 26.49 -53.72
C GLN K 9 -8.83 25.10 -53.96
N ALA K 10 -8.62 24.56 -55.16
CA ALA K 10 -9.23 23.32 -55.58
C ALA K 10 -8.25 22.16 -55.47
N GLU K 11 -8.75 21.03 -54.94
CA GLU K 11 -7.95 19.83 -54.71
C GLU K 11 -8.80 18.60 -55.02
N PHE K 12 -8.13 17.52 -55.43
CA PHE K 12 -8.81 16.23 -55.54
C PHE K 12 -7.82 15.11 -55.26
N TYR K 13 -8.37 13.92 -55.05
CA TYR K 13 -7.60 12.68 -54.97
C TYR K 13 -8.44 11.58 -55.59
N LEU K 14 -7.81 10.76 -56.43
CA LEU K 14 -8.53 9.75 -57.20
C LEU K 14 -8.01 8.36 -56.83
N ASN K 15 -8.92 7.50 -56.37
CA ASN K 15 -8.63 6.08 -56.17
C ASN K 15 -9.35 5.28 -57.25
N PRO K 16 -8.79 4.14 -57.67
CA PRO K 16 -7.55 3.52 -57.18
C PRO K 16 -6.30 4.01 -57.89
N ASP K 17 -6.39 5.13 -58.60
CA ASP K 17 -5.24 5.65 -59.33
C ASP K 17 -4.20 6.28 -58.42
N GLN K 18 -4.59 6.68 -57.21
CA GLN K 18 -3.69 7.33 -56.26
C GLN K 18 -3.02 8.55 -56.90
N SER K 19 -3.84 9.43 -57.46
CA SER K 19 -3.37 10.65 -58.10
C SER K 19 -4.20 11.84 -57.58
N GLY K 20 -3.52 12.95 -57.34
CA GLY K 20 -4.19 14.14 -56.86
C GLY K 20 -3.48 15.38 -57.36
N GLU K 21 -4.11 16.54 -57.10
CA GLU K 21 -3.53 17.80 -57.52
C GLU K 21 -3.97 18.91 -56.57
N PHE K 22 -3.22 20.00 -56.61
CA PHE K 22 -3.45 21.18 -55.79
C PHE K 22 -3.18 22.40 -56.65
N MET K 23 -4.18 23.27 -56.81
CA MET K 23 -4.03 24.42 -57.68
C MET K 23 -4.92 25.56 -57.20
N PHE K 24 -4.54 26.77 -57.56
CA PHE K 24 -5.30 27.98 -57.25
C PHE K 24 -5.92 28.54 -58.53
N ASP K 25 -7.13 29.09 -58.39
CA ASP K 25 -7.96 29.46 -59.52
C ASP K 25 -8.53 30.85 -59.27
N PHE K 26 -8.25 31.78 -60.17
CA PHE K 26 -8.83 33.13 -60.13
C PHE K 26 -9.63 33.36 -61.40
N ASP K 27 -10.95 33.50 -61.26
CA ASP K 27 -11.84 33.85 -62.37
C ASP K 27 -11.72 32.86 -63.52
N GLY K 28 -11.53 31.58 -63.19
CA GLY K 28 -11.48 30.53 -64.20
C GLY K 28 -10.08 30.06 -64.54
N ASP K 29 -9.15 30.99 -64.72
CA ASP K 29 -7.80 30.64 -65.11
C ASP K 29 -6.98 30.19 -63.91
N GLU K 30 -5.83 29.58 -64.19
CA GLU K 30 -4.98 29.02 -63.16
C GLU K 30 -3.92 30.02 -62.72
N ILE K 31 -3.70 30.12 -61.42
CA ILE K 31 -2.60 30.90 -60.87
C ILE K 31 -1.33 30.07 -60.75
N PHE K 32 -1.44 28.91 -60.10
CA PHE K 32 -0.33 27.98 -59.98
C PHE K 32 -0.89 26.62 -59.58
N HIS K 33 -0.04 25.59 -59.66
CA HIS K 33 -0.41 24.26 -59.21
C HIS K 33 0.82 23.57 -58.65
N VAL K 34 0.64 22.86 -57.55
CA VAL K 34 1.74 22.13 -56.94
C VAL K 34 2.00 20.87 -57.74
N ASP K 35 3.26 20.63 -58.09
CA ASP K 35 3.64 19.40 -58.76
C ASP K 35 3.84 18.32 -57.72
N MET K 36 2.99 17.28 -57.76
CA MET K 36 3.04 16.23 -56.76
C MET K 36 4.35 15.45 -56.81
N ALA K 37 4.90 15.27 -58.02
CA ALA K 37 6.13 14.50 -58.16
C ALA K 37 7.34 15.28 -57.69
N LYS K 38 7.65 16.40 -58.36
CA LYS K 38 8.82 17.18 -58.01
C LYS K 38 8.67 17.95 -56.70
N LYS K 39 7.46 18.00 -56.14
CA LYS K 39 7.19 18.71 -54.89
C LYS K 39 7.56 20.19 -55.02
N GLU K 40 7.06 20.82 -56.08
CA GLU K 40 7.38 22.21 -56.38
C GLU K 40 6.11 22.92 -56.86
N THR K 41 6.19 24.25 -56.90
CA THR K 41 5.10 25.10 -57.36
C THR K 41 5.37 25.53 -58.80
N VAL K 42 4.40 25.31 -59.68
CA VAL K 42 4.51 25.66 -61.09
C VAL K 42 3.50 26.75 -61.38
N TRP K 43 3.99 27.98 -61.52
CA TRP K 43 3.12 29.09 -61.88
C TRP K 43 2.65 28.94 -63.32
N ARG K 44 1.39 29.30 -63.56
CA ARG K 44 0.83 29.20 -64.90
C ARG K 44 1.60 30.08 -65.88
N LEU K 45 1.79 31.35 -65.54
CA LEU K 45 2.60 32.28 -66.32
C LEU K 45 3.87 32.60 -65.54
N GLU K 46 5.00 32.68 -66.24
CA GLU K 46 6.28 32.93 -65.58
C GLU K 46 6.30 34.26 -64.82
N GLU K 47 5.44 35.21 -65.21
CA GLU K 47 5.42 36.51 -64.53
C GLU K 47 4.94 36.39 -63.09
N PHE K 48 4.06 35.43 -62.80
CA PHE K 48 3.54 35.28 -61.45
C PHE K 48 4.65 34.99 -60.45
N GLY K 49 5.62 34.15 -60.83
CA GLY K 49 6.65 33.75 -59.91
C GLY K 49 7.48 34.90 -59.37
N ARG K 50 7.69 35.93 -60.18
CA ARG K 50 8.46 37.08 -59.74
C ARG K 50 7.64 38.07 -58.94
N PHE K 51 6.31 37.91 -58.91
CA PHE K 51 5.44 38.81 -58.17
C PHE K 51 4.69 38.11 -57.05
N ALA K 52 5.08 36.88 -56.70
CA ALA K 52 4.42 36.14 -55.64
C ALA K 52 5.34 35.01 -55.17
N SER K 53 4.91 34.32 -54.12
CA SER K 53 5.68 33.22 -53.57
C SER K 53 4.74 32.27 -52.84
N PHE K 54 5.02 30.97 -52.96
CA PHE K 54 4.18 29.95 -52.33
C PHE K 54 5.02 28.67 -52.26
N GLU K 55 5.43 28.30 -51.06
CA GLU K 55 6.29 27.13 -50.86
C GLU K 55 5.70 26.23 -49.79
N ALA K 56 4.44 25.82 -50.00
CA ALA K 56 3.73 25.03 -49.00
C ALA K 56 4.06 23.56 -49.15
N GLN K 57 4.70 22.99 -48.15
CA GLN K 57 4.80 21.54 -48.04
C GLN K 57 3.66 20.96 -47.21
N GLY K 58 2.78 21.81 -46.68
CA GLY K 58 1.56 21.38 -46.03
C GLY K 58 0.39 21.28 -46.97
N ALA K 59 0.57 21.74 -48.20
CA ALA K 59 -0.44 21.50 -49.23
C ALA K 59 -0.46 20.03 -49.60
N LEU K 60 0.71 19.39 -49.62
CA LEU K 60 0.77 17.94 -49.83
C LEU K 60 0.02 17.21 -48.73
N ALA K 61 0.10 17.72 -47.49
CA ALA K 61 -0.66 17.14 -46.40
C ALA K 61 -2.16 17.28 -46.63
N ASN K 62 -2.58 18.40 -47.22
CA ASN K 62 -3.99 18.55 -47.55
C ASN K 62 -4.44 17.49 -48.53
N ILE K 63 -3.58 17.13 -49.48
CA ILE K 63 -3.90 16.02 -50.37
C ILE K 63 -3.90 14.70 -49.61
N ALA K 64 -3.00 14.56 -48.64
CA ALA K 64 -2.99 13.37 -47.80
C ALA K 64 -4.28 13.27 -46.99
N VAL K 65 -4.71 14.39 -46.39
CA VAL K 65 -5.98 14.41 -45.67
C VAL K 65 -7.13 14.06 -46.62
N ASP K 66 -7.04 14.53 -47.87
CA ASP K 66 -8.07 14.20 -48.85
C ASP K 66 -8.10 12.69 -49.13
N LYS K 67 -6.93 12.06 -49.18
CA LYS K 67 -6.89 10.62 -49.40
C LYS K 67 -7.57 9.88 -48.25
N ALA K 68 -7.24 10.26 -47.00
CA ALA K 68 -7.84 9.60 -45.85
C ALA K 68 -9.34 9.86 -45.76
N ASN K 69 -9.78 11.06 -46.16
CA ASN K 69 -11.20 11.35 -46.16
C ASN K 69 -11.94 10.58 -47.25
N LEU K 70 -11.29 10.37 -48.40
CA LEU K 70 -11.94 9.61 -49.47
C LEU K 70 -12.22 8.18 -49.04
N GLU K 71 -11.23 7.54 -48.42
CA GLU K 71 -11.41 6.16 -47.99
C GLU K 71 -12.50 6.04 -46.94
N ILE K 72 -12.70 7.08 -46.11
CA ILE K 72 -13.81 7.07 -45.17
C ILE K 72 -15.12 7.35 -45.90
N MET K 73 -15.10 8.28 -46.86
CA MET K 73 -16.32 8.62 -47.60
C MET K 73 -16.73 7.47 -48.52
N THR K 74 -15.78 6.78 -49.13
CA THR K 74 -16.12 5.65 -49.99
C THR K 74 -16.84 4.57 -49.20
N LYS K 75 -16.33 4.25 -48.00
CA LYS K 75 -17.00 3.27 -47.16
C LYS K 75 -18.39 3.76 -46.74
N ARG K 76 -18.51 5.04 -46.39
CA ARG K 76 -19.80 5.58 -45.97
C ARG K 76 -20.83 5.55 -47.09
N SER K 77 -20.39 5.71 -48.35
CA SER K 77 -21.28 5.65 -49.49
C SER K 77 -21.55 4.22 -49.94
N ASN K 78 -21.21 3.22 -49.12
CA ASN K 78 -21.34 1.81 -49.47
C ASN K 78 -20.60 1.49 -50.76
N TYR K 79 -19.44 2.12 -50.95
CA TYR K 79 -18.55 1.88 -52.09
C TYR K 79 -19.25 2.16 -53.41
N THR K 80 -20.02 3.25 -53.45
CA THR K 80 -20.68 3.69 -54.67
C THR K 80 -19.65 4.27 -55.63
N PRO K 81 -19.52 3.77 -56.84
CA PRO K 81 -18.52 4.29 -57.77
C PRO K 81 -19.00 5.58 -58.43
N ILE K 82 -18.07 6.22 -59.14
CA ILE K 82 -18.37 7.47 -59.83
C ILE K 82 -18.87 7.16 -61.22
N THR K 83 -19.77 8.01 -61.71
CA THR K 83 -20.33 7.86 -63.06
C THR K 83 -19.41 8.55 -64.05
N ASN K 84 -18.98 7.82 -65.08
CA ASN K 84 -18.10 8.40 -66.10
C ASN K 84 -18.90 9.37 -66.97
N VAL K 85 -18.50 10.63 -66.94
CA VAL K 85 -19.16 11.68 -67.74
C VAL K 85 -18.29 11.94 -68.96
N PRO K 86 -18.83 11.79 -70.19
CA PRO K 86 -17.98 11.92 -71.37
C PRO K 86 -17.64 13.37 -71.64
N PRO K 87 -16.46 13.64 -72.20
CA PRO K 87 -16.06 15.03 -72.46
C PRO K 87 -16.75 15.60 -73.70
N GLU K 88 -16.54 16.90 -73.89
CA GLU K 88 -17.02 17.64 -75.06
C GLU K 88 -15.83 18.35 -75.68
N VAL K 89 -15.10 17.66 -76.54
CA VAL K 89 -13.86 18.17 -77.12
C VAL K 89 -14.18 19.20 -78.20
N THR K 90 -13.28 20.16 -78.36
CA THR K 90 -13.42 21.20 -79.37
C THR K 90 -12.04 21.76 -79.68
N VAL K 91 -11.75 21.93 -80.97
CA VAL K 91 -10.46 22.43 -81.43
C VAL K 91 -10.65 23.83 -82.02
N LEU K 92 -9.73 24.74 -81.68
CA LEU K 92 -9.75 26.08 -82.23
C LEU K 92 -8.31 26.59 -82.32
N THR K 93 -8.16 27.79 -82.85
CA THR K 93 -6.87 28.45 -82.99
C THR K 93 -6.78 29.66 -82.07
N ASN K 94 -5.54 30.06 -81.79
CA ASN K 94 -5.31 31.22 -80.91
C ASN K 94 -5.75 32.51 -81.60
N SER K 95 -5.37 32.67 -82.87
CA SER K 95 -5.69 33.85 -83.67
C SER K 95 -6.17 33.39 -85.04
N PRO K 96 -6.72 34.28 -85.87
CA PRO K 96 -7.13 33.87 -87.22
C PRO K 96 -5.99 33.24 -88.01
N VAL K 97 -6.36 32.33 -88.90
CA VAL K 97 -5.38 31.52 -89.63
C VAL K 97 -4.80 32.34 -90.78
N GLU K 98 -3.48 32.45 -90.82
CA GLU K 98 -2.76 33.06 -91.93
C GLU K 98 -1.65 32.12 -92.39
N LEU K 99 -1.52 31.96 -93.70
CA LEU K 99 -0.49 31.08 -94.24
C LEU K 99 0.90 31.63 -93.95
N ARG K 100 1.80 30.75 -93.54
CA ARG K 100 3.19 31.10 -93.21
C ARG K 100 3.23 32.15 -92.10
N GLU K 101 2.29 32.06 -91.16
CA GLU K 101 2.23 32.96 -90.02
C GLU K 101 1.93 32.17 -88.75
N PRO K 102 2.88 32.11 -87.81
CA PRO K 102 2.74 31.19 -86.66
C PRO K 102 1.44 31.39 -85.89
N ASN K 103 0.96 30.29 -85.30
CA ASN K 103 -0.28 30.27 -84.56
C ASN K 103 -0.19 29.19 -83.49
N VAL K 104 -1.26 29.03 -82.72
CA VAL K 104 -1.32 28.02 -81.66
C VAL K 104 -2.69 27.34 -81.72
N LEU K 105 -2.69 26.02 -81.89
CA LEU K 105 -3.93 25.27 -81.84
C LEU K 105 -4.31 24.97 -80.39
N ILE K 106 -5.61 24.92 -80.14
CA ILE K 106 -6.15 24.67 -78.80
C ILE K 106 -7.14 23.52 -78.88
N CYS K 107 -6.92 22.48 -78.08
CA CYS K 107 -7.87 21.38 -77.94
C CYS K 107 -8.49 21.49 -76.55
N PHE K 108 -9.73 21.95 -76.49
CA PHE K 108 -10.42 22.21 -75.23
C PHE K 108 -11.29 21.01 -74.87
N ILE K 109 -10.92 20.33 -73.79
CA ILE K 109 -11.68 19.20 -73.26
C ILE K 109 -12.45 19.70 -72.04
N ASP K 110 -13.78 19.52 -72.03
CA ASP K 110 -14.61 20.13 -71.00
C ASP K 110 -15.67 19.15 -70.53
N LYS K 111 -16.08 19.31 -69.27
CA LYS K 111 -17.23 18.61 -68.70
C LYS K 111 -17.02 17.10 -68.70
N PHE K 112 -15.87 16.66 -68.19
CA PHE K 112 -15.55 15.24 -68.10
C PHE K 112 -15.15 14.88 -66.67
N THR K 113 -15.44 13.64 -66.30
CA THR K 113 -14.98 13.08 -65.03
C THR K 113 -14.99 11.56 -65.17
N PRO K 114 -14.02 10.87 -64.55
CA PRO K 114 -12.92 11.34 -63.69
C PRO K 114 -11.85 12.11 -64.44
N PRO K 115 -10.84 12.81 -63.65
CA PRO K 115 -9.74 13.55 -64.31
C PRO K 115 -8.61 12.64 -64.77
N VAL K 116 -8.90 11.78 -65.74
CA VAL K 116 -7.92 10.92 -66.37
C VAL K 116 -8.21 10.91 -67.87
N VAL K 117 -7.35 11.54 -68.66
CA VAL K 117 -7.51 11.61 -70.10
C VAL K 117 -6.19 11.26 -70.78
N ASN K 118 -6.29 10.76 -72.01
CA ASN K 118 -5.14 10.46 -72.87
C ASN K 118 -5.31 11.29 -74.14
N VAL K 119 -4.59 12.41 -74.24
CA VAL K 119 -4.72 13.35 -75.34
C VAL K 119 -3.48 13.25 -76.22
N THR K 120 -3.69 13.19 -77.53
CA THR K 120 -2.61 13.12 -78.50
C THR K 120 -2.92 14.05 -79.66
N TRP K 121 -1.99 14.96 -79.96
CA TRP K 121 -2.08 15.79 -81.16
C TRP K 121 -1.52 15.05 -82.36
N LEU K 122 -2.06 15.37 -83.54
CA LEU K 122 -1.68 14.68 -84.77
C LEU K 122 -1.47 15.69 -85.87
N ARG K 123 -0.26 15.71 -86.43
CA ARG K 123 0.09 16.53 -87.59
C ARG K 123 0.25 15.60 -88.79
N ASN K 124 -0.65 15.74 -89.76
CA ASN K 124 -0.64 14.92 -90.98
C ASN K 124 -0.74 13.44 -90.63
N GLY K 125 -1.53 13.11 -89.62
CA GLY K 125 -1.69 11.74 -89.18
C GLY K 125 -0.60 11.30 -88.22
N LYS K 126 0.60 11.83 -88.39
CA LYS K 126 1.72 11.47 -87.54
C LYS K 126 1.59 12.11 -86.16
N PRO K 127 2.26 11.55 -85.15
CA PRO K 127 2.19 12.15 -83.81
C PRO K 127 3.10 13.38 -83.70
N VAL K 128 2.56 14.43 -83.08
CA VAL K 128 3.30 15.65 -82.80
C VAL K 128 3.75 15.63 -81.35
N THR K 129 5.06 15.77 -81.11
CA THR K 129 5.58 15.63 -79.76
C THR K 129 6.75 16.56 -79.45
N THR K 130 6.93 17.65 -80.20
CA THR K 130 7.99 18.64 -79.95
C THR K 130 7.38 20.02 -80.07
N GLY K 131 7.19 20.68 -78.92
CA GLY K 131 6.55 21.99 -78.86
C GLY K 131 5.17 21.97 -78.25
N VAL K 132 4.57 20.80 -78.08
CA VAL K 132 3.23 20.70 -77.52
C VAL K 132 3.30 20.85 -76.01
N SER K 133 2.25 21.41 -75.43
CA SER K 133 2.14 21.60 -73.98
C SER K 133 0.68 21.41 -73.56
N GLU K 134 0.46 21.38 -72.25
CA GLU K 134 -0.85 21.09 -71.69
C GLU K 134 -0.93 21.66 -70.28
N THR K 135 -2.18 21.85 -69.83
CA THR K 135 -2.44 22.30 -68.47
C THR K 135 -2.87 21.11 -67.60
N VAL K 136 -3.01 21.37 -66.31
CA VAL K 136 -3.53 20.36 -65.38
C VAL K 136 -5.04 20.35 -65.50
N PHE K 137 -5.70 19.46 -64.76
CA PHE K 137 -7.15 19.33 -64.81
C PHE K 137 -7.78 20.51 -64.09
N LEU K 138 -8.26 21.49 -64.86
CA LEU K 138 -8.85 22.67 -64.26
C LEU K 138 -10.30 22.37 -63.83
N PRO K 139 -10.73 22.90 -62.69
CA PRO K 139 -12.07 22.60 -62.19
C PRO K 139 -13.13 23.44 -62.89
N ARG K 140 -14.36 22.96 -62.81
CA ARG K 140 -15.51 23.65 -63.38
C ARG K 140 -16.60 23.79 -62.32
N GLU K 141 -17.47 24.77 -62.52
CA GLU K 141 -18.51 25.06 -61.54
C GLU K 141 -19.47 23.89 -61.36
N ASP K 142 -19.68 23.10 -62.41
CA ASP K 142 -20.49 21.89 -62.33
C ASP K 142 -19.76 20.75 -61.62
N HIS K 143 -18.59 21.02 -61.05
CA HIS K 143 -17.75 20.06 -60.33
C HIS K 143 -17.21 18.96 -61.23
N LEU K 144 -17.33 19.11 -62.55
CA LEU K 144 -16.60 18.28 -63.50
C LEU K 144 -15.26 18.96 -63.75
N PHE K 145 -14.53 18.50 -64.77
CA PHE K 145 -13.20 19.01 -65.02
C PHE K 145 -13.05 19.48 -66.46
N ARG K 146 -12.03 20.31 -66.69
CA ARG K 146 -11.69 20.78 -68.01
C ARG K 146 -10.17 20.83 -68.13
N LYS K 147 -9.68 20.84 -69.37
CA LYS K 147 -8.25 20.78 -69.62
C LYS K 147 -7.95 21.37 -71.00
N PHE K 148 -6.76 21.95 -71.13
CA PHE K 148 -6.32 22.58 -72.37
C PHE K 148 -5.09 21.87 -72.90
N HIS K 149 -4.94 21.91 -74.23
CA HIS K 149 -3.74 21.40 -74.89
C HIS K 149 -3.33 22.40 -75.97
N TYR K 150 -2.06 22.74 -76.01
CA TYR K 150 -1.54 23.77 -76.89
C TYR K 150 -0.57 23.17 -77.89
N LEU K 151 -0.71 23.55 -79.16
CA LEU K 151 0.16 23.05 -80.23
C LEU K 151 0.49 24.21 -81.17
N PRO K 152 1.68 24.78 -81.05
CA PRO K 152 2.11 25.80 -82.02
C PRO K 152 2.50 25.17 -83.35
N PHE K 153 2.11 25.82 -84.44
CA PHE K 153 2.31 25.27 -85.76
C PHE K 153 2.48 26.40 -86.77
N LEU K 154 2.84 26.01 -88.00
CA LEU K 154 2.94 26.94 -89.12
C LEU K 154 1.84 26.61 -90.12
N PRO K 155 0.84 27.47 -90.28
CA PRO K 155 -0.32 27.11 -91.11
C PRO K 155 0.06 26.92 -92.58
N SER K 156 -0.72 26.06 -93.24
CA SER K 156 -0.55 25.75 -94.65
C SER K 156 -1.72 24.88 -95.08
N THR K 157 -1.91 24.79 -96.39
CA THR K 157 -2.83 23.82 -96.94
C THR K 157 -2.25 22.42 -97.02
N GLU K 158 -1.00 22.25 -96.57
CA GLU K 158 -0.30 20.98 -96.67
C GLU K 158 -0.45 20.10 -95.43
N ASP K 159 -1.19 20.54 -94.41
CA ASP K 159 -1.31 19.78 -93.18
C ASP K 159 -2.75 19.81 -92.67
N VAL K 160 -3.29 18.64 -92.35
CA VAL K 160 -4.57 18.51 -91.66
C VAL K 160 -4.28 18.00 -90.25
N TYR K 161 -5.09 18.44 -89.30
CA TYR K 161 -4.86 18.16 -87.90
C TYR K 161 -6.07 17.49 -87.27
N ASP K 162 -5.83 16.85 -86.12
CA ASP K 162 -6.89 16.23 -85.34
C ASP K 162 -6.47 16.21 -83.88
N CYS K 163 -7.44 16.02 -83.00
CA CYS K 163 -7.18 15.88 -81.56
C CYS K 163 -7.86 14.61 -81.08
N ARG K 164 -7.08 13.67 -80.55
CA ARG K 164 -7.58 12.38 -80.10
C ARG K 164 -7.64 12.37 -78.58
N VAL K 165 -8.82 12.08 -78.04
CA VAL K 165 -9.06 12.05 -76.60
C VAL K 165 -9.65 10.70 -76.24
N GLU K 166 -9.02 10.02 -75.28
CA GLU K 166 -9.51 8.74 -74.77
C GLU K 166 -10.00 8.93 -73.35
N HIS K 167 -11.28 8.61 -73.12
CA HIS K 167 -11.87 8.72 -71.79
C HIS K 167 -12.78 7.52 -71.56
N TRP K 168 -12.95 7.16 -70.28
CA TRP K 168 -13.69 5.96 -69.91
C TRP K 168 -15.20 6.12 -70.08
N GLY K 169 -15.68 7.33 -70.36
CA GLY K 169 -17.06 7.53 -70.74
C GLY K 169 -17.30 7.53 -72.23
N LEU K 170 -16.24 7.35 -73.02
CA LEU K 170 -16.33 7.30 -74.47
C LEU K 170 -16.23 5.87 -74.95
N ASP K 171 -17.13 5.47 -75.84
CA ASP K 171 -17.08 4.13 -76.42
C ASP K 171 -15.78 3.94 -77.22
N GLU K 172 -15.53 4.83 -78.17
CA GLU K 172 -14.32 4.84 -78.97
C GLU K 172 -13.59 6.17 -78.81
N PRO K 173 -12.28 6.20 -79.07
CA PRO K 173 -11.54 7.47 -78.94
C PRO K 173 -12.13 8.57 -79.79
N LEU K 174 -12.62 9.62 -79.13
CA LEU K 174 -13.22 10.74 -79.83
C LEU K 174 -12.16 11.51 -80.62
N LEU K 175 -12.50 11.87 -81.86
CA LEU K 175 -11.58 12.55 -82.76
C LEU K 175 -12.27 13.78 -83.34
N LYS K 176 -11.75 14.96 -83.01
CA LYS K 176 -12.16 16.21 -83.62
C LYS K 176 -11.04 16.72 -84.49
N HIS K 177 -11.35 17.03 -85.75
CA HIS K 177 -10.35 17.41 -86.73
C HIS K 177 -10.28 18.93 -86.90
N TRP K 178 -9.29 19.37 -87.65
CA TRP K 178 -9.12 20.77 -87.99
C TRP K 178 -8.37 20.87 -89.31
N GLU K 179 -8.79 21.79 -90.16
CA GLU K 179 -8.18 21.95 -91.48
C GLU K 179 -8.25 23.41 -91.90
N PHE K 180 -7.57 23.72 -92.99
CA PHE K 180 -7.56 25.07 -93.53
C PHE K 180 -8.67 25.22 -94.58
N ASP L 1 -7.82 0.03 -67.80
CA ASP L 1 -8.44 -0.90 -66.87
C ASP L 1 -9.96 -0.77 -66.89
N THR L 2 -10.62 -1.49 -65.99
CA THR L 2 -12.08 -1.41 -65.85
C THR L 2 -12.49 -1.34 -64.38
N ARG L 3 -11.62 -0.80 -63.53
CA ARG L 3 -11.87 -0.70 -62.10
C ARG L 3 -12.77 0.49 -61.80
N PRO L 4 -13.59 0.40 -60.75
CA PRO L 4 -14.38 1.57 -60.33
C PRO L 4 -13.49 2.67 -59.79
N ARG L 5 -13.86 3.92 -60.09
CA ARG L 5 -13.12 5.08 -59.62
C ARG L 5 -13.92 5.82 -58.56
N PHE L 6 -13.21 6.40 -57.60
CA PHE L 6 -13.79 7.15 -56.50
C PHE L 6 -13.04 8.47 -56.35
N LEU L 7 -13.78 9.57 -56.31
CA LEU L 7 -13.20 10.91 -56.35
C LEU L 7 -13.62 11.70 -55.12
N GLU L 8 -12.65 12.32 -54.46
CA GLU L 8 -12.89 13.27 -53.38
C GLU L 8 -12.40 14.64 -53.82
N GLN L 9 -13.20 15.68 -53.55
CA GLN L 9 -12.87 17.04 -53.96
C GLN L 9 -13.02 17.99 -52.79
N VAL L 10 -12.13 19.00 -52.73
CA VAL L 10 -12.16 20.05 -51.73
C VAL L 10 -11.93 21.38 -52.44
N LYS L 11 -12.75 22.38 -52.12
CA LYS L 11 -12.64 23.69 -52.76
C LYS L 11 -12.76 24.77 -51.69
N HIS L 12 -11.68 25.50 -51.46
CA HIS L 12 -11.67 26.62 -50.51
C HIS L 12 -11.91 27.91 -51.28
N GLU L 13 -13.18 28.16 -51.58
CA GLU L 13 -13.55 29.29 -52.40
C GLU L 13 -13.48 30.59 -51.61
N CYS L 14 -13.13 31.67 -52.30
CA CYS L 14 -13.11 33.03 -51.76
C CYS L 14 -13.86 33.94 -52.73
N HIS L 15 -15.06 34.36 -52.35
CA HIS L 15 -15.88 35.23 -53.18
C HIS L 15 -15.71 36.68 -52.74
N PHE L 16 -15.60 37.58 -53.72
CA PHE L 16 -15.34 39.00 -53.48
C PHE L 16 -16.34 39.84 -54.25
N PHE L 17 -16.88 40.86 -53.60
CA PHE L 17 -17.84 41.77 -54.21
C PHE L 17 -17.43 43.20 -53.84
N ASN L 18 -17.20 44.04 -54.85
CA ASN L 18 -16.67 45.39 -54.66
C ASN L 18 -15.33 45.34 -53.90
N GLY L 19 -14.39 44.62 -54.48
CA GLY L 19 -13.10 44.45 -53.81
C GLY L 19 -13.25 43.55 -52.60
N THR L 20 -12.76 44.02 -51.45
CA THR L 20 -12.87 43.30 -50.20
C THR L 20 -13.96 43.88 -49.29
N GLU L 21 -14.86 44.69 -49.85
CA GLU L 21 -15.94 45.26 -49.04
C GLU L 21 -16.93 44.18 -48.62
N ARG L 22 -17.19 43.20 -49.49
CA ARG L 22 -18.04 42.07 -49.17
C ARG L 22 -17.30 40.80 -49.54
N VAL L 23 -16.98 39.97 -48.54
CA VAL L 23 -16.19 38.76 -48.74
C VAL L 23 -16.97 37.58 -48.19
N ARG L 24 -17.06 36.51 -48.97
CA ARG L 24 -17.73 35.28 -48.56
C ARG L 24 -16.78 34.11 -48.75
N PHE L 25 -16.57 33.34 -47.69
CA PHE L 25 -15.70 32.17 -47.70
C PHE L 25 -16.52 30.89 -47.67
N LEU L 26 -16.10 29.91 -48.47
CA LEU L 26 -16.83 28.65 -48.59
C LEU L 26 -15.81 27.52 -48.55
N ASP L 27 -15.83 26.74 -47.46
CA ASP L 27 -15.02 25.53 -47.34
C ASP L 27 -15.91 24.36 -47.74
N ARG L 28 -15.71 23.85 -48.95
CA ARG L 28 -16.60 22.87 -49.56
C ARG L 28 -15.88 21.53 -49.74
N TYR L 29 -16.61 20.45 -49.49
CA TYR L 29 -16.11 19.09 -49.64
C TYR L 29 -17.08 18.29 -50.50
N PHE L 30 -16.57 17.69 -51.57
CA PHE L 30 -17.40 16.96 -52.52
C PHE L 30 -16.95 15.51 -52.60
N TYR L 31 -17.93 14.62 -52.78
CA TYR L 31 -17.68 13.21 -53.07
C TYR L 31 -18.46 12.85 -54.32
N HIS L 32 -17.73 12.57 -55.41
CA HIS L 32 -18.33 12.20 -56.69
C HIS L 32 -19.24 13.31 -57.21
N GLN L 33 -18.64 14.47 -57.45
CA GLN L 33 -19.33 15.62 -58.02
C GLN L 33 -20.52 16.08 -57.17
N GLU L 34 -20.56 15.65 -55.91
CA GLU L 34 -21.69 15.95 -55.02
C GLU L 34 -21.16 16.51 -53.71
N GLU L 35 -21.62 17.71 -53.35
CA GLU L 35 -21.22 18.35 -52.12
C GLU L 35 -21.97 17.71 -50.94
N TYR L 36 -21.21 17.26 -49.93
CA TYR L 36 -21.83 16.64 -48.76
C TYR L 36 -21.75 17.49 -47.51
N VAL L 37 -20.79 18.40 -47.40
CA VAL L 37 -20.69 19.30 -46.26
C VAL L 37 -20.05 20.60 -46.74
N ARG L 38 -20.42 21.71 -46.09
CA ARG L 38 -19.96 23.02 -46.51
C ARG L 38 -19.91 23.96 -45.31
N PHE L 39 -18.90 24.82 -45.29
CA PHE L 39 -18.81 25.91 -44.33
C PHE L 39 -19.07 27.23 -45.06
N ASP L 40 -20.09 27.95 -44.61
CA ASP L 40 -20.41 29.27 -45.15
C ASP L 40 -20.07 30.32 -44.11
N SER L 41 -19.30 31.34 -44.52
CA SER L 41 -18.91 32.39 -43.58
C SER L 41 -20.13 33.14 -43.04
N ASP L 42 -21.21 33.18 -43.80
CA ASP L 42 -22.43 33.82 -43.33
C ASP L 42 -23.14 32.99 -42.25
N VAL L 43 -22.80 31.72 -42.14
CA VAL L 43 -23.38 30.83 -41.13
C VAL L 43 -22.52 30.75 -39.89
N GLY L 44 -21.24 30.41 -40.06
CA GLY L 44 -20.33 30.26 -38.95
C GLY L 44 -20.05 28.84 -38.54
N GLU L 45 -20.53 27.84 -39.28
CA GLU L 45 -20.32 26.44 -38.94
C GLU L 45 -20.62 25.59 -40.15
N TYR L 46 -20.12 24.35 -40.12
CA TYR L 46 -20.34 23.40 -41.19
C TYR L 46 -21.76 22.84 -41.13
N ARG L 47 -22.38 22.73 -42.31
CA ARG L 47 -23.71 22.15 -42.45
C ARG L 47 -23.71 21.13 -43.57
N ALA L 48 -24.46 20.05 -43.37
CA ALA L 48 -24.50 18.96 -44.35
C ALA L 48 -25.37 19.35 -45.53
N VAL L 49 -24.81 19.31 -46.73
CA VAL L 49 -25.61 19.52 -47.94
C VAL L 49 -26.46 18.29 -48.21
N THR L 50 -25.81 17.15 -48.41
CA THR L 50 -26.49 15.86 -48.46
C THR L 50 -26.40 15.19 -47.09
N GLU L 51 -27.26 14.19 -46.88
CA GLU L 51 -27.23 13.46 -45.62
C GLU L 51 -25.96 12.63 -45.47
N LEU L 52 -25.16 12.49 -46.53
CA LEU L 52 -23.90 11.77 -46.43
C LEU L 52 -22.83 12.54 -45.69
N GLY L 53 -22.99 13.86 -45.55
CA GLY L 53 -21.99 14.67 -44.88
C GLY L 53 -22.40 15.17 -43.52
N ARG L 54 -23.41 14.54 -42.92
CA ARG L 54 -23.88 14.92 -41.59
C ARG L 54 -22.85 14.58 -40.52
N PRO L 55 -22.21 13.39 -40.54
CA PRO L 55 -21.18 13.11 -39.53
C PRO L 55 -20.01 14.09 -39.58
N ASP L 56 -19.63 14.53 -40.78
CA ASP L 56 -18.54 15.50 -40.88
C ASP L 56 -18.94 16.84 -40.26
N ALA L 57 -20.19 17.26 -40.44
CA ALA L 57 -20.62 18.53 -39.87
C ALA L 57 -20.67 18.47 -38.35
N GLU L 58 -21.09 17.34 -37.80
CA GLU L 58 -21.23 17.24 -36.35
C GLU L 58 -19.89 17.11 -35.64
N TYR L 59 -18.95 16.35 -36.22
CA TYR L 59 -17.63 16.22 -35.63
C TYR L 59 -16.87 17.53 -35.68
N TRP L 60 -16.85 18.17 -36.86
CA TRP L 60 -16.11 19.42 -37.01
C TRP L 60 -16.70 20.56 -36.20
N ASN L 61 -17.99 20.48 -35.84
CA ASN L 61 -18.61 21.49 -35.00
C ASN L 61 -18.39 21.26 -33.52
N SER L 62 -18.00 20.05 -33.12
CA SER L 62 -17.66 19.80 -31.71
C SER L 62 -16.30 20.35 -31.34
N GLN L 63 -15.43 20.56 -32.32
CA GLN L 63 -14.11 21.15 -32.09
C GLN L 63 -14.23 22.66 -32.34
N LYS L 64 -14.34 23.43 -31.25
CA LYS L 64 -14.50 24.87 -31.39
C LYS L 64 -13.25 25.52 -31.97
N ASP L 65 -12.09 24.89 -31.80
CA ASP L 65 -10.87 25.44 -32.39
C ASP L 65 -10.91 25.42 -33.92
N LEU L 66 -11.57 24.43 -34.51
CA LEU L 66 -11.65 24.34 -35.96
C LEU L 66 -12.66 25.34 -36.52
N LEU L 67 -13.82 25.49 -35.87
CA LEU L 67 -14.81 26.46 -36.33
C LEU L 67 -14.26 27.88 -36.24
N GLU L 68 -13.56 28.20 -35.16
CA GLU L 68 -12.97 29.53 -35.04
C GLU L 68 -11.88 29.75 -36.08
N GLN L 69 -11.22 28.67 -36.53
CA GLN L 69 -10.20 28.80 -37.56
C GLN L 69 -10.81 29.21 -38.89
N LYS L 70 -11.94 28.61 -39.26
CA LYS L 70 -12.59 28.96 -40.52
C LYS L 70 -13.39 30.24 -40.42
N ARG L 71 -13.78 30.66 -39.22
CA ARG L 71 -14.49 31.93 -39.09
C ARG L 71 -13.57 33.10 -39.35
N ALA L 72 -12.27 32.90 -39.18
CA ALA L 72 -11.29 33.94 -39.47
C ALA L 72 -10.77 33.86 -40.90
N ALA L 73 -11.32 32.98 -41.72
CA ALA L 73 -10.78 32.76 -43.05
C ALA L 73 -11.02 33.96 -43.97
N VAL L 74 -12.17 34.63 -43.82
CA VAL L 74 -12.46 35.77 -44.68
C VAL L 74 -11.41 36.86 -44.53
N ASP L 75 -10.78 36.95 -43.36
CA ASP L 75 -9.74 37.93 -43.09
C ASP L 75 -8.34 37.38 -43.30
N THR L 76 -8.03 36.24 -42.69
CA THR L 76 -6.68 35.70 -42.75
C THR L 76 -6.36 35.00 -44.06
N TYR L 77 -7.37 34.67 -44.86
CA TYR L 77 -7.13 33.81 -46.02
C TYR L 77 -7.67 34.42 -47.31
N CYS L 78 -8.93 34.86 -47.30
CA CYS L 78 -9.53 35.41 -48.52
C CYS L 78 -8.96 36.79 -48.84
N ARG L 79 -9.04 37.71 -47.90
CA ARG L 79 -8.57 39.07 -48.17
C ARG L 79 -7.05 39.12 -48.30
N HIS L 80 -6.33 38.21 -47.66
CA HIS L 80 -4.88 38.19 -47.78
C HIS L 80 -4.45 37.81 -49.19
N ASN L 81 -4.92 36.66 -49.67
CA ASN L 81 -4.58 36.22 -51.01
C ASN L 81 -5.09 37.15 -52.10
N TYR L 82 -6.15 37.90 -51.82
CA TYR L 82 -6.69 38.85 -52.81
C TYR L 82 -5.63 39.88 -53.18
N GLY L 83 -5.09 40.57 -52.17
CA GLY L 83 -4.10 41.61 -52.43
C GLY L 83 -2.76 41.07 -52.88
N VAL L 84 -2.47 39.79 -52.64
CA VAL L 84 -1.19 39.22 -53.04
C VAL L 84 -1.09 39.17 -54.56
N GLY L 85 -2.17 38.79 -55.24
CA GLY L 85 -2.22 38.80 -56.68
C GLY L 85 -3.02 39.91 -57.29
N GLU L 86 -3.48 40.90 -56.50
CA GLU L 86 -4.33 41.95 -57.02
C GLU L 86 -3.69 42.71 -58.18
N SER L 87 -2.36 42.89 -58.14
CA SER L 87 -1.70 43.69 -59.16
C SER L 87 -1.75 43.01 -60.52
N PHE L 88 -1.64 41.67 -60.56
CA PHE L 88 -1.59 40.95 -61.82
C PHE L 88 -2.81 40.06 -62.05
N THR L 89 -3.87 40.21 -61.25
CA THR L 89 -5.11 39.45 -61.47
C THR L 89 -6.29 40.40 -61.65
N VAL L 90 -6.71 41.10 -60.59
CA VAL L 90 -7.80 42.07 -60.72
C VAL L 90 -7.39 43.23 -61.62
N GLN L 91 -6.10 43.57 -61.62
CA GLN L 91 -5.58 44.72 -62.35
C GLN L 91 -4.81 44.30 -63.60
N ARG L 92 -5.19 43.18 -64.21
CA ARG L 92 -4.57 42.70 -65.43
C ARG L 92 -5.38 43.16 -66.63
N ARG L 93 -4.73 43.85 -67.56
CA ARG L 93 -5.37 44.40 -68.74
C ARG L 93 -4.60 43.99 -69.98
N VAL L 94 -5.29 43.42 -70.96
CA VAL L 94 -4.71 43.02 -72.24
C VAL L 94 -5.54 43.63 -73.36
N TYR L 95 -4.86 44.18 -74.36
CA TYR L 95 -5.53 44.86 -75.47
C TYR L 95 -6.03 43.84 -76.50
N PRO L 96 -7.31 43.85 -76.84
CA PRO L 96 -7.82 42.89 -77.83
C PRO L 96 -7.30 43.18 -79.22
N GLU L 97 -7.37 42.16 -80.07
CA GLU L 97 -6.96 42.26 -81.47
C GLU L 97 -8.16 41.85 -82.32
N VAL L 98 -8.72 42.81 -83.06
CA VAL L 98 -9.93 42.59 -83.84
C VAL L 98 -9.57 42.44 -85.30
N THR L 99 -10.15 41.44 -85.96
CA THR L 99 -10.05 41.25 -87.39
C THR L 99 -11.43 40.94 -87.95
N VAL L 100 -11.60 41.21 -89.24
CA VAL L 100 -12.86 40.98 -89.94
C VAL L 100 -12.57 40.26 -91.26
N TYR L 101 -13.33 39.20 -91.53
CA TYR L 101 -13.15 38.42 -92.75
C TYR L 101 -14.49 37.83 -93.15
N PRO L 102 -14.77 37.72 -94.44
CA PRO L 102 -16.04 37.15 -94.89
C PRO L 102 -15.99 35.62 -94.99
N ALA L 103 -17.17 35.01 -94.89
CA ALA L 103 -17.29 33.56 -94.96
C ALA L 103 -18.62 33.15 -95.59
N LEU L 113 -21.69 35.36 -95.07
CA LEU L 113 -21.44 35.71 -93.69
C LEU L 113 -20.31 36.73 -93.56
N LEU L 114 -20.19 37.33 -92.39
CA LEU L 114 -19.13 38.30 -92.11
C LEU L 114 -18.75 38.16 -90.64
N VAL L 115 -17.54 37.67 -90.38
CA VAL L 115 -17.10 37.35 -89.04
C VAL L 115 -16.21 38.48 -88.51
N CYS L 116 -16.30 38.73 -87.21
CA CYS L 116 -15.43 39.67 -86.52
C CYS L 116 -14.75 38.93 -85.37
N SER L 117 -13.43 38.79 -85.46
CA SER L 117 -12.66 37.94 -84.55
C SER L 117 -11.84 38.82 -83.61
N VAL L 118 -12.21 38.83 -82.33
CA VAL L 118 -11.44 39.46 -81.27
C VAL L 118 -10.79 38.36 -80.45
N ASN L 119 -9.46 38.45 -80.29
CA ASN L 119 -8.71 37.37 -79.65
C ASN L 119 -7.63 37.95 -78.75
N GLY L 120 -7.45 37.33 -77.59
CA GLY L 120 -6.36 37.65 -76.69
C GLY L 120 -6.57 38.89 -75.84
N PHE L 121 -7.66 38.94 -75.08
CA PHE L 121 -7.97 40.07 -74.23
C PHE L 121 -8.33 39.60 -72.83
N TYR L 122 -7.99 40.42 -71.84
CA TYR L 122 -8.32 40.15 -70.44
C TYR L 122 -8.56 41.48 -69.72
N PRO L 123 -9.63 41.56 -68.91
CA PRO L 123 -10.61 40.51 -68.59
C PRO L 123 -11.57 40.20 -69.73
N GLY L 124 -12.51 39.28 -69.46
CA GLY L 124 -13.50 38.79 -70.40
C GLY L 124 -14.70 39.66 -70.62
N SER L 125 -14.89 40.72 -69.82
CA SER L 125 -16.02 41.62 -70.02
C SER L 125 -15.80 42.42 -71.30
N ILE L 126 -16.66 42.20 -72.29
CA ILE L 126 -16.52 42.87 -73.59
C ILE L 126 -17.89 42.91 -74.26
N GLU L 127 -18.10 43.93 -75.09
CA GLU L 127 -19.35 44.10 -75.82
C GLU L 127 -19.01 44.53 -77.23
N VAL L 128 -19.48 43.77 -78.22
CA VAL L 128 -19.21 44.03 -79.63
C VAL L 128 -20.53 44.32 -80.33
N ARG L 129 -20.52 45.37 -81.15
CA ARG L 129 -21.70 45.80 -81.89
C ARG L 129 -21.38 45.86 -83.38
N TRP L 130 -22.32 45.39 -84.21
CA TRP L 130 -22.16 45.40 -85.64
C TRP L 130 -22.79 46.64 -86.25
N PHE L 131 -22.22 47.10 -87.36
CA PHE L 131 -22.73 48.27 -88.06
C PHE L 131 -22.62 48.11 -89.56
N GLU L 136 -26.27 50.37 -87.46
CA GLU L 136 -26.05 49.26 -86.55
C GLU L 136 -27.05 48.14 -86.80
N GLU L 137 -26.54 46.96 -87.15
CA GLU L 137 -27.39 45.80 -87.46
C GLU L 137 -27.62 45.01 -86.18
N LYS L 138 -28.77 45.24 -85.56
CA LYS L 138 -29.12 44.53 -84.33
C LYS L 138 -29.74 43.18 -84.65
N VAL L 142 -25.42 36.61 -84.97
CA VAL L 142 -25.17 35.48 -84.09
C VAL L 142 -23.80 35.63 -83.44
N SER L 143 -23.71 35.32 -82.15
CA SER L 143 -22.48 35.40 -81.39
C SER L 143 -22.07 34.04 -80.87
N THR L 144 -20.76 33.81 -80.82
CA THR L 144 -20.23 32.56 -80.28
C THR L 144 -20.27 32.55 -78.75
N GLY L 145 -20.20 33.71 -78.12
CA GLY L 145 -20.07 33.80 -76.70
C GLY L 145 -18.61 33.86 -76.27
N LEU L 146 -18.41 34.21 -75.00
CA LEU L 146 -17.06 34.34 -74.47
C LEU L 146 -16.38 32.98 -74.41
N ILE L 147 -15.15 32.91 -74.91
CA ILE L 147 -14.37 31.67 -74.97
C ILE L 147 -13.16 31.84 -74.07
N GLN L 148 -13.02 30.95 -73.08
CA GLN L 148 -11.82 30.92 -72.26
C GLN L 148 -10.73 30.14 -72.99
N ASN L 149 -9.52 30.71 -73.02
CA ASN L 149 -8.38 30.06 -73.64
C ASN L 149 -7.47 29.37 -72.64
N GLY L 150 -7.70 29.55 -71.34
CA GLY L 150 -6.90 28.91 -70.31
C GLY L 150 -5.55 29.54 -70.04
N ASP L 151 -4.98 30.27 -70.99
CA ASP L 151 -3.71 30.97 -70.82
C ASP L 151 -3.91 32.43 -70.45
N TRP L 152 -4.94 32.71 -69.65
CA TRP L 152 -5.24 34.07 -69.18
C TRP L 152 -5.56 35.00 -70.36
N THR L 153 -6.22 34.47 -71.37
CA THR L 153 -6.72 35.25 -72.49
C THR L 153 -8.14 34.81 -72.80
N PHE L 154 -8.83 35.63 -73.60
CA PHE L 154 -10.20 35.35 -74.02
C PHE L 154 -10.32 35.61 -75.52
N GLN L 155 -11.43 35.14 -76.09
CA GLN L 155 -11.75 35.41 -77.48
C GLN L 155 -13.23 35.12 -77.70
N THR L 156 -13.76 35.71 -78.77
CA THR L 156 -15.15 35.49 -79.16
C THR L 156 -15.32 35.94 -80.60
N LEU L 157 -16.24 35.29 -81.31
CA LEU L 157 -16.51 35.55 -82.71
C LEU L 157 -17.97 35.96 -82.87
N VAL L 158 -18.19 37.16 -83.39
CA VAL L 158 -19.54 37.70 -83.61
C VAL L 158 -19.79 37.75 -85.11
N MET L 159 -20.82 37.04 -85.55
CA MET L 159 -21.19 37.00 -86.97
C MET L 159 -21.90 38.30 -87.31
N LEU L 160 -21.16 39.27 -87.85
CA LEU L 160 -21.77 40.52 -88.29
C LEU L 160 -22.78 40.25 -89.41
N GLU L 161 -22.31 39.71 -90.53
CA GLU L 161 -23.16 39.33 -91.65
C GLU L 161 -24.06 40.47 -92.12
N GLU L 168 -20.78 48.79 -100.17
CA GLU L 168 -21.15 48.89 -98.76
C GLU L 168 -19.94 48.68 -97.86
N THR L 171 -18.33 47.92 -90.41
CA THR L 171 -17.48 48.29 -89.29
C THR L 171 -17.88 47.53 -88.01
N CYS L 172 -16.89 46.88 -87.39
CA CYS L 172 -17.10 46.10 -86.18
C CYS L 172 -16.51 46.86 -85.00
N GLN L 173 -17.37 47.36 -84.13
CA GLN L 173 -16.97 48.13 -82.96
C GLN L 173 -16.94 47.24 -81.73
N VAL L 174 -15.91 47.41 -80.90
CA VAL L 174 -15.74 46.63 -79.69
C VAL L 174 -15.40 47.57 -78.54
N GLU L 175 -15.93 47.27 -77.36
CA GLU L 175 -15.68 48.06 -76.16
C GLU L 175 -15.15 47.13 -75.07
N HIS L 176 -13.97 47.45 -74.55
CA HIS L 176 -13.31 46.61 -73.55
C HIS L 176 -12.69 47.50 -72.48
N PRO L 177 -12.69 47.06 -71.22
CA PRO L 177 -12.13 47.89 -70.14
C PRO L 177 -10.66 48.27 -70.32
N SER L 178 -9.94 47.62 -71.24
CA SER L 178 -8.54 47.98 -71.49
C SER L 178 -8.40 49.05 -72.57
N LEU L 179 -9.49 49.44 -73.22
CA LEU L 179 -9.47 50.44 -74.28
C LEU L 179 -10.09 51.73 -73.75
N THR L 180 -9.39 52.85 -73.98
CA THR L 180 -9.87 54.16 -73.53
C THR L 180 -10.88 54.78 -74.47
N SER L 181 -11.22 54.11 -75.58
CA SER L 181 -12.19 54.62 -76.54
C SER L 181 -12.66 53.45 -77.39
N PRO L 182 -13.92 53.45 -77.84
CA PRO L 182 -14.42 52.34 -78.65
C PRO L 182 -13.56 52.10 -79.89
N LEU L 183 -13.09 50.87 -80.03
CA LEU L 183 -12.21 50.50 -81.14
C LEU L 183 -13.03 49.95 -82.29
N GLN M 3 12.13 37.66 -35.28
CA GLN M 3 11.65 36.32 -34.95
C GLN M 3 10.50 36.36 -33.95
N LEU M 4 10.76 35.90 -32.73
CA LEU M 4 9.73 35.85 -31.69
C LEU M 4 10.43 36.00 -30.34
N ASN M 5 10.32 37.17 -29.72
CA ASN M 5 10.95 37.44 -28.44
C ASN M 5 9.91 37.33 -27.33
N GLN M 6 10.13 36.42 -26.39
CA GLN M 6 9.20 36.16 -25.30
C GLN M 6 9.84 36.66 -24.01
N SER M 7 9.37 37.80 -23.53
CA SER M 7 9.80 38.33 -22.24
C SER M 7 8.61 38.30 -21.27
N PRO M 8 8.88 38.15 -19.96
CA PRO M 8 10.18 37.95 -19.33
C PRO M 8 10.69 36.54 -19.52
N GLN M 9 11.96 36.29 -19.22
CA GLN M 9 12.54 34.96 -19.34
C GLN M 9 12.63 34.22 -18.02
N SER M 10 12.48 34.91 -16.89
CA SER M 10 12.50 34.26 -15.58
C SER M 10 11.62 35.08 -14.63
N MET M 11 10.94 34.38 -13.73
CA MET M 11 10.03 35.01 -12.78
C MET M 11 10.15 34.29 -11.44
N PHE M 12 10.53 35.04 -10.40
CA PHE M 12 10.54 34.54 -9.03
C PHE M 12 9.51 35.37 -8.26
N ILE M 13 8.30 34.83 -8.09
CA ILE M 13 7.22 35.57 -7.48
C ILE M 13 6.60 34.75 -6.35
N GLN M 14 5.91 35.46 -5.46
CA GLN M 14 5.31 34.86 -4.27
C GLN M 14 3.90 34.39 -4.58
N GLU M 15 3.49 33.31 -3.90
CA GLU M 15 2.15 32.75 -4.07
C GLU M 15 1.09 33.80 -3.80
N GLY M 16 0.30 34.13 -4.82
CA GLY M 16 -0.69 35.19 -4.76
C GLY M 16 -0.42 36.34 -5.70
N GLU M 17 0.81 36.51 -6.16
CA GLU M 17 1.13 37.59 -7.08
C GLU M 17 0.76 37.23 -8.50
N ASP M 18 0.40 38.24 -9.29
CA ASP M 18 0.06 38.03 -10.69
C ASP M 18 1.32 37.87 -11.53
N VAL M 19 1.16 37.19 -12.66
CA VAL M 19 2.24 36.95 -13.60
C VAL M 19 1.79 37.39 -14.98
N SER M 20 2.69 38.06 -15.72
CA SER M 20 2.38 38.55 -17.05
C SER M 20 3.53 38.22 -17.98
N MET M 21 3.30 37.30 -18.92
CA MET M 21 4.28 36.93 -19.93
C MET M 21 3.88 37.54 -21.28
N ASN M 22 4.85 38.08 -21.99
CA ASN M 22 4.64 38.75 -23.26
C ASN M 22 5.27 37.94 -24.40
N CYS M 23 5.03 38.39 -25.62
CA CYS M 23 5.48 37.67 -26.80
C CYS M 23 5.34 38.62 -27.98
N THR M 24 6.45 39.21 -28.39
CA THR M 24 6.50 40.14 -29.52
C THR M 24 7.07 39.44 -30.74
N SER M 25 6.41 39.64 -31.89
CA SER M 25 6.79 38.99 -33.13
C SER M 25 7.38 40.02 -34.10
N SER M 26 8.04 39.49 -35.14
CA SER M 26 8.55 40.31 -36.23
C SER M 26 7.66 40.27 -37.46
N SER M 27 7.04 39.13 -37.74
CA SER M 27 6.11 38.97 -38.86
C SER M 27 4.69 38.85 -38.33
N ILE M 28 3.73 39.27 -39.15
CA ILE M 28 2.33 39.23 -38.74
C ILE M 28 1.90 37.78 -38.53
N PHE M 29 1.38 37.50 -37.34
CA PHE M 29 0.88 36.18 -36.99
C PHE M 29 -0.64 36.15 -37.10
N ASN M 30 -1.16 35.06 -37.69
CA ASN M 30 -2.60 34.86 -37.80
C ASN M 30 -3.18 34.01 -36.68
N THR M 31 -2.35 33.28 -35.95
CA THR M 31 -2.78 32.52 -34.78
C THR M 31 -1.73 32.63 -33.69
N TRP M 32 -2.18 32.59 -32.44
CA TRP M 32 -1.29 32.60 -31.29
C TRP M 32 -1.65 31.42 -30.38
N LEU M 33 -0.64 30.84 -29.76
CA LEU M 33 -0.84 29.71 -28.86
C LEU M 33 0.03 29.88 -27.62
N TRP M 34 -0.32 29.14 -26.57
CA TRP M 34 0.44 29.15 -25.33
C TRP M 34 0.52 27.74 -24.78
N TYR M 35 1.73 27.29 -24.44
CA TYR M 35 1.95 25.97 -23.87
C TYR M 35 2.57 26.08 -22.49
N LYS M 36 2.39 25.03 -21.69
CA LYS M 36 3.04 24.93 -20.39
C LYS M 36 3.70 23.55 -20.28
N GLN M 37 4.96 23.53 -19.85
CA GLN M 37 5.71 22.28 -19.69
C GLN M 37 5.89 22.04 -18.20
N GLU M 38 5.09 21.13 -17.66
CA GLU M 38 5.29 20.71 -16.28
C GLU M 38 6.66 20.06 -16.13
N PRO M 39 7.37 20.29 -15.02
CA PRO M 39 8.70 19.71 -14.84
C PRO M 39 8.68 18.19 -14.93
N GLY M 40 9.40 17.66 -15.91
CA GLY M 40 9.43 16.23 -16.17
C GLY M 40 8.54 15.77 -17.30
N GLU M 41 7.79 16.67 -17.93
CA GLU M 41 6.86 16.27 -18.99
C GLU M 41 7.08 17.13 -20.23
N GLY M 42 6.19 16.99 -21.23
CA GLY M 42 6.29 17.77 -22.44
C GLY M 42 5.34 18.95 -22.42
N PRO M 43 5.47 19.83 -23.41
CA PRO M 43 4.55 20.98 -23.48
C PRO M 43 3.13 20.53 -23.77
N VAL M 44 2.18 21.19 -23.10
CA VAL M 44 0.75 20.97 -23.32
C VAL M 44 0.08 22.32 -23.51
N LEU M 45 -0.88 22.37 -24.42
CA LEU M 45 -1.52 23.63 -24.75
C LEU M 45 -2.35 24.14 -23.58
N LEU M 46 -2.30 25.45 -23.35
CA LEU M 46 -3.16 26.12 -22.39
C LEU M 46 -4.34 26.81 -23.04
N ILE M 47 -4.13 27.45 -24.18
CA ILE M 47 -5.19 28.16 -24.89
C ILE M 47 -4.67 28.48 -26.29
N ALA M 48 -5.59 28.66 -27.23
CA ALA M 48 -5.26 29.07 -28.59
C ALA M 48 -6.13 30.24 -28.99
N LEU M 49 -5.58 31.14 -29.80
CA LEU M 49 -6.26 32.35 -30.22
C LEU M 49 -6.33 32.38 -31.74
N TYR M 50 -7.55 32.53 -32.28
CA TYR M 50 -7.76 32.54 -33.72
C TYR M 50 -8.40 33.82 -34.23
N LYS M 51 -8.90 34.68 -33.36
CA LYS M 51 -9.51 35.95 -33.76
C LYS M 51 -8.65 37.11 -33.25
N ALA M 52 -8.42 38.09 -34.11
CA ALA M 52 -7.57 39.23 -33.76
C ALA M 52 -8.30 40.18 -32.84
N GLY M 53 -7.57 40.73 -31.88
CA GLY M 53 -8.16 41.63 -30.89
C GLY M 53 -8.89 40.93 -29.76
N GLU M 54 -8.81 39.61 -29.70
CA GLU M 54 -9.57 38.84 -28.72
C GLU M 54 -8.89 38.84 -27.37
N LEU M 55 -9.69 38.82 -26.30
CA LEU M 55 -9.21 38.65 -24.93
C LEU M 55 -10.03 37.56 -24.27
N THR M 56 -9.43 36.38 -24.10
CA THR M 56 -10.11 35.21 -23.56
C THR M 56 -9.58 34.90 -22.17
N SER M 57 -10.46 34.36 -21.33
CA SER M 57 -10.11 33.95 -19.97
C SER M 57 -10.63 32.54 -19.73
N ASN M 58 -9.77 31.69 -19.14
CA ASN M 58 -10.13 30.32 -18.77
C ASN M 58 -9.55 30.06 -17.39
N GLY M 59 -10.38 30.26 -16.37
CA GLY M 59 -9.94 30.13 -14.99
C GLY M 59 -9.17 31.35 -14.54
N ARG M 60 -7.91 31.16 -14.16
CA ARG M 60 -7.03 32.26 -13.81
C ARG M 60 -6.20 32.75 -14.97
N LEU M 61 -6.33 32.14 -16.15
CA LEU M 61 -5.55 32.51 -17.31
C LEU M 61 -6.26 33.58 -18.13
N THR M 62 -5.47 34.45 -18.76
CA THR M 62 -6.00 35.49 -19.63
C THR M 62 -4.99 35.75 -20.74
N ALA M 63 -5.42 35.56 -21.98
CA ALA M 63 -4.57 35.73 -23.14
C ALA M 63 -5.19 36.74 -24.11
N GLN M 64 -4.34 37.41 -24.88
CA GLN M 64 -4.78 38.41 -25.84
C GLN M 64 -4.11 38.18 -27.19
N PHE M 65 -4.92 38.18 -28.24
CA PHE M 65 -4.44 38.25 -29.63
C PHE M 65 -4.34 39.73 -29.99
N GLY M 66 -3.12 40.24 -30.07
CA GLY M 66 -2.94 41.66 -30.32
C GLY M 66 -3.59 42.10 -31.62
N ILE M 67 -4.08 43.34 -31.63
CA ILE M 67 -4.70 43.85 -32.84
C ILE M 67 -3.66 44.10 -33.92
N THR M 68 -2.41 44.37 -33.52
CA THR M 68 -1.33 44.54 -34.49
C THR M 68 -0.86 43.23 -35.11
N ARG M 69 -1.46 42.10 -34.74
CA ARG M 69 -1.09 40.77 -35.24
C ARG M 69 0.38 40.48 -34.99
N LYS M 70 0.97 41.11 -33.97
CA LYS M 70 2.38 40.92 -33.64
C LYS M 70 2.63 40.87 -32.14
N ASP M 71 1.60 40.92 -31.30
CA ASP M 71 1.75 40.95 -29.86
C ASP M 71 0.80 39.94 -29.22
N SER M 72 1.20 39.41 -28.08
CA SER M 72 0.36 38.50 -27.31
C SER M 72 0.89 38.42 -25.89
N PHE M 73 -0.02 38.24 -24.94
CA PHE M 73 0.38 38.09 -23.55
C PHE M 73 -0.44 37.00 -22.90
N LEU M 74 0.04 36.54 -21.74
CA LEU M 74 -0.63 35.54 -20.93
C LEU M 74 -0.50 35.93 -19.46
N ASN M 75 -1.61 35.90 -18.74
CA ASN M 75 -1.64 36.32 -17.34
C ASN M 75 -2.13 35.19 -16.44
N ILE M 76 -1.47 35.03 -15.30
CA ILE M 76 -1.90 34.13 -14.24
C ILE M 76 -2.43 34.98 -13.10
N SER M 77 -3.72 34.83 -12.81
CA SER M 77 -4.43 35.76 -11.94
C SER M 77 -4.14 35.52 -10.45
N ALA M 78 -3.59 34.37 -10.08
CA ALA M 78 -3.25 34.10 -8.69
C ALA M 78 -2.29 32.91 -8.69
N SER M 79 -1.00 33.21 -8.65
CA SER M 79 0.01 32.16 -8.79
C SER M 79 -0.05 31.22 -7.60
N ILE M 80 -0.37 29.96 -7.87
CA ILE M 80 -0.29 28.89 -6.89
C ILE M 80 1.02 28.16 -7.12
N PRO M 81 1.56 27.43 -6.14
CA PRO M 81 2.87 26.78 -6.35
C PRO M 81 2.88 25.78 -7.50
N SER M 82 1.73 25.23 -7.88
CA SER M 82 1.71 24.25 -8.95
C SER M 82 1.89 24.88 -10.33
N ASP M 83 1.95 26.21 -10.42
CA ASP M 83 2.16 26.88 -11.68
C ASP M 83 3.61 26.87 -12.13
N VAL M 84 4.49 26.17 -11.41
CA VAL M 84 5.91 26.15 -11.78
C VAL M 84 6.08 25.36 -13.07
N GLY M 85 6.95 25.85 -13.93
CA GLY M 85 7.24 25.20 -15.18
C GLY M 85 7.76 26.22 -16.18
N ILE M 86 7.82 25.78 -17.43
CA ILE M 86 8.26 26.62 -18.54
C ILE M 86 7.06 26.85 -19.46
N TYR M 87 6.80 28.10 -19.78
CA TYR M 87 5.70 28.48 -20.65
C TYR M 87 6.24 28.93 -22.00
N PHE M 88 5.54 28.55 -23.07
CA PHE M 88 5.97 28.84 -24.43
C PHE M 88 4.83 29.54 -25.18
N CYS M 89 5.16 30.60 -25.90
CA CYS M 89 4.24 31.24 -26.84
C CYS M 89 4.58 30.81 -28.26
N ALA M 90 3.57 30.37 -29.00
CA ALA M 90 3.74 29.92 -30.37
C ALA M 90 2.79 30.71 -31.28
N GLY M 91 3.04 30.61 -32.57
CA GLY M 91 2.24 31.35 -33.53
C GLY M 91 2.58 30.94 -34.94
N GLN M 92 1.82 31.48 -35.89
CA GLN M 92 1.97 31.14 -37.30
C GLN M 92 1.90 32.40 -38.13
N ASP M 93 2.98 32.71 -38.85
CA ASP M 93 2.90 33.65 -39.95
C ASP M 93 2.48 32.88 -41.20
N VAL M 94 2.36 33.59 -42.32
CA VAL M 94 1.90 32.97 -43.56
C VAL M 94 2.81 31.81 -43.96
N GLY M 95 4.11 31.98 -43.76
CA GLY M 95 5.04 30.90 -44.06
C GLY M 95 4.84 29.69 -43.17
N ASN M 96 4.56 29.92 -41.88
CA ASN M 96 4.31 28.81 -40.98
C ASN M 96 2.98 28.12 -41.27
N THR M 97 1.97 28.86 -41.70
CA THR M 97 0.70 28.25 -42.06
C THR M 97 0.87 27.32 -43.26
N ASN M 98 1.66 27.73 -44.24
CA ASN M 98 1.88 26.90 -45.43
C ASN M 98 2.71 25.66 -45.10
N ALA M 99 3.78 25.84 -44.32
CA ALA M 99 4.62 24.70 -43.96
C ALA M 99 3.99 23.82 -42.89
N GLY M 100 2.98 24.32 -42.16
CA GLY M 100 2.35 23.56 -41.11
C GLY M 100 3.02 23.63 -39.76
N LYS M 101 4.16 24.31 -39.64
CA LYS M 101 4.86 24.43 -38.38
C LYS M 101 4.30 25.60 -37.57
N SER M 102 4.99 25.96 -36.50
CA SER M 102 4.66 27.15 -35.73
C SER M 102 5.91 27.59 -34.98
N THR M 103 6.32 28.84 -35.15
CA THR M 103 7.51 29.33 -34.47
C THR M 103 7.22 29.55 -32.99
N PHE M 104 8.09 29.03 -32.14
CA PHE M 104 7.92 29.10 -30.70
C PHE M 104 8.75 30.24 -30.10
N GLY M 105 8.45 30.56 -28.86
CA GLY M 105 9.29 31.45 -28.10
C GLY M 105 10.36 30.71 -27.35
N ASP M 106 11.38 31.44 -26.90
CA ASP M 106 12.44 30.79 -26.15
C ASP M 106 11.98 30.37 -24.76
N GLY M 107 10.92 30.99 -24.21
CA GLY M 107 10.34 30.49 -22.98
C GLY M 107 10.44 31.38 -21.76
N THR M 108 9.49 31.18 -20.83
CA THR M 108 9.49 31.86 -19.54
C THR M 108 9.39 30.81 -18.45
N THR M 109 10.43 30.70 -17.63
CA THR M 109 10.44 29.74 -16.54
C THR M 109 9.88 30.41 -15.30
N LEU M 110 8.71 29.97 -14.85
CA LEU M 110 8.04 30.53 -13.68
C LEU M 110 8.34 29.67 -12.45
N THR M 111 8.63 30.34 -11.34
CA THR M 111 8.88 29.67 -10.06
C THR M 111 8.09 30.41 -8.98
N VAL M 112 7.06 29.76 -8.45
CA VAL M 112 6.22 30.34 -7.41
C VAL M 112 6.73 29.84 -6.07
N LYS M 113 7.07 30.77 -5.18
CA LYS M 113 7.54 30.42 -3.85
C LYS M 113 6.33 30.23 -2.94
N PRO M 114 6.06 29.02 -2.46
CA PRO M 114 4.85 28.80 -1.65
C PRO M 114 4.90 29.59 -0.35
N ASN M 115 3.72 29.76 0.25
CA ASN M 115 3.58 30.48 1.50
C ASN M 115 3.95 29.54 2.66
N ILE M 116 5.14 29.72 3.21
CA ILE M 116 5.52 28.97 4.40
C ILE M 116 4.82 29.55 5.61
N GLN M 117 4.79 28.77 6.69
CA GLN M 117 4.01 29.11 7.88
C GLN M 117 4.90 29.19 9.10
N ASN M 118 4.68 30.24 9.91
CA ASN M 118 5.32 30.46 11.21
C ASN M 118 6.82 30.24 11.13
N PRO M 119 7.58 31.20 10.60
CA PRO M 119 9.03 31.02 10.49
C PRO M 119 9.67 30.76 11.85
N ASP M 120 10.41 29.66 11.93
CA ASP M 120 11.16 29.29 13.13
C ASP M 120 12.49 28.72 12.67
N PRO M 121 13.41 29.58 12.26
CA PRO M 121 14.66 29.09 11.66
C PRO M 121 15.49 28.31 12.65
N ALA M 122 16.16 27.26 12.16
CA ALA M 122 16.99 26.40 13.00
C ALA M 122 17.85 25.52 12.10
N VAL M 123 18.95 25.02 12.66
CA VAL M 123 19.89 24.15 11.96
C VAL M 123 20.11 22.92 12.84
N TYR M 124 19.60 21.77 12.40
CA TYR M 124 19.69 20.52 13.16
C TYR M 124 20.66 19.56 12.49
N GLN M 125 21.16 18.61 13.28
CA GLN M 125 22.05 17.57 12.78
C GLN M 125 21.35 16.22 12.89
N LEU M 126 21.18 15.55 11.76
CA LEU M 126 20.54 14.26 11.72
C LEU M 126 21.55 13.15 12.00
N ARG M 127 21.04 12.03 12.51
CA ARG M 127 21.90 10.90 12.85
C ARG M 127 22.41 10.21 11.60
N ASP M 128 23.60 9.62 11.72
CA ASP M 128 24.22 8.95 10.59
C ASP M 128 23.42 7.69 10.20
N SER M 129 23.70 7.19 8.99
CA SER M 129 23.01 6.02 8.48
C SER M 129 23.58 4.71 9.01
N LYS M 130 24.73 4.75 9.67
CA LYS M 130 25.35 3.54 10.21
C LYS M 130 24.46 2.89 11.27
N SER M 132 26.29 5.19 7.02
CA SER M 132 27.19 5.71 5.99
C SER M 132 28.15 6.75 6.58
N ASP M 133 29.09 7.21 5.76
CA ASP M 133 30.10 8.17 6.22
C ASP M 133 29.79 9.59 5.79
N LYS M 134 28.66 10.13 6.25
CA LYS M 134 28.27 11.49 5.88
C LYS M 134 27.47 12.08 7.03
N SER M 135 28.03 13.08 7.71
CA SER M 135 27.29 13.83 8.72
C SER M 135 26.43 14.88 8.03
N VAL M 136 25.16 14.97 8.41
CA VAL M 136 24.16 15.76 7.70
C VAL M 136 23.60 16.83 8.62
N CYS M 137 23.61 18.08 8.16
CA CYS M 137 22.93 19.18 8.81
C CYS M 137 21.72 19.60 7.99
N LEU M 138 20.72 20.16 8.67
CA LEU M 138 19.48 20.53 8.02
C LEU M 138 19.07 21.93 8.48
N PHE M 139 19.02 22.88 7.54
CA PHE M 139 18.48 24.21 7.79
C PHE M 139 17.03 24.20 7.32
N THR M 140 16.10 24.25 8.27
CA THR M 140 14.68 24.10 7.96
C THR M 140 13.88 25.21 8.63
N ASP M 141 12.64 25.37 8.17
CA ASP M 141 11.67 26.31 8.73
C ASP M 141 12.18 27.75 8.69
N PHE M 142 12.72 28.14 7.53
CA PHE M 142 13.16 29.51 7.31
C PHE M 142 12.22 30.19 6.31
N ASP M 143 12.33 31.51 6.25
CA ASP M 143 11.41 32.31 5.46
C ASP M 143 11.67 32.14 3.97
N SER M 144 10.64 32.43 3.17
CA SER M 144 10.78 32.34 1.71
C SER M 144 11.76 33.36 1.17
N GLN M 145 12.09 34.40 1.94
CA GLN M 145 13.02 35.41 1.49
C GLN M 145 14.48 35.00 1.70
N THR M 146 14.72 34.01 2.54
CA THR M 146 16.07 33.49 2.72
C THR M 146 16.54 32.79 1.46
N ASN M 147 17.81 32.98 1.12
CA ASN M 147 18.41 32.37 -0.07
C ASN M 147 19.67 31.64 0.34
N VAL M 148 19.63 30.31 0.30
CA VAL M 148 20.81 29.51 0.61
C VAL M 148 21.84 29.66 -0.51
N SER M 149 23.11 29.59 -0.14
CA SER M 149 24.21 29.74 -1.08
C SER M 149 25.04 28.48 -1.13
N GLN M 150 25.78 28.31 -2.23
CA GLN M 150 26.64 27.15 -2.40
C GLN M 150 27.80 27.19 -1.41
N SER M 151 28.58 26.12 -1.38
CA SER M 151 29.70 26.01 -0.45
C SER M 151 30.97 26.57 -1.06
N LYS M 152 31.91 26.93 -0.17
CA LYS M 152 33.27 27.28 -0.57
C LYS M 152 34.27 26.24 -0.07
N ASP M 153 33.81 25.04 0.24
CA ASP M 153 34.64 23.94 0.70
C ASP M 153 34.54 22.77 -0.27
N SER M 154 35.66 22.10 -0.49
CA SER M 154 35.70 20.98 -1.42
C SER M 154 34.98 19.75 -0.87
N ASP M 155 34.81 19.66 0.44
CA ASP M 155 34.24 18.48 1.08
C ASP M 155 32.86 18.74 1.67
N VAL M 156 32.33 19.95 1.56
CA VAL M 156 31.02 20.30 2.09
C VAL M 156 30.08 20.57 0.92
N TYR M 157 28.85 20.06 1.03
CA TYR M 157 27.84 20.21 0.00
C TYR M 157 26.55 20.74 0.63
N ILE M 158 25.93 21.71 -0.03
CA ILE M 158 24.68 22.31 0.43
C ILE M 158 23.70 22.34 -0.73
N THR M 159 22.50 21.82 -0.51
CA THR M 159 21.45 21.85 -1.52
C THR M 159 20.65 23.15 -1.43
N ASP M 160 19.81 23.38 -2.43
CA ASP M 160 19.01 24.58 -2.49
C ASP M 160 17.72 24.39 -1.67
N LYS M 161 16.88 25.42 -1.67
CA LYS M 161 15.65 25.39 -0.89
C LYS M 161 14.68 24.31 -1.41
N CYS M 162 13.66 24.04 -0.62
CA CYS M 162 12.68 23.00 -0.94
C CYS M 162 11.46 23.13 -0.04
N VAL M 163 10.27 23.25 -0.62
CA VAL M 163 9.04 23.42 0.14
C VAL M 163 8.27 22.10 0.14
N LEU M 164 8.03 21.55 1.32
CA LEU M 164 7.19 20.37 1.48
C LEU M 164 5.85 20.78 2.08
N ASP M 165 4.79 20.09 1.65
CA ASP M 165 3.43 20.38 2.08
C ASP M 165 2.92 19.23 2.91
N MET M 166 2.95 19.38 4.23
CA MET M 166 2.28 18.45 5.13
C MET M 166 0.78 18.76 5.06
N ARG M 167 0.14 18.20 4.02
CA ARG M 167 -1.27 18.50 3.76
C ARG M 167 -2.19 18.12 4.91
N SER M 168 -1.80 17.15 5.74
CA SER M 168 -2.59 16.79 6.90
C SER M 168 -2.68 17.95 7.89
N MET M 169 -1.54 18.54 8.23
CA MET M 169 -1.49 19.67 9.15
C MET M 169 -1.55 21.02 8.44
N ASP M 170 -1.64 21.03 7.11
CA ASP M 170 -1.67 22.27 6.31
C ASP M 170 -0.47 23.17 6.63
N PHE M 171 0.71 22.56 6.70
CA PHE M 171 1.94 23.25 7.10
C PHE M 171 2.99 23.08 6.01
N LYS M 172 3.26 24.15 5.28
CA LYS M 172 4.35 24.20 4.31
C LYS M 172 5.58 24.83 4.95
N SER M 173 6.76 24.34 4.58
CA SER M 173 7.98 24.83 5.20
C SER M 173 9.16 24.62 4.27
N ASN M 174 10.11 25.54 4.33
CA ASN M 174 11.35 25.47 3.58
C ASN M 174 12.36 24.57 4.28
N SER M 175 13.34 24.10 3.52
CA SER M 175 14.40 23.27 4.09
C SER M 175 15.56 23.20 3.11
N ALA M 176 16.77 23.10 3.65
CA ALA M 176 17.98 22.96 2.86
C ALA M 176 18.94 22.04 3.58
N VAL M 177 19.54 21.10 2.84
CA VAL M 177 20.35 20.03 3.42
C VAL M 177 21.83 20.34 3.17
N ALA M 178 22.66 20.01 4.15
CA ALA M 178 24.10 20.17 4.04
C ALA M 178 24.78 18.93 4.62
N TRP M 179 25.55 18.23 3.80
CA TRP M 179 26.25 17.03 4.22
C TRP M 179 27.73 17.16 3.89
N SER M 180 28.55 16.47 4.69
CA SER M 180 29.99 16.46 4.49
C SER M 180 30.59 15.25 5.18
N ASN M 181 31.82 14.92 4.82
CA ASN M 181 32.53 13.78 5.39
C ASN M 181 33.71 14.17 6.27
N LYS M 182 34.30 15.34 6.06
CA LYS M 182 35.45 15.76 6.86
C LYS M 182 35.09 15.82 8.34
N SER M 183 36.07 15.53 9.19
CA SER M 183 35.82 15.42 10.62
C SER M 183 35.53 16.77 11.27
N ASP M 184 35.99 17.86 10.66
CA ASP M 184 35.75 19.20 11.21
C ASP M 184 34.37 19.75 10.85
N PHE M 185 33.50 18.95 10.25
CA PHE M 185 32.18 19.42 9.87
C PHE M 185 31.32 19.62 11.11
N ALA M 186 31.01 20.87 11.43
CA ALA M 186 30.11 21.23 12.50
C ALA M 186 28.98 22.07 11.93
N CYS M 187 27.74 21.73 12.28
CA CYS M 187 26.60 22.46 11.74
C CYS M 187 26.65 23.95 12.08
N ALA M 188 27.40 24.32 13.12
CA ALA M 188 27.50 25.72 13.48
C ALA M 188 28.16 26.55 12.39
N ASN M 189 29.01 25.91 11.57
CA ASN M 189 29.73 26.60 10.51
C ASN M 189 29.46 26.02 9.14
N ALA M 190 28.41 25.21 9.00
CA ALA M 190 28.07 24.67 7.69
C ALA M 190 27.43 25.74 6.81
N PHE M 191 26.46 26.48 7.35
CA PHE M 191 25.76 27.53 6.63
C PHE M 191 26.33 28.91 6.93
N ASN M 192 27.62 29.00 7.26
CA ASN M 192 28.23 30.29 7.50
C ASN M 192 28.48 31.07 6.22
N ASN M 193 28.47 30.39 5.07
CA ASN M 193 28.63 31.09 3.80
C ASN M 193 27.34 31.71 3.30
N SER M 194 26.20 31.31 3.85
CA SER M 194 24.89 31.83 3.46
C SER M 194 24.45 32.93 4.41
N ILE M 195 23.41 33.66 3.99
CA ILE M 195 22.86 34.76 4.78
C ILE M 195 21.68 34.24 5.59
N ILE M 196 21.96 33.27 6.47
CA ILE M 196 20.93 32.64 7.31
C ILE M 196 20.43 33.72 8.25
N PRO M 197 19.14 33.71 8.60
CA PRO M 197 18.61 34.71 9.54
C PRO M 197 19.40 34.72 10.84
N GLU M 198 19.80 35.91 11.27
CA GLU M 198 20.57 36.03 12.50
C GLU M 198 19.81 35.51 13.72
N ASP M 199 18.49 35.37 13.60
CA ASP M 199 17.66 34.82 14.67
C ASP M 199 17.62 33.30 14.65
N THR M 200 18.39 32.65 13.77
CA THR M 200 18.32 31.20 13.65
C THR M 200 18.72 30.52 14.95
N PHE M 201 18.06 29.42 15.26
CA PHE M 201 18.26 28.68 16.51
C PHE M 201 19.21 27.52 16.24
N PHE M 202 20.41 27.60 16.82
CA PHE M 202 21.39 26.53 16.69
C PHE M 202 21.34 25.66 17.94
N PRO M 203 20.68 24.49 17.90
CA PRO M 203 20.65 23.60 19.07
C PRO M 203 22.02 23.12 19.45
N SER M 204 22.54 23.64 20.57
CA SER M 204 23.81 23.24 21.12
C SER M 204 23.69 23.29 22.63
N PRO M 205 24.05 22.20 23.33
CA PRO M 205 23.95 22.07 24.79
C PRO M 205 24.60 23.24 25.54
N GLY N 1 -2.06 7.34 -27.90
CA GLY N 1 -1.63 8.64 -28.37
C GLY N 1 -0.14 8.71 -28.66
N ILE N 2 0.45 9.88 -28.41
CA ILE N 2 1.87 10.09 -28.69
C ILE N 2 2.70 9.51 -27.56
N THR N 3 3.73 8.73 -27.92
CA THR N 3 4.66 8.18 -26.95
C THR N 3 6.03 8.00 -27.60
N GLN N 4 7.06 7.95 -26.77
CA GLN N 4 8.44 7.81 -27.24
C GLN N 4 9.11 6.64 -26.52
N SER N 5 10.12 6.08 -27.18
CA SER N 5 10.92 5.03 -26.58
C SER N 5 12.30 5.02 -27.23
N PRO N 6 13.36 4.98 -26.41
CA PRO N 6 13.29 4.94 -24.95
C PRO N 6 13.08 6.33 -24.36
N ARG N 7 12.97 6.42 -23.04
CA ARG N 7 12.91 7.71 -22.36
C ARG N 7 14.23 8.07 -21.68
N TYR N 8 15.10 7.09 -21.44
CA TYR N 8 16.46 7.33 -20.98
C TYR N 8 17.40 6.50 -21.82
N LYS N 9 18.53 7.11 -22.20
CA LYS N 9 19.47 6.43 -23.10
C LYS N 9 20.86 7.03 -22.94
N ILE N 10 21.84 6.17 -22.65
CA ILE N 10 23.25 6.52 -22.69
C ILE N 10 23.83 5.91 -23.95
N THR N 11 24.67 6.67 -24.65
CA THR N 11 25.25 6.18 -25.89
C THR N 11 26.72 6.55 -25.96
N GLU N 12 27.51 5.68 -26.59
CA GLU N 12 28.92 5.94 -26.82
C GLU N 12 29.08 6.88 -28.01
N THR N 13 30.01 7.83 -27.88
CA THR N 13 30.23 8.80 -28.95
C THR N 13 30.67 8.11 -30.24
N GLY N 14 30.04 8.50 -31.35
CA GLY N 14 30.30 7.92 -32.64
C GLY N 14 29.22 6.96 -33.11
N ARG N 15 28.54 6.29 -32.18
CA ARG N 15 27.50 5.33 -32.55
C ARG N 15 26.19 6.05 -32.85
N GLN N 16 25.33 5.37 -33.59
CA GLN N 16 24.03 5.93 -33.94
C GLN N 16 22.92 5.26 -33.12
N VAL N 17 22.01 6.10 -32.62
CA VAL N 17 20.91 5.65 -31.77
C VAL N 17 19.62 6.26 -32.30
N THR N 18 18.56 5.45 -32.37
CA THR N 18 17.30 5.86 -32.96
C THR N 18 16.24 6.02 -31.88
N LEU N 19 15.68 7.22 -31.80
CA LEU N 19 14.52 7.48 -30.95
C LEU N 19 13.28 7.41 -31.83
N MET N 20 12.39 6.47 -31.51
CA MET N 20 11.17 6.30 -32.27
C MET N 20 9.98 6.85 -31.50
N CYS N 21 8.99 7.34 -32.24
CA CYS N 21 7.82 8.00 -31.68
C CYS N 21 6.58 7.47 -32.39
N HIS N 22 5.63 6.97 -31.62
CA HIS N 22 4.40 6.37 -32.17
C HIS N 22 3.19 7.20 -31.76
N GLN N 23 2.31 7.46 -32.73
CA GLN N 23 1.06 8.15 -32.50
C GLN N 23 -0.10 7.28 -33.00
N THR N 24 -1.25 7.44 -32.35
CA THR N 24 -2.44 6.67 -32.68
C THR N 24 -3.59 7.51 -33.21
N TRP N 25 -3.41 8.82 -33.32
CA TRP N 25 -4.46 9.73 -33.77
C TRP N 25 -4.54 9.85 -35.29
N SER N 26 -3.69 9.14 -36.02
CA SER N 26 -3.63 9.22 -37.48
C SER N 26 -3.29 10.64 -37.94
N HIS N 27 -2.62 11.41 -37.09
CA HIS N 27 -2.28 12.79 -37.41
C HIS N 27 -1.32 12.83 -38.59
N SER N 28 -1.48 13.85 -39.42
CA SER N 28 -0.65 14.00 -40.61
C SER N 28 0.75 14.52 -40.26
N TYR N 29 0.84 15.51 -39.38
CA TYR N 29 2.09 16.17 -39.05
C TYR N 29 2.74 15.54 -37.83
N MET N 30 4.06 15.37 -37.89
CA MET N 30 4.85 14.92 -36.74
C MET N 30 6.15 15.70 -36.71
N PHE N 31 6.61 16.05 -35.51
CA PHE N 31 7.75 16.92 -35.33
C PHE N 31 8.72 16.30 -34.33
N TRP N 32 9.97 16.75 -34.39
CA TRP N 32 11.01 16.35 -33.45
C TRP N 32 11.77 17.59 -32.97
N TYR N 33 11.91 17.71 -31.65
CA TYR N 33 12.57 18.86 -31.03
C TYR N 33 13.66 18.39 -30.08
N ARG N 34 14.52 19.33 -29.71
CA ARG N 34 15.51 19.11 -28.66
C ARG N 34 15.49 20.33 -27.75
N GLN N 35 15.16 20.12 -26.48
CA GLN N 35 15.05 21.20 -25.53
C GLN N 35 16.40 21.41 -24.86
N ASP N 36 16.98 22.60 -25.05
CA ASP N 36 18.27 22.95 -24.48
C ASP N 36 18.13 24.28 -23.76
N LEU N 37 18.96 24.49 -22.73
CA LEU N 37 18.88 25.71 -21.96
C LEU N 37 19.34 26.89 -22.80
N GLY N 38 18.59 27.99 -22.74
CA GLY N 38 19.00 29.18 -23.45
C GLY N 38 18.44 29.22 -24.86
N HIS N 39 18.27 28.03 -25.45
CA HIS N 39 17.74 27.93 -26.80
C HIS N 39 16.26 27.53 -26.85
N GLY N 40 15.73 26.94 -25.77
CA GLY N 40 14.35 26.49 -25.78
C GLY N 40 14.16 25.32 -26.73
N LEU N 41 12.92 25.16 -27.20
CA LEU N 41 12.62 24.15 -28.19
C LEU N 41 13.22 24.54 -29.54
N ARG N 42 13.89 23.60 -30.19
CA ARG N 42 14.47 23.83 -31.50
C ARG N 42 14.09 22.67 -32.42
N LEU N 43 13.57 22.99 -33.60
CA LEU N 43 13.09 21.98 -34.52
C LEU N 43 14.28 21.28 -35.18
N ILE N 44 14.29 19.95 -35.12
CA ILE N 44 15.31 19.15 -35.78
C ILE N 44 14.83 18.77 -37.17
N TYR N 45 13.78 17.95 -37.21
CA TYR N 45 13.14 17.55 -38.46
C TYR N 45 11.63 17.49 -38.22
N TYR N 46 10.88 17.46 -39.32
CA TYR N 46 9.43 17.34 -39.22
C TYR N 46 8.86 16.83 -40.53
N SER N 47 7.70 16.19 -40.44
CA SER N 47 7.05 15.53 -41.55
C SER N 47 5.63 16.06 -41.70
N ALA N 48 5.23 16.38 -42.93
CA ALA N 48 3.89 16.89 -43.14
C ALA N 48 2.88 15.78 -43.32
N ALA N 49 3.33 14.62 -43.79
CA ALA N 49 2.50 13.44 -43.96
C ALA N 49 3.43 12.26 -44.21
N ALA N 50 2.86 11.13 -44.59
CA ALA N 50 3.68 9.96 -44.92
C ALA N 50 4.50 10.24 -46.16
N ASP N 51 5.73 9.70 -46.18
CA ASP N 51 6.65 9.84 -47.32
C ASP N 51 6.99 11.30 -47.59
N ILE N 52 7.10 12.10 -46.54
CA ILE N 52 7.47 13.50 -46.65
C ILE N 52 8.33 13.88 -45.45
N THR N 53 9.48 14.49 -45.71
CA THR N 53 10.37 14.94 -44.65
C THR N 53 11.03 16.25 -45.07
N ASP N 54 11.11 17.19 -44.14
CA ASP N 54 11.74 18.48 -44.39
C ASP N 54 12.62 18.85 -43.19
N LYS N 55 13.67 19.61 -43.47
CA LYS N 55 14.64 19.95 -42.44
C LYS N 55 14.07 20.99 -41.49
N GLY N 56 14.64 21.04 -40.29
CA GLY N 56 14.27 22.04 -39.30
C GLY N 56 15.37 23.05 -39.05
N GLU N 57 15.42 23.61 -37.83
CA GLU N 57 16.47 24.55 -37.49
C GLU N 57 17.76 23.86 -37.09
N VAL N 58 17.68 22.68 -36.50
CA VAL N 58 18.88 21.92 -36.14
C VAL N 58 18.84 20.56 -36.83
N PRO N 59 19.02 20.49 -38.15
CA PRO N 59 18.95 19.20 -38.85
C PRO N 59 20.31 18.53 -39.01
N ASP N 60 21.38 19.32 -38.86
CA ASP N 60 22.72 18.79 -39.06
C ASP N 60 23.03 17.74 -38.00
N GLY N 61 23.52 16.60 -38.46
CA GLY N 61 23.80 15.49 -37.57
C GLY N 61 22.64 14.54 -37.35
N TYR N 62 21.49 14.80 -37.96
CA TYR N 62 20.31 13.97 -37.78
C TYR N 62 19.73 13.58 -39.13
N VAL N 63 19.05 12.43 -39.14
CA VAL N 63 18.26 12.00 -40.29
C VAL N 63 16.98 11.39 -39.75
N VAL N 64 15.90 11.51 -40.53
CA VAL N 64 14.59 11.03 -40.10
C VAL N 64 13.86 10.44 -41.30
N SER N 65 12.94 9.52 -41.02
CA SER N 65 12.18 8.85 -42.07
C SER N 65 10.73 8.72 -41.62
N ARG N 66 9.83 8.60 -42.59
CA ARG N 66 8.40 8.51 -42.31
C ARG N 66 7.76 7.65 -43.40
N SER N 67 7.76 6.34 -43.18
CA SER N 67 7.11 5.43 -44.10
C SER N 67 5.67 5.13 -43.71
N LYS N 68 5.29 5.43 -42.47
CA LYS N 68 3.92 5.25 -42.02
C LYS N 68 3.53 6.45 -41.16
N THR N 69 2.24 6.80 -41.21
CA THR N 69 1.76 7.96 -40.47
C THR N 69 1.81 7.78 -38.97
N GLU N 70 2.12 6.59 -38.48
CA GLU N 70 2.11 6.31 -37.05
C GLU N 70 3.49 6.42 -36.40
N ASN N 71 4.55 6.50 -37.19
CA ASN N 71 5.90 6.50 -36.63
C ASN N 71 6.74 7.60 -37.27
N PHE N 72 7.69 8.10 -36.48
CA PHE N 72 8.60 9.16 -36.92
C PHE N 72 9.95 8.96 -36.26
N PRO N 73 10.67 7.90 -36.63
CA PRO N 73 11.90 7.54 -35.92
C PRO N 73 13.03 8.52 -36.24
N LEU N 74 13.47 9.26 -35.23
CA LEU N 74 14.62 10.13 -35.35
C LEU N 74 15.88 9.34 -35.06
N THR N 75 16.85 9.40 -35.96
CA THR N 75 18.10 8.65 -35.84
C THR N 75 19.25 9.63 -35.73
N LEU N 76 19.92 9.60 -34.58
CA LEU N 76 21.17 10.36 -34.39
C LEU N 76 22.26 9.67 -35.18
N GLU N 77 22.59 10.20 -36.35
CA GLU N 77 23.47 9.47 -37.27
C GLU N 77 24.88 9.29 -36.72
N SER N 78 25.33 10.19 -35.83
CA SER N 78 26.64 10.08 -35.22
C SER N 78 26.60 10.75 -33.86
N ALA N 79 26.84 9.97 -32.81
CA ALA N 79 26.73 10.47 -31.44
C ALA N 79 27.75 11.57 -31.17
N THR N 80 27.30 12.82 -31.20
CA THR N 80 28.12 13.96 -30.81
C THR N 80 27.86 14.33 -29.36
N ARG N 81 28.90 14.76 -28.67
CA ARG N 81 28.72 15.24 -27.31
C ARG N 81 27.71 16.39 -27.23
N SER N 82 27.50 17.12 -28.34
CA SER N 82 26.49 18.16 -28.38
C SER N 82 25.08 17.57 -28.46
N GLN N 83 24.95 16.36 -29.01
CA GLN N 83 23.64 15.73 -29.16
C GLN N 83 23.05 15.25 -27.84
N THR N 84 23.73 15.45 -26.71
CA THR N 84 23.16 15.16 -25.40
C THR N 84 22.09 16.21 -25.11
N SER N 85 20.82 15.82 -25.20
CA SER N 85 19.72 16.75 -25.01
C SER N 85 18.50 15.98 -24.55
N VAL N 86 17.38 16.69 -24.42
CA VAL N 86 16.08 16.09 -24.16
C VAL N 86 15.25 16.23 -25.43
N TYR N 87 14.92 15.10 -26.04
CA TYR N 87 14.26 15.06 -27.34
C TYR N 87 12.76 14.89 -27.17
N PHE N 88 12.00 15.81 -27.76
CA PHE N 88 10.53 15.79 -27.69
C PHE N 88 9.94 15.54 -29.06
N CYS N 89 8.84 14.81 -29.08
CA CYS N 89 8.13 14.45 -30.30
C CYS N 89 6.73 15.04 -30.25
N ALA N 90 6.27 15.59 -31.37
CA ALA N 90 5.00 16.28 -31.44
C ALA N 90 4.14 15.65 -32.53
N SER N 91 2.89 16.11 -32.64
CA SER N 91 1.93 15.57 -33.58
C SER N 91 0.80 16.58 -33.76
N SER N 92 0.35 16.74 -35.01
CA SER N 92 -0.73 17.67 -35.32
C SER N 92 -1.60 17.10 -36.44
N GLY N 93 -2.90 16.99 -36.17
CA GLY N 93 -3.85 16.65 -37.21
C GLY N 93 -4.09 17.83 -38.13
N VAL N 94 -4.60 18.91 -37.56
CA VAL N 94 -4.73 20.19 -38.26
C VAL N 94 -4.07 21.28 -37.44
N PRO N 95 -2.89 21.77 -37.85
CA PRO N 95 -2.12 22.83 -37.18
C PRO N 95 -2.97 24.06 -36.91
N PRO N 96 -2.53 24.95 -35.99
CA PRO N 96 -1.23 25.04 -35.34
C PRO N 96 -1.04 24.22 -34.06
N VAL N 97 -2.14 23.72 -33.47
CA VAL N 97 -2.03 23.00 -32.20
C VAL N 97 -1.19 21.75 -32.37
N GLN N 98 -0.32 21.50 -31.38
CA GLN N 98 0.60 20.38 -31.41
C GLN N 98 0.46 19.57 -30.13
N PHE N 99 0.56 18.24 -30.26
CA PHE N 99 0.43 17.32 -29.14
C PHE N 99 1.78 16.68 -28.88
N PHE N 100 2.42 17.04 -27.76
CA PHE N 100 3.75 16.59 -27.45
C PHE N 100 3.73 15.28 -26.67
N GLY N 101 4.92 14.73 -26.45
CA GLY N 101 5.07 13.47 -25.76
C GLY N 101 5.91 13.58 -24.51
N PRO N 102 6.19 12.44 -23.87
CA PRO N 102 6.87 12.49 -22.57
C PRO N 102 8.31 12.94 -22.67
N GLY N 103 8.95 12.77 -23.81
CA GLY N 103 10.32 13.18 -23.98
C GLY N 103 11.30 12.03 -23.76
N THR N 104 12.53 12.25 -24.20
CA THR N 104 13.58 11.25 -24.12
C THR N 104 14.87 11.92 -23.68
N ARG N 105 15.51 11.33 -22.68
CA ARG N 105 16.80 11.80 -22.17
C ARG N 105 17.89 10.96 -22.81
N LEU N 106 18.71 11.59 -23.65
CA LEU N 106 19.81 10.92 -24.32
C LEU N 106 21.12 11.58 -23.90
N THR N 107 22.08 10.78 -23.46
CA THR N 107 23.37 11.27 -23.02
C THR N 107 24.47 10.63 -23.86
N VAL N 108 25.32 11.47 -24.45
CA VAL N 108 26.45 11.02 -25.26
C VAL N 108 27.72 11.15 -24.42
N LEU N 109 28.43 10.04 -24.24
CA LEU N 109 29.62 10.01 -23.42
C LEU N 109 30.80 9.51 -24.23
N GLU N 110 32.01 9.90 -23.79
CA GLU N 110 33.22 9.42 -24.42
C GLU N 110 33.72 8.10 -23.83
N ASP N 111 33.31 7.78 -22.61
CA ASP N 111 33.71 6.54 -21.97
C ASP N 111 32.57 6.04 -21.11
N LEU N 112 32.04 4.86 -21.43
CA LEU N 112 30.95 4.27 -20.66
C LEU N 112 31.37 3.87 -19.25
N ASN N 113 32.67 3.87 -18.95
CA ASN N 113 33.12 3.56 -17.60
C ASN N 113 32.82 4.69 -16.62
N LYS N 114 32.42 5.86 -17.10
CA LYS N 114 32.01 6.96 -16.23
C LYS N 114 30.65 6.75 -15.60
N VAL N 115 29.83 5.85 -16.16
CA VAL N 115 28.50 5.60 -15.63
C VAL N 115 28.60 4.95 -14.26
N PHE N 116 27.84 5.49 -13.29
CA PHE N 116 27.84 4.98 -11.92
C PHE N 116 26.41 4.92 -11.38
N PRO N 117 26.04 3.83 -10.72
CA PRO N 117 24.76 3.80 -10.02
C PRO N 117 24.82 4.64 -8.76
N PRO N 118 23.68 5.07 -8.24
CA PRO N 118 23.69 5.91 -7.03
C PRO N 118 23.95 5.07 -5.78
N GLU N 119 24.25 5.79 -4.69
CA GLU N 119 24.42 5.19 -3.38
C GLU N 119 23.48 5.93 -2.42
N VAL N 120 22.43 5.24 -2.01
CA VAL N 120 21.34 5.86 -1.25
C VAL N 120 21.57 5.62 0.25
N ALA N 121 21.22 6.61 1.05
CA ALA N 121 21.34 6.50 2.51
C ALA N 121 20.37 7.47 3.16
N VAL N 122 19.48 6.95 4.00
CA VAL N 122 18.49 7.77 4.71
C VAL N 122 19.04 8.08 6.10
N PHE N 123 18.88 9.33 6.52
CA PHE N 123 19.36 9.81 7.81
C PHE N 123 18.17 10.10 8.72
N GLU N 124 18.20 9.52 9.91
CA GLU N 124 17.10 9.61 10.86
C GLU N 124 17.02 11.00 11.50
N PRO N 125 15.82 11.43 11.90
CA PRO N 125 15.66 12.80 12.39
C PRO N 125 16.47 13.06 13.65
N SER N 126 16.46 14.33 14.08
CA SER N 126 17.19 14.77 15.25
C SER N 126 16.23 15.06 16.38
N GLU N 127 16.67 14.77 17.61
CA GLU N 127 15.83 15.03 18.77
C GLU N 127 15.66 16.53 19.03
N ALA N 128 16.56 17.36 18.49
CA ALA N 128 16.44 18.80 18.71
C ALA N 128 15.23 19.38 17.99
N GLU N 129 14.97 18.92 16.76
CA GLU N 129 13.74 19.32 16.07
C GLU N 129 12.52 18.59 16.58
N ILE N 130 12.70 17.59 17.44
CA ILE N 130 11.56 16.95 18.07
C ILE N 130 11.12 17.73 19.30
N SER N 131 12.09 18.13 20.14
CA SER N 131 11.76 18.88 21.35
C SER N 131 11.31 20.30 21.04
N HIS N 132 11.63 20.82 19.85
CA HIS N 132 11.34 22.19 19.48
C HIS N 132 10.14 22.30 18.54
N THR N 133 10.14 21.55 17.45
CA THR N 133 9.12 21.67 16.42
C THR N 133 8.02 20.61 16.52
N GLN N 134 8.25 19.54 17.27
CA GLN N 134 7.33 18.40 17.34
C GLN N 134 7.11 17.75 15.98
N LYS N 135 8.04 17.93 15.04
CA LYS N 135 7.98 17.31 13.73
C LYS N 135 9.32 16.67 13.42
N ALA N 136 9.29 15.62 12.60
CA ALA N 136 10.49 14.85 12.27
C ALA N 136 10.74 14.91 10.78
N THR N 137 11.95 15.30 10.39
CA THR N 137 12.36 15.40 9.00
C THR N 137 13.43 14.36 8.72
N LEU N 138 13.17 13.50 7.74
CA LEU N 138 14.14 12.52 7.27
C LEU N 138 14.75 13.02 5.96
N VAL N 139 16.01 12.64 5.73
CA VAL N 139 16.75 13.14 4.58
C VAL N 139 17.34 11.95 3.85
N CYS N 140 16.94 11.78 2.60
CA CYS N 140 17.44 10.71 1.74
C CYS N 140 18.54 11.30 0.85
N LEU N 141 19.68 10.62 0.78
CA LEU N 141 20.85 11.10 0.02
C LEU N 141 21.26 10.08 -1.05
N ALA N 142 20.99 10.42 -2.30
CA ALA N 142 21.42 9.63 -3.45
C ALA N 142 22.65 10.33 -4.03
N THR N 143 23.82 9.70 -3.89
CA THR N 143 25.09 10.32 -4.23
C THR N 143 25.89 9.40 -5.16
N GLY N 144 26.84 10.00 -5.86
CA GLY N 144 27.78 9.29 -6.70
C GLY N 144 27.19 8.55 -7.88
N PHE N 145 26.33 9.20 -8.65
CA PHE N 145 25.72 8.58 -9.82
C PHE N 145 26.02 9.42 -11.06
N PHE N 146 26.03 8.76 -12.20
CA PHE N 146 26.34 9.40 -13.47
C PHE N 146 25.81 8.54 -14.61
N PRO N 147 25.11 9.16 -15.58
CA PRO N 147 24.73 10.58 -15.61
C PRO N 147 23.55 10.88 -14.70
N ASP N 148 22.83 11.97 -14.97
CA ASP N 148 21.70 12.40 -14.15
C ASP N 148 20.39 11.74 -14.62
N HIS N 149 20.39 10.42 -14.60
CA HIS N 149 19.22 9.62 -14.99
C HIS N 149 18.65 8.94 -13.75
N VAL N 150 18.11 9.73 -12.83
CA VAL N 150 17.57 9.21 -11.58
C VAL N 150 16.17 9.76 -11.36
N GLU N 151 15.36 8.97 -10.67
CA GLU N 151 14.01 9.38 -10.25
C GLU N 151 13.84 8.91 -8.81
N LEU N 152 13.74 9.86 -7.88
CA LEU N 152 13.63 9.53 -6.46
C LEU N 152 12.17 9.50 -6.03
N SER N 153 11.87 8.60 -5.09
CA SER N 153 10.52 8.45 -4.57
C SER N 153 10.59 7.99 -3.12
N TRP N 154 9.71 8.53 -2.29
CA TRP N 154 9.60 8.14 -0.89
C TRP N 154 8.46 7.15 -0.70
N TRP N 155 8.72 6.09 0.06
CA TRP N 155 7.75 5.02 0.30
C TRP N 155 7.67 4.78 1.81
N VAL N 156 6.51 5.09 2.38
CA VAL N 156 6.28 4.93 3.82
C VAL N 156 5.26 3.82 4.01
N ASN N 157 5.62 2.83 4.84
CA ASN N 157 4.77 1.70 5.16
C ASN N 157 4.34 0.93 3.91
N GLY N 158 5.20 0.92 2.88
CA GLY N 158 4.92 0.24 1.65
C GLY N 158 4.22 1.05 0.59
N LYS N 159 3.52 2.12 0.98
CA LYS N 159 2.81 3.00 0.05
C LYS N 159 3.70 4.16 -0.32
N GLU N 160 3.62 4.59 -1.58
CA GLU N 160 4.34 5.78 -2.01
C GLU N 160 3.64 7.03 -1.49
N VAL N 161 4.41 7.94 -0.90
CA VAL N 161 3.88 9.14 -0.27
C VAL N 161 4.35 10.36 -1.05
N HIS N 162 3.48 11.36 -1.16
CA HIS N 162 3.83 12.64 -1.74
C HIS N 162 3.60 13.81 -0.80
N SER N 163 2.93 13.59 0.34
CA SER N 163 2.65 14.66 1.28
C SER N 163 3.80 14.78 2.28
N GLY N 164 4.29 16.00 2.47
CA GLY N 164 5.41 16.23 3.37
C GLY N 164 6.77 15.94 2.78
N VAL N 165 6.84 15.60 1.49
CA VAL N 165 8.10 15.26 0.84
C VAL N 165 8.56 16.46 0.02
N CYS N 166 9.87 16.55 -0.19
CA CYS N 166 10.43 17.55 -1.08
C CYS N 166 11.78 17.07 -1.60
N THR N 167 11.93 17.01 -2.91
CA THR N 167 13.18 16.62 -3.55
C THR N 167 13.77 17.81 -4.29
N ASP N 168 15.10 17.87 -4.35
CA ASP N 168 15.76 18.96 -5.03
C ASP N 168 15.31 19.04 -6.48
N PRO N 169 15.08 20.22 -7.02
CA PRO N 169 14.62 20.32 -8.43
C PRO N 169 15.67 19.87 -9.43
N GLN N 170 16.95 19.88 -9.06
CA GLN N 170 18.02 19.48 -9.96
C GLN N 170 19.09 18.76 -9.14
N PRO N 171 19.79 17.80 -9.74
CA PRO N 171 20.90 17.17 -9.02
C PRO N 171 22.07 18.12 -8.86
N LEU N 172 22.83 17.90 -7.79
CA LEU N 172 23.98 18.74 -7.44
C LEU N 172 25.25 18.07 -7.93
N LYS N 173 25.95 18.72 -8.86
CA LYS N 173 27.28 18.31 -9.29
C LYS N 173 28.23 18.32 -8.11
N GLU N 174 28.68 17.14 -7.67
CA GLU N 174 29.53 17.07 -6.49
C GLU N 174 30.78 17.93 -6.63
N GLN N 175 31.29 18.06 -7.86
CA GLN N 175 32.37 19.00 -8.16
C GLN N 175 31.95 19.76 -9.41
N PRO N 176 31.37 20.96 -9.26
CA PRO N 176 30.75 21.64 -10.40
C PRO N 176 31.72 22.08 -11.47
N ALA N 177 33.02 21.98 -11.23
CA ALA N 177 33.99 22.37 -12.24
C ALA N 177 34.46 21.18 -13.08
N LEU N 178 34.48 19.98 -12.51
CA LEU N 178 34.93 18.82 -13.25
C LEU N 178 33.98 18.49 -14.40
N ASN N 179 34.54 18.38 -15.60
CA ASN N 179 33.78 17.83 -16.72
C ASN N 179 33.43 16.38 -16.39
N ASP N 180 32.16 16.03 -16.61
CA ASP N 180 31.63 14.70 -16.27
C ASP N 180 31.87 14.39 -14.79
N SER N 181 31.19 15.16 -13.96
CA SER N 181 31.23 14.98 -12.52
C SER N 181 30.03 14.15 -12.06
N ARG N 182 30.22 13.41 -10.97
CA ARG N 182 29.13 12.63 -10.40
C ARG N 182 28.21 13.52 -9.58
N TYR N 183 26.91 13.21 -9.61
CA TYR N 183 25.89 14.07 -9.06
C TYR N 183 25.47 13.62 -7.67
N ALA N 184 24.60 14.40 -7.05
CA ALA N 184 24.02 14.09 -5.75
C ALA N 184 22.63 14.68 -5.68
N LEU N 185 21.73 13.97 -5.02
CA LEU N 185 20.34 14.42 -4.89
C LEU N 185 19.90 14.24 -3.45
N SER N 186 19.15 15.21 -2.93
CA SER N 186 18.66 15.18 -1.56
C SER N 186 17.15 15.38 -1.56
N SER N 187 16.45 14.55 -0.80
CA SER N 187 15.02 14.68 -0.60
C SER N 187 14.74 14.70 0.90
N ARG N 188 13.67 15.40 1.29
CA ARG N 188 13.29 15.51 2.69
C ARG N 188 11.85 15.10 2.85
N LEU N 189 11.58 14.26 3.86
CA LEU N 189 10.22 13.88 4.25
C LEU N 189 10.00 14.31 5.69
N ARG N 190 9.02 15.17 5.91
CA ARG N 190 8.70 15.69 7.23
C ARG N 190 7.40 15.06 7.72
N VAL N 191 7.47 14.36 8.86
CA VAL N 191 6.32 13.73 9.48
C VAL N 191 6.23 14.21 10.92
N SER N 192 5.11 13.90 11.56
CA SER N 192 4.94 14.24 12.96
C SER N 192 5.85 13.38 13.83
N ALA N 193 6.13 13.87 15.04
CA ALA N 193 6.93 13.09 15.96
C ALA N 193 6.21 11.82 16.38
N THR N 194 4.88 11.85 16.40
CA THR N 194 4.12 10.64 16.74
C THR N 194 4.26 9.56 15.69
N PHE N 195 4.35 9.95 14.40
CA PHE N 195 4.50 8.97 13.35
C PHE N 195 5.91 8.38 13.31
N TRP N 196 6.92 9.16 13.70
CA TRP N 196 8.28 8.65 13.76
C TRP N 196 8.53 7.79 15.00
N GLN N 197 7.75 7.98 16.06
CA GLN N 197 7.93 7.23 17.29
C GLN N 197 7.08 5.96 17.35
N ASN N 198 6.58 5.49 16.22
CA ASN N 198 5.92 4.20 16.16
C ASN N 198 6.87 3.21 15.51
N PRO N 199 7.44 2.26 16.26
CA PRO N 199 8.42 1.34 15.66
C PRO N 199 7.87 0.53 14.49
N ARG N 200 6.55 0.43 14.35
CA ARG N 200 5.94 -0.27 13.23
C ARG N 200 5.80 0.61 11.99
N ASN N 201 6.42 1.78 11.97
CA ASN N 201 6.37 2.68 10.82
C ASN N 201 7.68 2.60 10.05
N HIS N 202 7.61 2.20 8.79
CA HIS N 202 8.77 1.96 7.95
C HIS N 202 8.93 3.09 6.93
N PHE N 203 10.13 3.65 6.86
CA PHE N 203 10.44 4.76 5.96
C PHE N 203 11.51 4.29 4.97
N ARG N 204 11.10 4.00 3.75
CA ARG N 204 12.00 3.58 2.69
C ARG N 204 12.06 4.65 1.61
N CYS N 205 13.22 4.78 0.97
CA CYS N 205 13.46 5.79 -0.06
C CYS N 205 14.06 5.12 -1.27
N GLN N 206 13.29 5.05 -2.36
CA GLN N 206 13.68 4.34 -3.57
C GLN N 206 14.16 5.32 -4.63
N VAL N 207 15.33 5.05 -5.20
CA VAL N 207 15.94 5.88 -6.24
C VAL N 207 16.15 4.98 -7.46
N GLN N 208 15.28 5.15 -8.46
CA GLN N 208 15.40 4.39 -9.71
C GLN N 208 16.49 5.00 -10.57
N PHE N 209 17.49 4.20 -10.92
CA PHE N 209 18.57 4.62 -11.80
C PHE N 209 18.35 4.06 -13.20
N TYR N 210 18.58 4.89 -14.21
CA TYR N 210 18.46 4.50 -15.61
C TYR N 210 19.86 4.46 -16.21
N GLY N 211 20.41 3.26 -16.37
CA GLY N 211 21.78 3.12 -16.79
C GLY N 211 21.98 2.44 -18.13
N LEU N 212 23.05 1.65 -18.23
CA LEU N 212 23.41 1.04 -19.50
C LEU N 212 22.48 -0.12 -19.82
N SER N 213 22.18 -0.28 -21.11
CA SER N 213 21.34 -1.37 -21.58
C SER N 213 22.11 -2.68 -21.58
N GLU N 214 21.38 -3.78 -21.84
CA GLU N 214 22.03 -5.08 -21.93
C GLU N 214 23.00 -5.16 -23.10
N ASN N 215 22.68 -4.46 -24.20
CA ASN N 215 23.54 -4.48 -25.38
C ASN N 215 24.86 -3.76 -25.14
N ASP N 216 24.94 -2.86 -24.17
CA ASP N 216 26.20 -2.20 -23.84
C ASP N 216 27.14 -3.22 -23.20
N GLU N 217 28.33 -3.35 -23.77
CA GLU N 217 29.31 -4.30 -23.26
C GLU N 217 30.10 -3.69 -22.11
N TRP N 218 30.31 -4.47 -21.06
CA TRP N 218 31.00 -4.02 -19.86
C TRP N 218 32.30 -4.81 -19.70
N THR N 219 33.43 -4.14 -19.92
CA THR N 219 34.73 -4.78 -19.85
C THR N 219 35.33 -4.75 -18.45
N GLN N 220 34.81 -3.92 -17.56
CA GLN N 220 35.36 -3.79 -16.22
C GLN N 220 34.90 -4.95 -15.32
N ASP N 221 35.42 -4.97 -14.11
CA ASP N 221 35.02 -5.98 -13.13
C ASP N 221 33.90 -5.49 -12.22
N ARG N 222 33.79 -4.19 -12.01
CA ARG N 222 32.68 -3.65 -11.25
C ARG N 222 31.35 -3.97 -11.93
N ALA N 223 30.31 -4.13 -11.13
CA ALA N 223 29.00 -4.48 -11.66
C ALA N 223 28.54 -3.43 -12.68
N LYS N 224 28.18 -3.90 -13.86
CA LYS N 224 27.79 -3.03 -14.95
C LYS N 224 26.65 -2.11 -14.51
N PRO N 225 26.83 -0.79 -14.55
CA PRO N 225 25.75 0.11 -14.12
C PRO N 225 24.54 0.00 -15.02
N VAL N 226 23.56 -0.80 -14.58
CA VAL N 226 22.36 -1.05 -15.37
C VAL N 226 21.22 -0.20 -14.84
N THR N 227 20.06 -0.27 -15.50
CA THR N 227 18.85 0.35 -14.99
C THR N 227 18.42 -0.43 -13.75
N GLN N 228 18.52 0.20 -12.57
CA GLN N 228 18.35 -0.49 -11.31
C GLN N 228 17.67 0.44 -10.31
N ILE N 229 17.25 -0.14 -9.19
CA ILE N 229 16.62 0.58 -8.10
C ILE N 229 17.50 0.42 -6.87
N VAL N 230 18.10 1.53 -6.43
CA VAL N 230 18.86 1.57 -5.19
C VAL N 230 18.01 2.27 -4.15
N SER N 231 17.94 1.70 -2.95
CA SER N 231 17.05 2.21 -1.91
C SER N 231 17.73 2.14 -0.54
N ALA N 232 17.17 2.88 0.40
CA ALA N 232 17.61 2.87 1.78
C ALA N 232 16.40 2.91 2.70
N GLU N 233 16.51 2.24 3.84
CA GLU N 233 15.38 2.05 4.75
C GLU N 233 15.68 2.67 6.10
N ALA N 234 14.61 2.84 6.88
CA ALA N 234 14.71 3.38 8.24
C ALA N 234 13.42 3.12 9.01
N TRP N 235 13.53 2.43 10.13
CA TRP N 235 12.39 2.18 11.00
C TRP N 235 12.34 3.24 12.10
N GLY N 236 11.12 3.53 12.55
CA GLY N 236 10.94 4.49 13.62
C GLY N 236 11.52 4.01 14.93
N ARG N 237 11.76 4.96 15.82
CA ARG N 237 12.41 4.66 17.10
C ARG N 237 11.69 5.40 18.22
N ALA N 238 11.49 4.70 19.33
CA ALA N 238 10.87 5.26 20.51
C ALA N 238 11.20 4.40 21.73
N ASP O 1 5.08 38.26 -53.03
CA ASP O 1 4.54 38.21 -51.68
C ASP O 1 4.25 36.77 -51.27
C CIR O 2 1.40 34.44 -50.17
O CIR O 2 0.29 35.23 -49.92
CA CIR O 2 2.76 35.06 -49.85
N CIR O 2 3.01 36.20 -50.78
C3 CIR O 2 2.81 35.55 -48.40
C4 CIR O 2 4.18 35.40 -47.77
C5 CIR O 2 4.60 33.94 -47.88
N6 CIR O 2 5.95 33.72 -47.37
C7 CIR O 2 6.58 32.54 -47.50
O7 CIR O 2 6.03 31.58 -48.04
N8 CIR O 2 7.84 32.47 -47.05
N TYR O 3 1.28 33.32 -51.13
CA TYR O 3 -0.10 32.87 -50.95
C TYR O 3 -0.22 32.02 -49.69
C CIR O 4 -3.11 30.31 -48.08
O CIR O 4 -3.95 30.95 -49.00
CA CIR O 4 -1.69 30.88 -47.93
N CIR O 4 -1.04 30.93 -49.27
C3 CIR O 4 -1.69 32.27 -47.29
C4 CIR O 4 -1.91 32.34 -45.78
C5 CIR O 4 -3.36 32.31 -45.34
N6 CIR O 4 -3.47 32.51 -43.90
C7 CIR O 4 -4.17 31.70 -43.09
O7 CIR O 4 -4.81 30.76 -43.53
N8 CIR O 4 -4.11 31.97 -41.78
N LEU O 5 -2.62 28.98 -47.65
CA LEU O 5 -3.17 27.64 -47.59
C LEU O 5 -4.29 27.57 -46.56
N ASN O 6 -5.44 27.04 -46.98
CA ASN O 6 -6.55 26.77 -46.08
C ASN O 6 -6.57 25.28 -45.79
N TYR O 7 -6.43 24.92 -44.51
CA TYR O 7 -6.28 23.52 -44.13
C TYR O 7 -7.54 22.74 -44.46
N SER O 8 -7.35 21.55 -45.05
CA SER O 8 -8.45 20.63 -45.30
C SER O 8 -8.70 19.80 -44.04
N LEU O 9 -9.91 19.90 -43.51
CA LEU O 9 -10.24 19.28 -42.23
C LEU O 9 -10.35 17.77 -42.38
N PRO O 10 -9.83 17.01 -41.42
CA PRO O 10 -9.94 15.55 -41.48
C PRO O 10 -11.30 15.05 -41.00
N THR O 11 -11.60 13.81 -41.37
CA THR O 11 -12.88 13.17 -41.05
C THR O 11 -12.64 12.10 -39.98
N GLY O 12 -13.56 12.01 -39.03
CA GLY O 12 -13.46 11.00 -37.98
C GLY O 12 -13.45 9.58 -38.50
C1 NAG P . -21.73 -12.77 -3.53
C2 NAG P . -22.88 -13.38 -2.71
C3 NAG P . -23.82 -12.29 -2.23
C4 NAG P . -23.04 -11.19 -1.49
C5 NAG P . -21.89 -10.69 -2.37
C6 NAG P . -20.99 -9.71 -1.66
C7 NAG P . -24.23 -14.16 -4.64
C8 NAG P . -24.93 -15.34 -5.24
N2 NAG P . -23.61 -14.39 -3.46
O3 NAG P . -24.78 -12.86 -1.36
O4 NAG P . -23.90 -10.11 -1.14
O5 NAG P . -21.06 -11.80 -2.75
O6 NAG P . -19.90 -9.34 -2.50
O7 NAG P . -24.23 -13.06 -5.18
C1 NAG P . -24.05 -10.08 0.30
C2 NAG P . -24.23 -8.64 0.75
C3 NAG P . -24.44 -8.59 2.27
C4 NAG P . -25.57 -9.52 2.70
C5 NAG P . -25.36 -10.92 2.12
C6 NAG P . -26.54 -11.83 2.38
C7 NAG P . -23.10 -7.00 -0.68
C8 NAG P . -21.83 -6.23 -0.93
N2 NAG P . -23.08 -7.83 0.37
O3 NAG P . -24.74 -7.25 2.64
O4 NAG P . -25.58 -9.63 4.12
O5 NAG P . -25.17 -10.86 0.71
O6 NAG P . -26.34 -13.10 1.79
O7 NAG P . -24.09 -6.86 -1.39
C1 BMA P . -26.62 -8.83 4.73
C2 BMA P . -27.01 -9.53 6.06
C3 BMA P . -27.88 -8.60 6.94
C4 BMA P . -27.27 -7.21 7.05
C5 BMA P . -27.07 -6.63 5.65
C6 BMA P . -26.48 -5.22 5.67
O2 BMA P . -25.85 -9.85 6.83
O3 BMA P . -28.10 -9.15 8.23
O4 BMA P . -28.11 -6.37 7.82
O5 BMA P . -26.15 -7.48 4.94
O6 BMA P . -26.29 -4.79 4.33
C1 NAG Q . -17.03 49.65 -52.21
C2 NAG Q . -18.24 50.54 -52.00
C3 NAG Q . -17.92 51.98 -52.39
C4 NAG Q . -16.65 52.47 -51.68
C5 NAG Q . -15.51 51.47 -51.86
C6 NAG Q . -14.30 51.80 -51.03
C7 NAG Q . -20.62 50.00 -52.28
C8 NAG Q . -21.67 49.47 -53.22
N2 NAG Q . -19.37 50.06 -52.77
O3 NAG Q . -19.02 52.82 -52.06
O4 NAG Q . -16.27 53.72 -52.24
O5 NAG Q . -15.93 50.15 -51.45
O6 NAG Q . -14.02 50.79 -50.06
O7 NAG Q . -20.90 50.37 -51.15
C1 NAG Q . -16.40 54.78 -51.28
C2 NAG Q . -15.29 55.80 -51.57
C3 NAG Q . -15.85 57.22 -51.63
C4 NAG Q . -16.80 57.49 -50.48
C5 NAG Q . -17.86 56.41 -50.36
C6 NAG Q . -19.26 56.94 -50.53
C7 NAG Q . -12.99 55.29 -50.86
C8 NAG Q . -12.75 54.87 -52.28
N2 NAG Q . -14.23 55.72 -50.57
O3 NAG Q . -16.52 57.40 -52.87
O4 NAG Q . -16.07 57.60 -49.25
O5 NAG Q . -17.67 55.43 -51.38
O6 NAG Q . -19.51 57.32 -51.87
O7 NAG Q . -12.11 55.25 -50.00
C1 NAG R . -42.93 -17.40 46.35
C2 NAG R . -44.30 -18.07 46.49
C3 NAG R . -44.75 -18.63 45.14
C4 NAG R . -44.69 -17.55 44.06
C5 NAG R . -43.30 -16.91 44.04
C6 NAG R . -43.20 -15.74 43.08
C7 NAG R . -44.80 -19.00 48.71
C8 NAG R . -45.47 -17.68 49.01
N2 NAG R . -44.27 -19.12 47.49
O3 NAG R . -46.08 -19.12 45.25
O4 NAG R . -44.96 -18.12 42.79
O5 NAG R . -42.98 -16.40 45.34
O6 NAG R . -41.96 -15.07 43.21
O7 NAG R . -44.76 -19.90 49.53
C1 NAG S . 4.20 -29.62 38.64
C2 NAG S . 4.79 -31.03 38.58
C3 NAG S . 6.25 -30.98 38.13
C4 NAG S . 6.39 -30.20 36.84
C5 NAG S . 5.75 -28.82 36.99
C6 NAG S . 5.77 -28.02 35.70
C7 NAG S . 3.92 -32.77 40.08
C8 NAG S . 3.91 -33.33 41.48
N2 NAG S . 4.67 -31.69 39.87
O3 NAG S . 6.74 -32.30 37.96
O4 NAG S . 7.76 -30.06 36.48
O5 NAG S . 4.38 -28.96 37.37
O6 NAG S . 7.05 -27.47 35.44
O7 NAG S . 3.28 -33.30 39.17
C1 EDO T . -23.97 40.26 29.65
O1 EDO T . -25.01 40.45 30.61
C2 EDO T . -24.01 41.36 28.60
O2 EDO T . -25.31 41.39 27.99
C1 NAG U . -25.41 2.58 -47.17
C2 NAG U . -26.26 3.82 -47.44
C3 NAG U . -27.25 4.04 -46.30
C4 NAG U . -28.06 2.79 -46.03
C5 NAG U . -27.12 1.61 -45.79
C6 NAG U . -27.84 0.29 -45.60
C7 NAG U . -25.15 5.54 -48.81
C8 NAG U . -25.76 4.87 -50.00
N2 NAG U . -25.43 5.00 -47.62
O3 NAG U . -28.13 5.12 -46.63
O4 NAG U . -28.89 2.98 -44.88
O5 NAG U . -26.26 1.45 -46.93
O6 NAG U . -28.84 0.10 -46.58
O7 NAG U . -24.44 6.54 -48.92
#